data_1R26
# 
_entry.id   1R26 
# 
_audit_conform.dict_name       mmcif_pdbx.dic 
_audit_conform.dict_version    5.398 
_audit_conform.dict_location   http://mmcif.pdb.org/dictionaries/ascii/mmcif_pdbx.dic 
# 
loop_
_database_2.database_id 
_database_2.database_code 
_database_2.pdbx_database_accession 
_database_2.pdbx_DOI 
PDB   1R26         pdb_00001r26 10.2210/pdb1r26/pdb 
RCSB  RCSB020345   ?            ?                   
WWPDB D_1000020345 ?            ?                   
# 
loop_
_pdbx_audit_revision_history.ordinal 
_pdbx_audit_revision_history.data_content_type 
_pdbx_audit_revision_history.major_revision 
_pdbx_audit_revision_history.minor_revision 
_pdbx_audit_revision_history.revision_date 
1 'Structure model' 1 0 2003-12-09 
2 'Structure model' 1 1 2008-04-29 
3 'Structure model' 1 2 2011-07-13 
4 'Structure model' 1 3 2023-08-23 
5 'Structure model' 1 4 2024-11-06 
# 
_pdbx_audit_revision_details.ordinal             1 
_pdbx_audit_revision_details.revision_ordinal    1 
_pdbx_audit_revision_details.data_content_type   'Structure model' 
_pdbx_audit_revision_details.provider            repository 
_pdbx_audit_revision_details.type                'Initial release' 
_pdbx_audit_revision_details.description         ? 
_pdbx_audit_revision_details.details             ? 
# 
loop_
_pdbx_audit_revision_group.ordinal 
_pdbx_audit_revision_group.revision_ordinal 
_pdbx_audit_revision_group.data_content_type 
_pdbx_audit_revision_group.group 
1 2 'Structure model' 'Version format compliance' 
2 3 'Structure model' 'Source and taxonomy'       
3 3 'Structure model' 'Version format compliance' 
4 4 'Structure model' 'Data collection'           
5 4 'Structure model' 'Database references'       
6 4 'Structure model' 'Refinement description'    
7 5 'Structure model' 'Structure summary'         
# 
loop_
_pdbx_audit_revision_category.ordinal 
_pdbx_audit_revision_category.revision_ordinal 
_pdbx_audit_revision_category.data_content_type 
_pdbx_audit_revision_category.category 
1 4 'Structure model' chem_comp_atom                
2 4 'Structure model' chem_comp_bond                
3 4 'Structure model' database_2                    
4 4 'Structure model' pdbx_initial_refinement_model 
5 4 'Structure model' struct_ref_seq_dif            
6 5 'Structure model' pdbx_entry_details            
7 5 'Structure model' pdbx_modification_feature     
# 
loop_
_pdbx_audit_revision_item.ordinal 
_pdbx_audit_revision_item.revision_ordinal 
_pdbx_audit_revision_item.data_content_type 
_pdbx_audit_revision_item.item 
1 4 'Structure model' '_database_2.pdbx_DOI'                
2 4 'Structure model' '_database_2.pdbx_database_accession' 
3 4 'Structure model' '_struct_ref_seq_dif.details'         
# 
_pdbx_database_status.status_code                     REL 
_pdbx_database_status.entry_id                        1R26 
_pdbx_database_status.recvd_initial_deposition_date   2003-09-26 
_pdbx_database_status.deposit_site                    RCSB 
_pdbx_database_status.process_site                    RCSB 
_pdbx_database_status.status_code_sf                  REL 
_pdbx_database_status.SG_entry                        . 
_pdbx_database_status.pdb_format_compatible           Y 
_pdbx_database_status.status_code_mr                  ? 
_pdbx_database_status.status_code_cs                  ? 
_pdbx_database_status.status_code_nmr_data            ? 
_pdbx_database_status.methods_development_category    ? 
# 
loop_
_audit_author.name 
_audit_author.pdbx_ordinal 
'Friemann, R.'        1 
'Schmidt, H.'         2 
'Ramaswamy, S.'       3 
'Forstner, M.'        4 
'Krauth-Siegel, R.L.' 5 
'Eklund, H.'          6 
# 
_citation.id                        primary 
_citation.title                     'Structure of thioredoxin from Trypanosoma brucei brucei' 
_citation.journal_abbrev            'FEBS Lett.' 
_citation.journal_volume            554 
_citation.page_first                301 
_citation.page_last                 305 
_citation.year                      2003 
_citation.journal_id_ASTM           FEBLAL 
_citation.country                   NE 
_citation.journal_id_ISSN           0014-5793 
_citation.journal_id_CSD            0165 
_citation.book_publisher            ? 
_citation.pdbx_database_id_PubMed   14623083 
_citation.pdbx_database_id_DOI      '10.1016/S0014-5793(03)01173-6' 
# 
loop_
_citation_author.citation_id 
_citation_author.name 
_citation_author.ordinal 
_citation_author.identifier_ORCID 
primary 'Friemann, R.'        1 ? 
primary 'Schmidt, H.'         2 ? 
primary 'Ramaswamy, S.'       3 ? 
primary 'Forstner, M.'        4 ? 
primary 'Krauth-Siegel, R.L.' 5 ? 
primary 'Eklund, H.'          6 ? 
# 
loop_
_entity.id 
_entity.type 
_entity.src_method 
_entity.pdbx_description 
_entity.formula_weight 
_entity.pdbx_number_of_molecules 
_entity.pdbx_ec 
_entity.pdbx_mutation 
_entity.pdbx_fragment 
_entity.details 
1 polymer man Thioredoxin 14483.934 1   ? ? ? 'reduced form' 
2 water   nat water       18.015    126 ? ? ? ?              
# 
_entity_poly.entity_id                      1 
_entity_poly.type                           'polypeptide(L)' 
_entity_poly.nstd_linkage                   no 
_entity_poly.nstd_monomer                   no 
_entity_poly.pdbx_seq_one_letter_code       
;MRGWHHHHHHGIRMRARYPSVVDVYSVEQFRNIMSEDILTVAWFTAVWCGPCKTIERPMEKIAYEFPTVKFAKVDADNNS
EIVSKCRVLQLPTFIIARSGKMLGHVIGANPGMLRQKLRDIIKDN
;
_entity_poly.pdbx_seq_one_letter_code_can   
;MRGWHHHHHHGIRMRARYPSVVDVYSVEQFRNIMSEDILTVAWFTAVWCGPCKTIERPMEKIAYEFPTVKFAKVDADNNS
EIVSKCRVLQLPTFIIARSGKMLGHVIGANPGMLRQKLRDIIKDN
;
_entity_poly.pdbx_strand_id                 A 
_entity_poly.pdbx_target_identifier         ? 
# 
_pdbx_entity_nonpoly.entity_id   2 
_pdbx_entity_nonpoly.name        water 
_pdbx_entity_nonpoly.comp_id     HOH 
# 
loop_
_entity_poly_seq.entity_id 
_entity_poly_seq.num 
_entity_poly_seq.mon_id 
_entity_poly_seq.hetero 
1 1   MET n 
1 2   ARG n 
1 3   GLY n 
1 4   TRP n 
1 5   HIS n 
1 6   HIS n 
1 7   HIS n 
1 8   HIS n 
1 9   HIS n 
1 10  HIS n 
1 11  GLY n 
1 12  ILE n 
1 13  ARG n 
1 14  MET n 
1 15  ARG n 
1 16  ALA n 
1 17  ARG n 
1 18  TYR n 
1 19  PRO n 
1 20  SER n 
1 21  VAL n 
1 22  VAL n 
1 23  ASP n 
1 24  VAL n 
1 25  TYR n 
1 26  SER n 
1 27  VAL n 
1 28  GLU n 
1 29  GLN n 
1 30  PHE n 
1 31  ARG n 
1 32  ASN n 
1 33  ILE n 
1 34  MET n 
1 35  SER n 
1 36  GLU n 
1 37  ASP n 
1 38  ILE n 
1 39  LEU n 
1 40  THR n 
1 41  VAL n 
1 42  ALA n 
1 43  TRP n 
1 44  PHE n 
1 45  THR n 
1 46  ALA n 
1 47  VAL n 
1 48  TRP n 
1 49  CYS n 
1 50  GLY n 
1 51  PRO n 
1 52  CYS n 
1 53  LYS n 
1 54  THR n 
1 55  ILE n 
1 56  GLU n 
1 57  ARG n 
1 58  PRO n 
1 59  MET n 
1 60  GLU n 
1 61  LYS n 
1 62  ILE n 
1 63  ALA n 
1 64  TYR n 
1 65  GLU n 
1 66  PHE n 
1 67  PRO n 
1 68  THR n 
1 69  VAL n 
1 70  LYS n 
1 71  PHE n 
1 72  ALA n 
1 73  LYS n 
1 74  VAL n 
1 75  ASP n 
1 76  ALA n 
1 77  ASP n 
1 78  ASN n 
1 79  ASN n 
1 80  SER n 
1 81  GLU n 
1 82  ILE n 
1 83  VAL n 
1 84  SER n 
1 85  LYS n 
1 86  CYS n 
1 87  ARG n 
1 88  VAL n 
1 89  LEU n 
1 90  GLN n 
1 91  LEU n 
1 92  PRO n 
1 93  THR n 
1 94  PHE n 
1 95  ILE n 
1 96  ILE n 
1 97  ALA n 
1 98  ARG n 
1 99  SER n 
1 100 GLY n 
1 101 LYS n 
1 102 MET n 
1 103 LEU n 
1 104 GLY n 
1 105 HIS n 
1 106 VAL n 
1 107 ILE n 
1 108 GLY n 
1 109 ALA n 
1 110 ASN n 
1 111 PRO n 
1 112 GLY n 
1 113 MET n 
1 114 LEU n 
1 115 ARG n 
1 116 GLN n 
1 117 LYS n 
1 118 LEU n 
1 119 ARG n 
1 120 ASP n 
1 121 ILE n 
1 122 ILE n 
1 123 LYS n 
1 124 ASP n 
1 125 ASN n 
# 
_entity_src_gen.entity_id                          1 
_entity_src_gen.pdbx_src_id                        1 
_entity_src_gen.pdbx_alt_source_flag               sample 
_entity_src_gen.pdbx_seq_type                      ? 
_entity_src_gen.pdbx_beg_seq_num                   ? 
_entity_src_gen.pdbx_end_seq_num                   ? 
_entity_src_gen.gene_src_common_name               ? 
_entity_src_gen.gene_src_genus                     Trypanosoma 
_entity_src_gen.pdbx_gene_src_gene                 trx 
_entity_src_gen.gene_src_species                   'Trypanosoma brucei' 
_entity_src_gen.gene_src_strain                    brucei 
_entity_src_gen.gene_src_tissue                    ? 
_entity_src_gen.gene_src_tissue_fraction           ? 
_entity_src_gen.gene_src_details                   ? 
_entity_src_gen.pdbx_gene_src_fragment             ? 
_entity_src_gen.pdbx_gene_src_scientific_name      Trypanosoma 
_entity_src_gen.pdbx_gene_src_ncbi_taxonomy_id     5702 
_entity_src_gen.pdbx_gene_src_variant              ? 
_entity_src_gen.pdbx_gene_src_cell_line            ? 
_entity_src_gen.pdbx_gene_src_atcc                 ? 
_entity_src_gen.pdbx_gene_src_organ                ? 
_entity_src_gen.pdbx_gene_src_organelle            ? 
_entity_src_gen.pdbx_gene_src_cell                 ? 
_entity_src_gen.pdbx_gene_src_cellular_location    ? 
_entity_src_gen.host_org_common_name               ? 
_entity_src_gen.pdbx_host_org_scientific_name      'Escherichia coli' 
_entity_src_gen.pdbx_host_org_ncbi_taxonomy_id     562 
_entity_src_gen.host_org_genus                     Escherichia 
_entity_src_gen.pdbx_host_org_gene                 ? 
_entity_src_gen.pdbx_host_org_organ                ? 
_entity_src_gen.host_org_species                   ? 
_entity_src_gen.pdbx_host_org_tissue               ? 
_entity_src_gen.pdbx_host_org_tissue_fraction      ? 
_entity_src_gen.pdbx_host_org_strain               SG13009 
_entity_src_gen.pdbx_host_org_variant              ? 
_entity_src_gen.pdbx_host_org_cell_line            ? 
_entity_src_gen.pdbx_host_org_atcc                 ? 
_entity_src_gen.pdbx_host_org_culture_collection   ? 
_entity_src_gen.pdbx_host_org_cell                 ? 
_entity_src_gen.pdbx_host_org_organelle            ? 
_entity_src_gen.pdbx_host_org_cellular_location    ? 
_entity_src_gen.pdbx_host_org_vector_type          plasmid 
_entity_src_gen.pdbx_host_org_vector               ? 
_entity_src_gen.host_org_details                   ? 
_entity_src_gen.expression_system_id               ? 
_entity_src_gen.plasmid_name                       pQE-60 
_entity_src_gen.plasmid_details                    ? 
_entity_src_gen.pdbx_description                   ? 
# 
loop_
_chem_comp.id 
_chem_comp.type 
_chem_comp.mon_nstd_flag 
_chem_comp.name 
_chem_comp.pdbx_synonyms 
_chem_comp.formula 
_chem_comp.formula_weight 
ALA 'L-peptide linking' y ALANINE         ? 'C3 H7 N O2'     89.093  
ARG 'L-peptide linking' y ARGININE        ? 'C6 H15 N4 O2 1' 175.209 
ASN 'L-peptide linking' y ASPARAGINE      ? 'C4 H8 N2 O3'    132.118 
ASP 'L-peptide linking' y 'ASPARTIC ACID' ? 'C4 H7 N O4'     133.103 
CYS 'L-peptide linking' y CYSTEINE        ? 'C3 H7 N O2 S'   121.158 
GLN 'L-peptide linking' y GLUTAMINE       ? 'C5 H10 N2 O3'   146.144 
GLU 'L-peptide linking' y 'GLUTAMIC ACID' ? 'C5 H9 N O4'     147.129 
GLY 'peptide linking'   y GLYCINE         ? 'C2 H5 N O2'     75.067  
HIS 'L-peptide linking' y HISTIDINE       ? 'C6 H10 N3 O2 1' 156.162 
HOH non-polymer         . WATER           ? 'H2 O'           18.015  
ILE 'L-peptide linking' y ISOLEUCINE      ? 'C6 H13 N O2'    131.173 
LEU 'L-peptide linking' y LEUCINE         ? 'C6 H13 N O2'    131.173 
LYS 'L-peptide linking' y LYSINE          ? 'C6 H15 N2 O2 1' 147.195 
MET 'L-peptide linking' y METHIONINE      ? 'C5 H11 N O2 S'  149.211 
PHE 'L-peptide linking' y PHENYLALANINE   ? 'C9 H11 N O2'    165.189 
PRO 'L-peptide linking' y PROLINE         ? 'C5 H9 N O2'     115.130 
SER 'L-peptide linking' y SERINE          ? 'C3 H7 N O3'     105.093 
THR 'L-peptide linking' y THREONINE       ? 'C4 H9 N O3'     119.119 
TRP 'L-peptide linking' y TRYPTOPHAN      ? 'C11 H12 N2 O2'  204.225 
TYR 'L-peptide linking' y TYROSINE        ? 'C9 H11 N O3'    181.189 
VAL 'L-peptide linking' y VALINE          ? 'C5 H11 N O2'    117.146 
# 
loop_
_pdbx_poly_seq_scheme.asym_id 
_pdbx_poly_seq_scheme.entity_id 
_pdbx_poly_seq_scheme.seq_id 
_pdbx_poly_seq_scheme.mon_id 
_pdbx_poly_seq_scheme.ndb_seq_num 
_pdbx_poly_seq_scheme.pdb_seq_num 
_pdbx_poly_seq_scheme.auth_seq_num 
_pdbx_poly_seq_scheme.pdb_mon_id 
_pdbx_poly_seq_scheme.auth_mon_id 
_pdbx_poly_seq_scheme.pdb_strand_id 
_pdbx_poly_seq_scheme.pdb_ins_code 
_pdbx_poly_seq_scheme.hetero 
A 1 1   MET 1   -18 ?   ?   ?   A . n 
A 1 2   ARG 2   -17 ?   ?   ?   A . n 
A 1 3   GLY 3   -16 ?   ?   ?   A . n 
A 1 4   TRP 4   -15 ?   ?   ?   A . n 
A 1 5   HIS 5   -14 ?   ?   ?   A . n 
A 1 6   HIS 6   -13 ?   ?   ?   A . n 
A 1 7   HIS 7   -12 ?   ?   ?   A . n 
A 1 8   HIS 8   -11 ?   ?   ?   A . n 
A 1 9   HIS 9   -10 ?   ?   ?   A . n 
A 1 10  HIS 10  -9  ?   ?   ?   A . n 
A 1 11  GLY 11  -8  ?   ?   ?   A . n 
A 1 12  ILE 12  -7  -7  ILE ILE A . n 
A 1 13  ARG 13  -6  -6  ARG ARG A . n 
A 1 14  MET 14  -5  -5  MET MET A . n 
A 1 15  ARG 15  -4  -4  ARG ARG A . n 
A 1 16  ALA 16  -3  -3  ALA ALA A . n 
A 1 17  ARG 17  -2  -2  ARG ARG A . n 
A 1 18  TYR 18  -1  -1  TYR TYR A . n 
A 1 19  PRO 19  0   0   PRO PRO A . n 
A 1 20  SER 20  1   1   SER SER A . n 
A 1 21  VAL 21  2   2   VAL VAL A . n 
A 1 22  VAL 22  3   3   VAL VAL A . n 
A 1 23  ASP 23  4   4   ASP ASP A . n 
A 1 24  VAL 24  5   5   VAL VAL A . n 
A 1 25  TYR 25  6   6   TYR TYR A . n 
A 1 26  SER 26  7   7   SER SER A . n 
A 1 27  VAL 27  8   8   VAL VAL A . n 
A 1 28  GLU 28  9   9   GLU GLU A . n 
A 1 29  GLN 29  10  10  GLN GLN A . n 
A 1 30  PHE 30  11  11  PHE PHE A . n 
A 1 31  ARG 31  12  12  ARG ARG A . n 
A 1 32  ASN 32  13  13  ASN ASN A . n 
A 1 33  ILE 33  14  14  ILE ILE A . n 
A 1 34  MET 34  15  15  MET MET A . n 
A 1 35  SER 35  16  16  SER SER A . n 
A 1 36  GLU 36  17  17  GLU GLU A . n 
A 1 37  ASP 37  18  18  ASP ASP A . n 
A 1 38  ILE 38  19  19  ILE ILE A . n 
A 1 39  LEU 39  20  20  LEU LEU A . n 
A 1 40  THR 40  21  21  THR THR A . n 
A 1 41  VAL 41  22  22  VAL VAL A . n 
A 1 42  ALA 42  23  23  ALA ALA A . n 
A 1 43  TRP 43  24  24  TRP TRP A . n 
A 1 44  PHE 44  25  25  PHE PHE A . n 
A 1 45  THR 45  26  26  THR THR A . n 
A 1 46  ALA 46  27  27  ALA ALA A . n 
A 1 47  VAL 47  28  28  VAL VAL A . n 
A 1 48  TRP 48  29  29  TRP TRP A . n 
A 1 49  CYS 49  30  30  CYS CYS A . n 
A 1 50  GLY 50  31  31  GLY GLY A . n 
A 1 51  PRO 51  32  32  PRO PRO A . n 
A 1 52  CYS 52  33  33  CYS CYS A . n 
A 1 53  LYS 53  34  34  LYS LYS A . n 
A 1 54  THR 54  35  35  THR THR A . n 
A 1 55  ILE 55  36  36  ILE ILE A . n 
A 1 56  GLU 56  37  37  GLU GLU A . n 
A 1 57  ARG 57  38  38  ARG ARG A . n 
A 1 58  PRO 58  39  39  PRO PRO A . n 
A 1 59  MET 59  40  40  MET MET A . n 
A 1 60  GLU 60  41  41  GLU GLU A . n 
A 1 61  LYS 61  42  42  LYS LYS A . n 
A 1 62  ILE 62  43  43  ILE ILE A . n 
A 1 63  ALA 63  44  44  ALA ALA A . n 
A 1 64  TYR 64  45  45  TYR TYR A . n 
A 1 65  GLU 65  46  46  GLU GLU A . n 
A 1 66  PHE 66  47  47  PHE PHE A . n 
A 1 67  PRO 67  48  48  PRO PRO A . n 
A 1 68  THR 68  49  49  THR THR A . n 
A 1 69  VAL 69  50  50  VAL VAL A . n 
A 1 70  LYS 70  51  51  LYS LYS A . n 
A 1 71  PHE 71  52  52  PHE PHE A . n 
A 1 72  ALA 72  53  53  ALA ALA A . n 
A 1 73  LYS 73  54  54  LYS LYS A . n 
A 1 74  VAL 74  55  55  VAL VAL A . n 
A 1 75  ASP 75  56  56  ASP ASP A . n 
A 1 76  ALA 76  57  57  ALA ALA A . n 
A 1 77  ASP 77  58  58  ASP ASP A . n 
A 1 78  ASN 78  59  59  ASN ASN A . n 
A 1 79  ASN 79  60  60  ASN ASN A . n 
A 1 80  SER 80  61  61  SER SER A . n 
A 1 81  GLU 81  62  62  GLU GLU A . n 
A 1 82  ILE 82  63  63  ILE ILE A . n 
A 1 83  VAL 83  64  64  VAL VAL A . n 
A 1 84  SER 84  65  65  SER SER A . n 
A 1 85  LYS 85  66  66  LYS LYS A . n 
A 1 86  CYS 86  67  67  CYS CYS A . n 
A 1 87  ARG 87  68  68  ARG ARG A . n 
A 1 88  VAL 88  69  69  VAL VAL A . n 
A 1 89  LEU 89  70  70  LEU LEU A . n 
A 1 90  GLN 90  71  71  GLN GLN A . n 
A 1 91  LEU 91  72  72  LEU LEU A . n 
A 1 92  PRO 92  73  73  PRO PRO A . n 
A 1 93  THR 93  74  74  THR THR A . n 
A 1 94  PHE 94  75  75  PHE PHE A . n 
A 1 95  ILE 95  76  76  ILE ILE A . n 
A 1 96  ILE 96  77  77  ILE ILE A . n 
A 1 97  ALA 97  78  78  ALA ALA A . n 
A 1 98  ARG 98  79  79  ARG ARG A . n 
A 1 99  SER 99  80  80  SER SER A . n 
A 1 100 GLY 100 81  81  GLY GLY A . n 
A 1 101 LYS 101 82  82  LYS LYS A . n 
A 1 102 MET 102 83  83  MET MET A . n 
A 1 103 LEU 103 84  84  LEU LEU A . n 
A 1 104 GLY 104 85  85  GLY GLY A . n 
A 1 105 HIS 105 86  86  HIS HIS A . n 
A 1 106 VAL 106 87  87  VAL VAL A . n 
A 1 107 ILE 107 88  88  ILE ILE A . n 
A 1 108 GLY 108 89  89  GLY GLY A . n 
A 1 109 ALA 109 90  90  ALA ALA A . n 
A 1 110 ASN 110 91  91  ASN ASN A . n 
A 1 111 PRO 111 92  92  PRO PRO A . n 
A 1 112 GLY 112 93  93  GLY GLY A . n 
A 1 113 MET 113 94  94  MET MET A . n 
A 1 114 LEU 114 95  95  LEU LEU A . n 
A 1 115 ARG 115 96  96  ARG ARG A . n 
A 1 116 GLN 116 97  97  GLN GLN A . n 
A 1 117 LYS 117 98  98  LYS LYS A . n 
A 1 118 LEU 118 99  99  LEU LEU A . n 
A 1 119 ARG 119 100 100 ARG ARG A . n 
A 1 120 ASP 120 101 101 ASP ASP A . n 
A 1 121 ILE 121 102 102 ILE ILE A . n 
A 1 122 ILE 122 103 103 ILE ILE A . n 
A 1 123 LYS 123 104 104 LYS LYS A . n 
A 1 124 ASP 124 105 105 ASP ASP A . n 
A 1 125 ASN 125 106 ?   ?   ?   A . n 
# 
loop_
_pdbx_nonpoly_scheme.asym_id 
_pdbx_nonpoly_scheme.entity_id 
_pdbx_nonpoly_scheme.mon_id 
_pdbx_nonpoly_scheme.ndb_seq_num 
_pdbx_nonpoly_scheme.pdb_seq_num 
_pdbx_nonpoly_scheme.auth_seq_num 
_pdbx_nonpoly_scheme.pdb_mon_id 
_pdbx_nonpoly_scheme.auth_mon_id 
_pdbx_nonpoly_scheme.pdb_strand_id 
_pdbx_nonpoly_scheme.pdb_ins_code 
B 2 HOH 1   107 1   HOH HOH A . 
B 2 HOH 2   108 2   HOH HOH A . 
B 2 HOH 3   109 3   HOH HOH A . 
B 2 HOH 4   110 4   HOH HOH A . 
B 2 HOH 5   111 5   HOH HOH A . 
B 2 HOH 6   112 6   HOH HOH A . 
B 2 HOH 7   113 7   HOH HOH A . 
B 2 HOH 8   114 8   HOH HOH A . 
B 2 HOH 9   115 9   HOH HOH A . 
B 2 HOH 10  116 10  HOH HOH A . 
B 2 HOH 11  117 11  HOH HOH A . 
B 2 HOH 12  118 12  HOH HOH A . 
B 2 HOH 13  119 13  HOH HOH A . 
B 2 HOH 14  120 14  HOH HOH A . 
B 2 HOH 15  121 15  HOH HOH A . 
B 2 HOH 16  122 16  HOH HOH A . 
B 2 HOH 17  123 17  HOH HOH A . 
B 2 HOH 18  124 18  HOH HOH A . 
B 2 HOH 19  125 19  HOH HOH A . 
B 2 HOH 20  126 20  HOH HOH A . 
B 2 HOH 21  127 21  HOH HOH A . 
B 2 HOH 22  128 22  HOH HOH A . 
B 2 HOH 23  129 23  HOH HOH A . 
B 2 HOH 24  130 24  HOH HOH A . 
B 2 HOH 25  131 25  HOH HOH A . 
B 2 HOH 26  132 26  HOH HOH A . 
B 2 HOH 27  133 27  HOH HOH A . 
B 2 HOH 28  134 28  HOH HOH A . 
B 2 HOH 29  135 29  HOH HOH A . 
B 2 HOH 30  136 30  HOH HOH A . 
B 2 HOH 31  137 31  HOH HOH A . 
B 2 HOH 32  138 32  HOH HOH A . 
B 2 HOH 33  139 33  HOH HOH A . 
B 2 HOH 34  140 34  HOH HOH A . 
B 2 HOH 35  141 35  HOH HOH A . 
B 2 HOH 36  142 36  HOH HOH A . 
B 2 HOH 37  143 37  HOH HOH A . 
B 2 HOH 38  144 38  HOH HOH A . 
B 2 HOH 39  145 39  HOH HOH A . 
B 2 HOH 40  146 40  HOH HOH A . 
B 2 HOH 41  147 41  HOH HOH A . 
B 2 HOH 42  148 42  HOH HOH A . 
B 2 HOH 43  149 43  HOH HOH A . 
B 2 HOH 44  150 44  HOH HOH A . 
B 2 HOH 45  151 45  HOH HOH A . 
B 2 HOH 46  152 46  HOH HOH A . 
B 2 HOH 47  153 47  HOH HOH A . 
B 2 HOH 48  154 48  HOH HOH A . 
B 2 HOH 49  155 49  HOH HOH A . 
B 2 HOH 50  156 50  HOH HOH A . 
B 2 HOH 51  157 51  HOH HOH A . 
B 2 HOH 52  158 52  HOH HOH A . 
B 2 HOH 53  159 53  HOH HOH A . 
B 2 HOH 54  160 54  HOH HOH A . 
B 2 HOH 55  161 55  HOH HOH A . 
B 2 HOH 56  162 56  HOH HOH A . 
B 2 HOH 57  163 57  HOH HOH A . 
B 2 HOH 58  164 58  HOH HOH A . 
B 2 HOH 59  165 59  HOH HOH A . 
B 2 HOH 60  166 60  HOH HOH A . 
B 2 HOH 61  167 61  HOH HOH A . 
B 2 HOH 62  168 62  HOH HOH A . 
B 2 HOH 63  169 63  HOH HOH A . 
B 2 HOH 64  170 64  HOH HOH A . 
B 2 HOH 65  171 65  HOH HOH A . 
B 2 HOH 66  172 66  HOH HOH A . 
B 2 HOH 67  173 67  HOH HOH A . 
B 2 HOH 68  174 68  HOH HOH A . 
B 2 HOH 69  175 69  HOH HOH A . 
B 2 HOH 70  176 70  HOH HOH A . 
B 2 HOH 71  177 71  HOH HOH A . 
B 2 HOH 72  178 72  HOH HOH A . 
B 2 HOH 73  179 73  HOH HOH A . 
B 2 HOH 74  180 74  HOH HOH A . 
B 2 HOH 75  181 75  HOH HOH A . 
B 2 HOH 76  182 76  HOH HOH A . 
B 2 HOH 77  183 77  HOH HOH A . 
B 2 HOH 78  184 78  HOH HOH A . 
B 2 HOH 79  185 79  HOH HOH A . 
B 2 HOH 80  186 80  HOH HOH A . 
B 2 HOH 81  187 81  HOH HOH A . 
B 2 HOH 82  188 82  HOH HOH A . 
B 2 HOH 83  189 83  HOH HOH A . 
B 2 HOH 84  190 84  HOH HOH A . 
B 2 HOH 85  191 85  HOH HOH A . 
B 2 HOH 86  192 86  HOH HOH A . 
B 2 HOH 87  193 87  HOH HOH A . 
B 2 HOH 88  194 88  HOH HOH A . 
B 2 HOH 89  195 89  HOH HOH A . 
B 2 HOH 90  196 90  HOH HOH A . 
B 2 HOH 91  197 91  HOH HOH A . 
B 2 HOH 92  198 92  HOH HOH A . 
B 2 HOH 93  199 93  HOH HOH A . 
B 2 HOH 94  200 94  HOH HOH A . 
B 2 HOH 95  201 95  HOH HOH A . 
B 2 HOH 96  202 96  HOH HOH A . 
B 2 HOH 97  203 97  HOH HOH A . 
B 2 HOH 98  204 98  HOH HOH A . 
B 2 HOH 99  205 99  HOH HOH A . 
B 2 HOH 100 206 100 HOH HOH A . 
B 2 HOH 101 207 101 HOH HOH A . 
B 2 HOH 102 208 102 HOH HOH A . 
B 2 HOH 103 209 103 HOH HOH A . 
B 2 HOH 104 210 104 HOH HOH A . 
B 2 HOH 105 211 105 HOH HOH A . 
B 2 HOH 106 212 106 HOH HOH A . 
B 2 HOH 107 213 107 HOH HOH A . 
B 2 HOH 108 214 108 HOH HOH A . 
B 2 HOH 109 215 109 HOH HOH A . 
B 2 HOH 110 216 110 HOH HOH A . 
B 2 HOH 111 217 111 HOH HOH A . 
B 2 HOH 112 218 112 HOH HOH A . 
B 2 HOH 113 219 113 HOH HOH A . 
B 2 HOH 114 220 114 HOH HOH A . 
B 2 HOH 115 221 115 HOH HOH A . 
B 2 HOH 116 222 116 HOH HOH A . 
B 2 HOH 117 223 117 HOH HOH A . 
B 2 HOH 118 224 118 HOH HOH A . 
B 2 HOH 119 225 119 HOH HOH A . 
B 2 HOH 120 226 120 HOH HOH A . 
B 2 HOH 121 227 121 HOH HOH A . 
B 2 HOH 122 228 122 HOH HOH A . 
B 2 HOH 123 229 123 HOH HOH A . 
B 2 HOH 124 230 124 HOH HOH A . 
B 2 HOH 125 231 125 HOH HOH A . 
B 2 HOH 126 232 126 HOH HOH A . 
# 
_pdbx_unobs_or_zero_occ_atoms.id               1 
_pdbx_unobs_or_zero_occ_atoms.PDB_model_num    1 
_pdbx_unobs_or_zero_occ_atoms.polymer_flag     Y 
_pdbx_unobs_or_zero_occ_atoms.occupancy_flag   1 
_pdbx_unobs_or_zero_occ_atoms.auth_asym_id     A 
_pdbx_unobs_or_zero_occ_atoms.auth_comp_id     LYS 
_pdbx_unobs_or_zero_occ_atoms.auth_seq_id      34 
_pdbx_unobs_or_zero_occ_atoms.PDB_ins_code     ? 
_pdbx_unobs_or_zero_occ_atoms.auth_atom_id     CD 
_pdbx_unobs_or_zero_occ_atoms.label_alt_id     ? 
_pdbx_unobs_or_zero_occ_atoms.label_asym_id    A 
_pdbx_unobs_or_zero_occ_atoms.label_comp_id    LYS 
_pdbx_unobs_or_zero_occ_atoms.label_seq_id     53 
_pdbx_unobs_or_zero_occ_atoms.label_atom_id    CD 
# 
loop_
_software.name 
_software.classification 
_software.version 
_software.citation_id 
_software.pdbx_ordinal 
d*TREK 'data scaling'   .   ? 1 
d*TREK 'data reduction' .   ? 2 
AMoRE  phasing          .   ? 3 
REFMAC refinement       5.1 ? 4 
# 
_cell.entry_id           1R26 
_cell.length_a           37.878 
_cell.length_b           51.725 
_cell.length_c           57.389 
_cell.angle_alpha        90.00 
_cell.angle_beta         90.00 
_cell.angle_gamma        90.00 
_cell.Z_PDB              4 
_cell.pdbx_unique_axis   ? 
# 
_symmetry.entry_id                         1R26 
_symmetry.space_group_name_H-M             'P 21 21 21' 
_symmetry.cell_setting                     orthorhombic 
_symmetry.pdbx_full_space_group_name_H-M   ? 
_symmetry.Int_Tables_number                19 
# 
_exptl.entry_id          1R26 
_exptl.method            'X-RAY DIFFRACTION' 
_exptl.crystals_number   1 
# 
_exptl_crystal.id                    1 
_exptl_crystal.density_percent_sol   36.4 
_exptl_crystal.density_meas          ? 
_exptl_crystal.description           ? 
_exptl_crystal.density_Matthews      1.94 
# 
_exptl_crystal_grow.crystal_id      1 
_exptl_crystal_grow.method          'VAPOR DIFFUSION, HANGING DROP' 
_exptl_crystal_grow.temp            293 
_exptl_crystal_grow.pH              4.6 
_exptl_crystal_grow.pdbx_details    
'2M sodium formate, 0.1M sodium acetate, pH 4.6, VAPOR DIFFUSION, HANGING DROP, temperature 293K' 
_exptl_crystal_grow.temp_details    ? 
_exptl_crystal_grow.pdbx_pH_range   ? 
# 
_diffrn.id                     1 
_diffrn.ambient_temp           100 
_diffrn.ambient_temp_details   ? 
_diffrn.crystal_id             1 
# 
_diffrn_detector.diffrn_id              1 
_diffrn_detector.detector               CCD 
_diffrn_detector.type                   'ADSC QUANTUM 4' 
_diffrn_detector.pdbx_collection_date   2001-01-31 
_diffrn_detector.details                ? 
# 
_diffrn_radiation.diffrn_id                        1 
_diffrn_radiation.wavelength_id                    1 
_diffrn_radiation.pdbx_monochromatic_or_laue_m_l   M 
_diffrn_radiation.monochromator                    'cryogenically cooled high resolution Si (311) and lower resolution Si (111)' 
_diffrn_radiation.pdbx_diffrn_protocol             'SINGLE WAVELENGTH' 
_diffrn_radiation.pdbx_scattering_type             x-ray 
# 
_diffrn_radiation_wavelength.id           1 
_diffrn_radiation_wavelength.wavelength   0.9150 
_diffrn_radiation_wavelength.wt           1.0 
# 
_diffrn_source.diffrn_id                   1 
_diffrn_source.source                      SYNCHROTRON 
_diffrn_source.type                        'ESRF BEAMLINE ID29' 
_diffrn_source.pdbx_synchrotron_site       ESRF 
_diffrn_source.pdbx_synchrotron_beamline   ID29 
_diffrn_source.pdbx_wavelength             ? 
_diffrn_source.pdbx_wavelength_list        0.9150 
# 
_reflns.entry_id                     1R26 
_reflns.observed_criterion_sigma_F   0 
_reflns.observed_criterion_sigma_I   0 
_reflns.d_resolution_high            1.40 
_reflns.d_resolution_low             30. 
_reflns.number_all                   22807 
_reflns.number_obs                   22807 
_reflns.percent_possible_obs         99.6 
_reflns.pdbx_Rmerge_I_obs            0.078 
_reflns.pdbx_Rsym_value              0.078 
_reflns.pdbx_netI_over_sigmaI        5.8 
_reflns.B_iso_Wilson_estimate        ? 
_reflns.pdbx_redundancy              10.0 
_reflns.R_free_details               ? 
_reflns.limit_h_max                  ? 
_reflns.limit_h_min                  ? 
_reflns.limit_k_max                  ? 
_reflns.limit_k_min                  ? 
_reflns.limit_l_max                  ? 
_reflns.limit_l_min                  ? 
_reflns.observed_criterion_F_max     ? 
_reflns.observed_criterion_F_min     ? 
_reflns.pdbx_ordinal                 1 
_reflns.pdbx_diffrn_id               1 
# 
_reflns_shell.d_res_high             1.40 
_reflns_shell.d_res_low              1.45 
_reflns_shell.percent_possible_all   100 
_reflns_shell.Rmerge_I_obs           0.515 
_reflns_shell.pdbx_Rsym_value        0.01 
_reflns_shell.meanI_over_sigI_obs    1.0 
_reflns_shell.pdbx_redundancy        10.4 
_reflns_shell.percent_possible_obs   ? 
_reflns_shell.number_unique_all      23274 
_reflns_shell.pdbx_ordinal           1 
_reflns_shell.pdbx_diffrn_id         1 
# 
_refine.entry_id                                 1R26 
_refine.ls_number_reflns_obs                     21601 
_refine.ls_number_reflns_all                     21601 
_refine.pdbx_ls_sigma_I                          0 
_refine.pdbx_ls_sigma_F                          0 
_refine.pdbx_data_cutoff_high_absF               ? 
_refine.pdbx_data_cutoff_low_absF                ? 
_refine.pdbx_data_cutoff_high_rms_absF           ? 
_refine.ls_d_res_low                             30.00 
_refine.ls_d_res_high                            1.40 
_refine.ls_percent_reflns_obs                    99.68 
_refine.ls_R_factor_obs                          0.1691 
_refine.ls_R_factor_all                          0.16827 
_refine.ls_R_factor_R_work                       0.16762 
_refine.ls_R_factor_R_free                       0.19841 
_refine.ls_R_factor_R_free_error                 ? 
_refine.ls_R_factor_R_free_error_details         ? 
_refine.ls_percent_reflns_R_free                 5.1 
_refine.ls_number_reflns_R_free                  1165 
_refine.ls_number_parameters                     ? 
_refine.ls_number_restraints                     ? 
_refine.occupancy_min                            ? 
_refine.occupancy_max                            ? 
_refine.correlation_coeff_Fo_to_Fc               0.970 
_refine.correlation_coeff_Fo_to_Fc_free          0.957 
_refine.B_iso_mean                               14.589 
_refine.aniso_B[1][1]                            0.57 
_refine.aniso_B[2][2]                            -0.36 
_refine.aniso_B[3][3]                            -0.21 
_refine.aniso_B[1][2]                            0.00 
_refine.aniso_B[1][3]                            0.00 
_refine.aniso_B[2][3]                            0.00 
_refine.solvent_model_details                    'BABINET MODEL WITH MASK' 
_refine.solvent_model_param_ksol                 ? 
_refine.solvent_model_param_bsol                 ? 
_refine.pdbx_solvent_vdw_probe_radii             1.40 
_refine.pdbx_solvent_ion_probe_radii             0.80 
_refine.pdbx_solvent_shrinkage_radii             0.80 
_refine.pdbx_ls_cross_valid_method               THROUGHOUT 
_refine.details                                  'HYDROGENS HAVE BEEN ADDED IN THE RIDING POSITIONS' 
_refine.pdbx_starting_model                      'Pdb entry 1ert polyala' 
_refine.pdbx_method_to_determine_struct          'MOLECULAR REPLACEMENT' 
_refine.pdbx_isotropic_thermal_model             isotropic 
_refine.pdbx_stereochemistry_target_values       'MAXIMUM LIKELIHOOD' 
_refine.pdbx_stereochem_target_val_spec_case     ? 
_refine.pdbx_R_Free_selection_details            RANDOM 
_refine.pdbx_overall_ESU_R                       0.058 
_refine.pdbx_overall_ESU_R_Free                  0.062 
_refine.overall_SU_ML                            0.039 
_refine.overall_SU_B                             0.982 
_refine.ls_redundancy_reflns_obs                 ? 
_refine.B_iso_min                                ? 
_refine.B_iso_max                                ? 
_refine.overall_SU_R_Cruickshank_DPI             ? 
_refine.overall_SU_R_free                        ? 
_refine.pdbx_refine_id                           'X-RAY DIFFRACTION' 
_refine.pdbx_diffrn_id                           1 
_refine.pdbx_TLS_residual_ADP_flag               ? 
_refine.pdbx_overall_phase_error                 ? 
_refine.pdbx_overall_SU_R_free_Cruickshank_DPI   ? 
_refine.pdbx_overall_SU_R_Blow_DPI               ? 
_refine.pdbx_overall_SU_R_free_Blow_DPI          ? 
# 
_refine_hist.pdbx_refine_id                   'X-RAY DIFFRACTION' 
_refine_hist.cycle_id                         LAST 
_refine_hist.pdbx_number_atoms_protein        904 
_refine_hist.pdbx_number_atoms_nucleic_acid   0 
_refine_hist.pdbx_number_atoms_ligand         0 
_refine_hist.number_atoms_solvent             126 
_refine_hist.number_atoms_total               1030 
_refine_hist.d_res_high                       1.40 
_refine_hist.d_res_low                        30.00 
# 
loop_
_refine_ls_restr.type 
_refine_ls_restr.dev_ideal 
_refine_ls_restr.dev_ideal_target 
_refine_ls_restr.weight 
_refine_ls_restr.number 
_refine_ls_restr.pdbx_refine_id 
_refine_ls_restr.pdbx_restraint_function 
r_bond_refined_d         0.012 0.022 ? 920  'X-RAY DIFFRACTION' ? 
r_bond_other_d           0.002 0.020 ? 879  'X-RAY DIFFRACTION' ? 
r_angle_refined_deg      1.327 1.951 ? 1240 'X-RAY DIFFRACTION' ? 
r_angle_other_deg        0.763 3.000 ? 2033 'X-RAY DIFFRACTION' ? 
r_dihedral_angle_1_deg   5.511 5.000 ? 111  'X-RAY DIFFRACTION' ? 
r_chiral_restr           0.083 0.200 ? 141  'X-RAY DIFFRACTION' ? 
r_gen_planes_refined     0.007 0.020 ? 989  'X-RAY DIFFRACTION' ? 
r_gen_planes_other       0.006 0.020 ? 190  'X-RAY DIFFRACTION' ? 
r_nbd_refined            0.283 0.200 ? 164  'X-RAY DIFFRACTION' ? 
r_nbd_other              0.250 0.200 ? 936  'X-RAY DIFFRACTION' ? 
r_nbtor_other            0.082 0.200 ? 527  'X-RAY DIFFRACTION' ? 
r_xyhbond_nbd_refined    0.187 0.200 ? 72   'X-RAY DIFFRACTION' ? 
r_symmetry_vdw_refined   0.168 0.200 ? 6    'X-RAY DIFFRACTION' ? 
r_symmetry_vdw_other     0.260 0.200 ? 61   'X-RAY DIFFRACTION' ? 
r_symmetry_hbond_refined 0.137 0.200 ? 21   'X-RAY DIFFRACTION' ? 
r_mcbond_it              0.880 1.500 ? 564  'X-RAY DIFFRACTION' ? 
r_mcangle_it             1.670 2.000 ? 920  'X-RAY DIFFRACTION' ? 
r_scbond_it              2.478 3.000 ? 356  'X-RAY DIFFRACTION' ? 
r_scangle_it             4.229 4.500 ? 320  'X-RAY DIFFRACTION' ? 
# 
_refine_ls_shell.pdbx_total_number_of_bins_used   20 
_refine_ls_shell.d_res_high                       1.400 
_refine_ls_shell.d_res_low                        1.436 
_refine_ls_shell.number_reflns_R_work             1555 
_refine_ls_shell.R_factor_R_work                  0.23 
_refine_ls_shell.percent_reflns_obs               ? 
_refine_ls_shell.R_factor_R_free                  0.265 
_refine_ls_shell.R_factor_R_free_error            ? 
_refine_ls_shell.percent_reflns_R_free            ? 
_refine_ls_shell.number_reflns_R_free             95 
_refine_ls_shell.number_reflns_obs                ? 
_refine_ls_shell.redundancy_reflns_obs            ? 
_refine_ls_shell.number_reflns_all                ? 
_refine_ls_shell.pdbx_refine_id                   'X-RAY DIFFRACTION' 
_refine_ls_shell.R_factor_all                     ? 
# 
_struct.entry_id                  1R26 
_struct.title                     'Crystal structure of thioredoxin from Trypanosoma brucei brucei' 
_struct.pdbx_model_details        ? 
_struct.pdbx_CASP_flag            ? 
_struct.pdbx_model_type_details   ? 
# 
_struct_keywords.entry_id        1R26 
_struct_keywords.pdbx_keywords   'ELECTRON TRANSPORT' 
_struct_keywords.text            'redox-active disulfide; thioredoxin, Electron transport' 
# 
loop_
_struct_asym.id 
_struct_asym.pdbx_blank_PDB_chainid_flag 
_struct_asym.pdbx_modified 
_struct_asym.entity_id 
_struct_asym.details 
A N N 1 ? 
B N N 2 ? 
# 
_struct_ref.id                         1 
_struct_ref.entity_id                  1 
_struct_ref.db_name                    UNP 
_struct_ref.db_code                    Q9NG23_TRYBB 
_struct_ref.pdbx_db_accession          Q9NG23 
_struct_ref.pdbx_align_begin           1 
_struct_ref.pdbx_seq_one_letter_code   
;MSVVDVYSVEQFRNIMSEDILTVAWFTAVWCGPCKTIERPMEKIAYEFPTVKFAKVDADNNSEIVSKCRVLQLPTFIIAR
SGKMLGHVIGANPGMLRQKLRDIIKDN
;
_struct_ref.pdbx_db_isoform            ? 
# 
_struct_ref_seq.align_id                      1 
_struct_ref_seq.ref_id                        1 
_struct_ref_seq.pdbx_PDB_id_code              1R26 
_struct_ref_seq.pdbx_strand_id                A 
_struct_ref_seq.seq_align_beg                 20 
_struct_ref_seq.pdbx_seq_align_beg_ins_code   ? 
_struct_ref_seq.seq_align_end                 125 
_struct_ref_seq.pdbx_seq_align_end_ins_code   ? 
_struct_ref_seq.pdbx_db_accession             Q9NG23 
_struct_ref_seq.db_align_beg                  2 
_struct_ref_seq.pdbx_db_align_beg_ins_code    ? 
_struct_ref_seq.db_align_end                  107 
_struct_ref_seq.pdbx_db_align_end_ins_code    ? 
_struct_ref_seq.pdbx_auth_seq_align_beg       1 
_struct_ref_seq.pdbx_auth_seq_align_end       106 
# 
loop_
_struct_ref_seq_dif.align_id 
_struct_ref_seq_dif.pdbx_pdb_id_code 
_struct_ref_seq_dif.mon_id 
_struct_ref_seq_dif.pdbx_pdb_strand_id 
_struct_ref_seq_dif.seq_num 
_struct_ref_seq_dif.pdbx_pdb_ins_code 
_struct_ref_seq_dif.pdbx_seq_db_name 
_struct_ref_seq_dif.pdbx_seq_db_accession_code 
_struct_ref_seq_dif.db_mon_id 
_struct_ref_seq_dif.pdbx_seq_db_seq_num 
_struct_ref_seq_dif.details 
_struct_ref_seq_dif.pdbx_auth_seq_num 
_struct_ref_seq_dif.pdbx_ordinal 
1 1R26 MET A 1  ? UNP Q9NG23 ? ? 'expression tag' -18 1  
1 1R26 ARG A 2  ? UNP Q9NG23 ? ? 'expression tag' -17 2  
1 1R26 GLY A 3  ? UNP Q9NG23 ? ? 'expression tag' -16 3  
1 1R26 TRP A 4  ? UNP Q9NG23 ? ? 'expression tag' -15 4  
1 1R26 HIS A 5  ? UNP Q9NG23 ? ? 'expression tag' -14 5  
1 1R26 HIS A 6  ? UNP Q9NG23 ? ? 'expression tag' -13 6  
1 1R26 HIS A 7  ? UNP Q9NG23 ? ? 'expression tag' -12 7  
1 1R26 HIS A 8  ? UNP Q9NG23 ? ? 'expression tag' -11 8  
1 1R26 HIS A 9  ? UNP Q9NG23 ? ? 'expression tag' -10 9  
1 1R26 HIS A 10 ? UNP Q9NG23 ? ? 'expression tag' -9  10 
1 1R26 GLY A 11 ? UNP Q9NG23 ? ? 'expression tag' -8  11 
1 1R26 ILE A 12 ? UNP Q9NG23 ? ? 'expression tag' -7  12 
1 1R26 ARG A 13 ? UNP Q9NG23 ? ? 'expression tag' -6  13 
1 1R26 MET A 14 ? UNP Q9NG23 ? ? 'expression tag' -5  14 
1 1R26 ARG A 15 ? UNP Q9NG23 ? ? 'expression tag' -4  15 
1 1R26 ALA A 16 ? UNP Q9NG23 ? ? 'expression tag' -3  16 
1 1R26 ARG A 17 ? UNP Q9NG23 ? ? 'expression tag' -2  17 
1 1R26 TYR A 18 ? UNP Q9NG23 ? ? 'expression tag' -1  18 
1 1R26 PRO A 19 ? UNP Q9NG23 ? ? 'expression tag' 0   19 
# 
_pdbx_struct_assembly.id                   1 
_pdbx_struct_assembly.details              author_defined_assembly 
_pdbx_struct_assembly.method_details       ? 
_pdbx_struct_assembly.oligomeric_details   monomeric 
_pdbx_struct_assembly.oligomeric_count     1 
# 
_pdbx_struct_assembly_gen.assembly_id       1 
_pdbx_struct_assembly_gen.oper_expression   1 
_pdbx_struct_assembly_gen.asym_id_list      A,B 
# 
_pdbx_struct_oper_list.id                   1 
_pdbx_struct_oper_list.type                 'identity operation' 
_pdbx_struct_oper_list.name                 1_555 
_pdbx_struct_oper_list.symmetry_operation   x,y,z 
_pdbx_struct_oper_list.matrix[1][1]         1.0000000000 
_pdbx_struct_oper_list.matrix[1][2]         0.0000000000 
_pdbx_struct_oper_list.matrix[1][3]         0.0000000000 
_pdbx_struct_oper_list.vector[1]            0.0000000000 
_pdbx_struct_oper_list.matrix[2][1]         0.0000000000 
_pdbx_struct_oper_list.matrix[2][2]         1.0000000000 
_pdbx_struct_oper_list.matrix[2][3]         0.0000000000 
_pdbx_struct_oper_list.vector[2]            0.0000000000 
_pdbx_struct_oper_list.matrix[3][1]         0.0000000000 
_pdbx_struct_oper_list.matrix[3][2]         0.0000000000 
_pdbx_struct_oper_list.matrix[3][3]         1.0000000000 
_pdbx_struct_oper_list.vector[3]            0.0000000000 
# 
_struct_biol.id                    1 
_struct_biol.pdbx_parent_biol_id   ? 
_struct_biol.details               ? 
# 
loop_
_struct_conf.conf_type_id 
_struct_conf.id 
_struct_conf.pdbx_PDB_helix_id 
_struct_conf.beg_label_comp_id 
_struct_conf.beg_label_asym_id 
_struct_conf.beg_label_seq_id 
_struct_conf.pdbx_beg_PDB_ins_code 
_struct_conf.end_label_comp_id 
_struct_conf.end_label_asym_id 
_struct_conf.end_label_seq_id 
_struct_conf.pdbx_end_PDB_ins_code 
_struct_conf.beg_auth_comp_id 
_struct_conf.beg_auth_asym_id 
_struct_conf.beg_auth_seq_id 
_struct_conf.end_auth_comp_id 
_struct_conf.end_auth_asym_id 
_struct_conf.end_auth_seq_id 
_struct_conf.pdbx_PDB_helix_class 
_struct_conf.details 
_struct_conf.pdbx_PDB_helix_length 
HELX_P HELX_P1 1 SER A 26  ? GLU A 36  ? SER A 7  GLU A 17  1 ? 11 
HELX_P HELX_P2 2 CYS A 49  ? ILE A 55  ? CYS A 30 ILE A 36  1 ? 7  
HELX_P HELX_P3 3 ILE A 55  ? PHE A 66  ? ILE A 36 PHE A 47  1 ? 12 
HELX_P HELX_P4 4 ASN A 79  ? CYS A 86  ? ASN A 60 CYS A 67  1 ? 8  
HELX_P HELX_P5 5 ASN A 110 ? ASP A 124 ? ASN A 91 ASP A 105 1 ? 15 
# 
_struct_conf_type.id          HELX_P 
_struct_conf_type.criteria    ? 
_struct_conf_type.reference   ? 
# 
_struct_conn.id                            disulf1 
_struct_conn.conn_type_id                  disulf 
_struct_conn.pdbx_leaving_atom_flag        ? 
_struct_conn.pdbx_PDB_id                   ? 
_struct_conn.ptnr1_label_asym_id           A 
_struct_conn.ptnr1_label_comp_id           CYS 
_struct_conn.ptnr1_label_seq_id            49 
_struct_conn.ptnr1_label_atom_id           SG 
_struct_conn.pdbx_ptnr1_label_alt_id       ? 
_struct_conn.pdbx_ptnr1_PDB_ins_code       ? 
_struct_conn.pdbx_ptnr1_standard_comp_id   ? 
_struct_conn.ptnr1_symmetry                1_555 
_struct_conn.ptnr2_label_asym_id           A 
_struct_conn.ptnr2_label_comp_id           CYS 
_struct_conn.ptnr2_label_seq_id            52 
_struct_conn.ptnr2_label_atom_id           SG 
_struct_conn.pdbx_ptnr2_label_alt_id       ? 
_struct_conn.pdbx_ptnr2_PDB_ins_code       ? 
_struct_conn.ptnr1_auth_asym_id            A 
_struct_conn.ptnr1_auth_comp_id            CYS 
_struct_conn.ptnr1_auth_seq_id             30 
_struct_conn.ptnr2_auth_asym_id            A 
_struct_conn.ptnr2_auth_comp_id            CYS 
_struct_conn.ptnr2_auth_seq_id             33 
_struct_conn.ptnr2_symmetry                1_555 
_struct_conn.pdbx_ptnr3_label_atom_id      ? 
_struct_conn.pdbx_ptnr3_label_seq_id       ? 
_struct_conn.pdbx_ptnr3_label_comp_id      ? 
_struct_conn.pdbx_ptnr3_label_asym_id      ? 
_struct_conn.pdbx_ptnr3_label_alt_id       ? 
_struct_conn.pdbx_ptnr3_PDB_ins_code       ? 
_struct_conn.details                       ? 
_struct_conn.pdbx_dist_value               2.659 
_struct_conn.pdbx_value_order              ? 
_struct_conn.pdbx_role                     ? 
# 
_struct_conn_type.id          disulf 
_struct_conn_type.criteria    ? 
_struct_conn_type.reference   ? 
# 
_pdbx_modification_feature.ordinal                            1 
_pdbx_modification_feature.label_comp_id                      CYS 
_pdbx_modification_feature.label_asym_id                      A 
_pdbx_modification_feature.label_seq_id                       49 
_pdbx_modification_feature.label_alt_id                       ? 
_pdbx_modification_feature.modified_residue_label_comp_id     CYS 
_pdbx_modification_feature.modified_residue_label_asym_id     A 
_pdbx_modification_feature.modified_residue_label_seq_id      52 
_pdbx_modification_feature.modified_residue_label_alt_id      ? 
_pdbx_modification_feature.auth_comp_id                       CYS 
_pdbx_modification_feature.auth_asym_id                       A 
_pdbx_modification_feature.auth_seq_id                        30 
_pdbx_modification_feature.PDB_ins_code                       ? 
_pdbx_modification_feature.symmetry                           1_555 
_pdbx_modification_feature.modified_residue_auth_comp_id      CYS 
_pdbx_modification_feature.modified_residue_auth_asym_id      A 
_pdbx_modification_feature.modified_residue_auth_seq_id       33 
_pdbx_modification_feature.modified_residue_PDB_ins_code      ? 
_pdbx_modification_feature.modified_residue_symmetry          1_555 
_pdbx_modification_feature.comp_id_linking_atom               SG 
_pdbx_modification_feature.modified_residue_id_linking_atom   SG 
_pdbx_modification_feature.modified_residue_id                . 
_pdbx_modification_feature.ref_pcm_id                         . 
_pdbx_modification_feature.ref_comp_id                        . 
_pdbx_modification_feature.type                               None 
_pdbx_modification_feature.category                           'Disulfide bridge' 
# 
_struct_mon_prot_cis.pdbx_id                1 
_struct_mon_prot_cis.label_comp_id          LEU 
_struct_mon_prot_cis.label_seq_id           91 
_struct_mon_prot_cis.label_asym_id          A 
_struct_mon_prot_cis.label_alt_id           . 
_struct_mon_prot_cis.pdbx_PDB_ins_code      ? 
_struct_mon_prot_cis.auth_comp_id           LEU 
_struct_mon_prot_cis.auth_seq_id            72 
_struct_mon_prot_cis.auth_asym_id           A 
_struct_mon_prot_cis.pdbx_label_comp_id_2   PRO 
_struct_mon_prot_cis.pdbx_label_seq_id_2    92 
_struct_mon_prot_cis.pdbx_label_asym_id_2   A 
_struct_mon_prot_cis.pdbx_PDB_ins_code_2    ? 
_struct_mon_prot_cis.pdbx_auth_comp_id_2    PRO 
_struct_mon_prot_cis.pdbx_auth_seq_id_2     73 
_struct_mon_prot_cis.pdbx_auth_asym_id_2    A 
_struct_mon_prot_cis.pdbx_PDB_model_num     1 
_struct_mon_prot_cis.pdbx_omega_angle       -8.18 
# 
_struct_sheet.id               A 
_struct_sheet.type             ? 
_struct_sheet.number_strands   5 
_struct_sheet.details          ? 
# 
loop_
_struct_sheet_order.sheet_id 
_struct_sheet_order.range_id_1 
_struct_sheet_order.range_id_2 
_struct_sheet_order.offset 
_struct_sheet_order.sense 
A 1 2 ? parallel      
A 2 3 ? parallel      
A 3 4 ? anti-parallel 
A 4 5 ? anti-parallel 
# 
loop_
_struct_sheet_range.sheet_id 
_struct_sheet_range.id 
_struct_sheet_range.beg_label_comp_id 
_struct_sheet_range.beg_label_asym_id 
_struct_sheet_range.beg_label_seq_id 
_struct_sheet_range.pdbx_beg_PDB_ins_code 
_struct_sheet_range.end_label_comp_id 
_struct_sheet_range.end_label_asym_id 
_struct_sheet_range.end_label_seq_id 
_struct_sheet_range.pdbx_end_PDB_ins_code 
_struct_sheet_range.beg_auth_comp_id 
_struct_sheet_range.beg_auth_asym_id 
_struct_sheet_range.beg_auth_seq_id 
_struct_sheet_range.end_auth_comp_id 
_struct_sheet_range.end_auth_asym_id 
_struct_sheet_range.end_auth_seq_id 
A 1 VAL A 22  ? VAL A 24  ? VAL A 3  VAL A 5  
A 2 LYS A 70  ? ASP A 75  ? LYS A 51 ASP A 56 
A 3 THR A 40  ? THR A 45  ? THR A 21 THR A 26 
A 4 THR A 93  ? ARG A 98  ? THR A 74 ARG A 79 
A 5 LYS A 101 ? ILE A 107 ? LYS A 82 ILE A 88 
# 
loop_
_pdbx_struct_sheet_hbond.sheet_id 
_pdbx_struct_sheet_hbond.range_id_1 
_pdbx_struct_sheet_hbond.range_id_2 
_pdbx_struct_sheet_hbond.range_1_label_atom_id 
_pdbx_struct_sheet_hbond.range_1_label_comp_id 
_pdbx_struct_sheet_hbond.range_1_label_asym_id 
_pdbx_struct_sheet_hbond.range_1_label_seq_id 
_pdbx_struct_sheet_hbond.range_1_PDB_ins_code 
_pdbx_struct_sheet_hbond.range_1_auth_atom_id 
_pdbx_struct_sheet_hbond.range_1_auth_comp_id 
_pdbx_struct_sheet_hbond.range_1_auth_asym_id 
_pdbx_struct_sheet_hbond.range_1_auth_seq_id 
_pdbx_struct_sheet_hbond.range_2_label_atom_id 
_pdbx_struct_sheet_hbond.range_2_label_comp_id 
_pdbx_struct_sheet_hbond.range_2_label_asym_id 
_pdbx_struct_sheet_hbond.range_2_label_seq_id 
_pdbx_struct_sheet_hbond.range_2_PDB_ins_code 
_pdbx_struct_sheet_hbond.range_2_auth_atom_id 
_pdbx_struct_sheet_hbond.range_2_auth_comp_id 
_pdbx_struct_sheet_hbond.range_2_auth_asym_id 
_pdbx_struct_sheet_hbond.range_2_auth_seq_id 
A 1 2 N VAL A 24 ? N VAL A 5  O LYS A 73  ? O LYS A 54 
A 2 3 O VAL A 74 ? O VAL A 55 N TRP A 43  ? N TRP A 24 
A 3 4 N ALA A 42 ? N ALA A 23 O ILE A 95  ? O ILE A 76 
A 4 5 N ILE A 96 ? N ILE A 77 O LEU A 103 ? O LEU A 84 
# 
_pdbx_entry_details.entry_id                   1R26 
_pdbx_entry_details.compound_details           ? 
_pdbx_entry_details.source_details             ? 
_pdbx_entry_details.nonpolymer_details         ? 
_pdbx_entry_details.sequence_details           ? 
_pdbx_entry_details.has_ligand_of_interest     ? 
_pdbx_entry_details.has_protein_modification   Y 
# 
_pdbx_validate_close_contact.id               1 
_pdbx_validate_close_contact.PDB_model_num    1 
_pdbx_validate_close_contact.auth_atom_id_1   O 
_pdbx_validate_close_contact.auth_asym_id_1   A 
_pdbx_validate_close_contact.auth_comp_id_1   HOH 
_pdbx_validate_close_contact.auth_seq_id_1    211 
_pdbx_validate_close_contact.PDB_ins_code_1   ? 
_pdbx_validate_close_contact.label_alt_id_1   ? 
_pdbx_validate_close_contact.auth_atom_id_2   O 
_pdbx_validate_close_contact.auth_asym_id_2   A 
_pdbx_validate_close_contact.auth_comp_id_2   HOH 
_pdbx_validate_close_contact.auth_seq_id_2    212 
_pdbx_validate_close_contact.PDB_ins_code_2   ? 
_pdbx_validate_close_contact.label_alt_id_2   ? 
_pdbx_validate_close_contact.dist             2.02 
# 
_pdbx_validate_torsion.id              1 
_pdbx_validate_torsion.PDB_model_num   1 
_pdbx_validate_torsion.auth_comp_id    TRP 
_pdbx_validate_torsion.auth_asym_id    A 
_pdbx_validate_torsion.auth_seq_id     29 
_pdbx_validate_torsion.PDB_ins_code    ? 
_pdbx_validate_torsion.label_alt_id    ? 
_pdbx_validate_torsion.phi             -102.51 
_pdbx_validate_torsion.psi             48.39 
# 
loop_
_pdbx_unobs_or_zero_occ_residues.id 
_pdbx_unobs_or_zero_occ_residues.PDB_model_num 
_pdbx_unobs_or_zero_occ_residues.polymer_flag 
_pdbx_unobs_or_zero_occ_residues.occupancy_flag 
_pdbx_unobs_or_zero_occ_residues.auth_asym_id 
_pdbx_unobs_or_zero_occ_residues.auth_comp_id 
_pdbx_unobs_or_zero_occ_residues.auth_seq_id 
_pdbx_unobs_or_zero_occ_residues.PDB_ins_code 
_pdbx_unobs_or_zero_occ_residues.label_asym_id 
_pdbx_unobs_or_zero_occ_residues.label_comp_id 
_pdbx_unobs_or_zero_occ_residues.label_seq_id 
1  1 Y 1 A MET -18 ? A MET 1   
2  1 Y 1 A ARG -17 ? A ARG 2   
3  1 Y 1 A GLY -16 ? A GLY 3   
4  1 Y 1 A TRP -15 ? A TRP 4   
5  1 Y 1 A HIS -14 ? A HIS 5   
6  1 Y 1 A HIS -13 ? A HIS 6   
7  1 Y 1 A HIS -12 ? A HIS 7   
8  1 Y 1 A HIS -11 ? A HIS 8   
9  1 Y 1 A HIS -10 ? A HIS 9   
10 1 Y 1 A HIS -9  ? A HIS 10  
11 1 Y 1 A GLY -8  ? A GLY 11  
12 1 Y 1 A ASN 106 ? A ASN 125 
# 
loop_
_chem_comp_atom.comp_id 
_chem_comp_atom.atom_id 
_chem_comp_atom.type_symbol 
_chem_comp_atom.pdbx_aromatic_flag 
_chem_comp_atom.pdbx_stereo_config 
_chem_comp_atom.pdbx_ordinal 
ALA N    N N N 1   
ALA CA   C N S 2   
ALA C    C N N 3   
ALA O    O N N 4   
ALA CB   C N N 5   
ALA OXT  O N N 6   
ALA H    H N N 7   
ALA H2   H N N 8   
ALA HA   H N N 9   
ALA HB1  H N N 10  
ALA HB2  H N N 11  
ALA HB3  H N N 12  
ALA HXT  H N N 13  
ARG N    N N N 14  
ARG CA   C N S 15  
ARG C    C N N 16  
ARG O    O N N 17  
ARG CB   C N N 18  
ARG CG   C N N 19  
ARG CD   C N N 20  
ARG NE   N N N 21  
ARG CZ   C N N 22  
ARG NH1  N N N 23  
ARG NH2  N N N 24  
ARG OXT  O N N 25  
ARG H    H N N 26  
ARG H2   H N N 27  
ARG HA   H N N 28  
ARG HB2  H N N 29  
ARG HB3  H N N 30  
ARG HG2  H N N 31  
ARG HG3  H N N 32  
ARG HD2  H N N 33  
ARG HD3  H N N 34  
ARG HE   H N N 35  
ARG HH11 H N N 36  
ARG HH12 H N N 37  
ARG HH21 H N N 38  
ARG HH22 H N N 39  
ARG HXT  H N N 40  
ASN N    N N N 41  
ASN CA   C N S 42  
ASN C    C N N 43  
ASN O    O N N 44  
ASN CB   C N N 45  
ASN CG   C N N 46  
ASN OD1  O N N 47  
ASN ND2  N N N 48  
ASN OXT  O N N 49  
ASN H    H N N 50  
ASN H2   H N N 51  
ASN HA   H N N 52  
ASN HB2  H N N 53  
ASN HB3  H N N 54  
ASN HD21 H N N 55  
ASN HD22 H N N 56  
ASN HXT  H N N 57  
ASP N    N N N 58  
ASP CA   C N S 59  
ASP C    C N N 60  
ASP O    O N N 61  
ASP CB   C N N 62  
ASP CG   C N N 63  
ASP OD1  O N N 64  
ASP OD2  O N N 65  
ASP OXT  O N N 66  
ASP H    H N N 67  
ASP H2   H N N 68  
ASP HA   H N N 69  
ASP HB2  H N N 70  
ASP HB3  H N N 71  
ASP HD2  H N N 72  
ASP HXT  H N N 73  
CYS N    N N N 74  
CYS CA   C N R 75  
CYS C    C N N 76  
CYS O    O N N 77  
CYS CB   C N N 78  
CYS SG   S N N 79  
CYS OXT  O N N 80  
CYS H    H N N 81  
CYS H2   H N N 82  
CYS HA   H N N 83  
CYS HB2  H N N 84  
CYS HB3  H N N 85  
CYS HG   H N N 86  
CYS HXT  H N N 87  
GLN N    N N N 88  
GLN CA   C N S 89  
GLN C    C N N 90  
GLN O    O N N 91  
GLN CB   C N N 92  
GLN CG   C N N 93  
GLN CD   C N N 94  
GLN OE1  O N N 95  
GLN NE2  N N N 96  
GLN OXT  O N N 97  
GLN H    H N N 98  
GLN H2   H N N 99  
GLN HA   H N N 100 
GLN HB2  H N N 101 
GLN HB3  H N N 102 
GLN HG2  H N N 103 
GLN HG3  H N N 104 
GLN HE21 H N N 105 
GLN HE22 H N N 106 
GLN HXT  H N N 107 
GLU N    N N N 108 
GLU CA   C N S 109 
GLU C    C N N 110 
GLU O    O N N 111 
GLU CB   C N N 112 
GLU CG   C N N 113 
GLU CD   C N N 114 
GLU OE1  O N N 115 
GLU OE2  O N N 116 
GLU OXT  O N N 117 
GLU H    H N N 118 
GLU H2   H N N 119 
GLU HA   H N N 120 
GLU HB2  H N N 121 
GLU HB3  H N N 122 
GLU HG2  H N N 123 
GLU HG3  H N N 124 
GLU HE2  H N N 125 
GLU HXT  H N N 126 
GLY N    N N N 127 
GLY CA   C N N 128 
GLY C    C N N 129 
GLY O    O N N 130 
GLY OXT  O N N 131 
GLY H    H N N 132 
GLY H2   H N N 133 
GLY HA2  H N N 134 
GLY HA3  H N N 135 
GLY HXT  H N N 136 
HIS N    N N N 137 
HIS CA   C N S 138 
HIS C    C N N 139 
HIS O    O N N 140 
HIS CB   C N N 141 
HIS CG   C Y N 142 
HIS ND1  N Y N 143 
HIS CD2  C Y N 144 
HIS CE1  C Y N 145 
HIS NE2  N Y N 146 
HIS OXT  O N N 147 
HIS H    H N N 148 
HIS H2   H N N 149 
HIS HA   H N N 150 
HIS HB2  H N N 151 
HIS HB3  H N N 152 
HIS HD1  H N N 153 
HIS HD2  H N N 154 
HIS HE1  H N N 155 
HIS HE2  H N N 156 
HIS HXT  H N N 157 
HOH O    O N N 158 
HOH H1   H N N 159 
HOH H2   H N N 160 
ILE N    N N N 161 
ILE CA   C N S 162 
ILE C    C N N 163 
ILE O    O N N 164 
ILE CB   C N S 165 
ILE CG1  C N N 166 
ILE CG2  C N N 167 
ILE CD1  C N N 168 
ILE OXT  O N N 169 
ILE H    H N N 170 
ILE H2   H N N 171 
ILE HA   H N N 172 
ILE HB   H N N 173 
ILE HG12 H N N 174 
ILE HG13 H N N 175 
ILE HG21 H N N 176 
ILE HG22 H N N 177 
ILE HG23 H N N 178 
ILE HD11 H N N 179 
ILE HD12 H N N 180 
ILE HD13 H N N 181 
ILE HXT  H N N 182 
LEU N    N N N 183 
LEU CA   C N S 184 
LEU C    C N N 185 
LEU O    O N N 186 
LEU CB   C N N 187 
LEU CG   C N N 188 
LEU CD1  C N N 189 
LEU CD2  C N N 190 
LEU OXT  O N N 191 
LEU H    H N N 192 
LEU H2   H N N 193 
LEU HA   H N N 194 
LEU HB2  H N N 195 
LEU HB3  H N N 196 
LEU HG   H N N 197 
LEU HD11 H N N 198 
LEU HD12 H N N 199 
LEU HD13 H N N 200 
LEU HD21 H N N 201 
LEU HD22 H N N 202 
LEU HD23 H N N 203 
LEU HXT  H N N 204 
LYS N    N N N 205 
LYS CA   C N S 206 
LYS C    C N N 207 
LYS O    O N N 208 
LYS CB   C N N 209 
LYS CG   C N N 210 
LYS CD   C N N 211 
LYS CE   C N N 212 
LYS NZ   N N N 213 
LYS OXT  O N N 214 
LYS H    H N N 215 
LYS H2   H N N 216 
LYS HA   H N N 217 
LYS HB2  H N N 218 
LYS HB3  H N N 219 
LYS HG2  H N N 220 
LYS HG3  H N N 221 
LYS HD2  H N N 222 
LYS HD3  H N N 223 
LYS HE2  H N N 224 
LYS HE3  H N N 225 
LYS HZ1  H N N 226 
LYS HZ2  H N N 227 
LYS HZ3  H N N 228 
LYS HXT  H N N 229 
MET N    N N N 230 
MET CA   C N S 231 
MET C    C N N 232 
MET O    O N N 233 
MET CB   C N N 234 
MET CG   C N N 235 
MET SD   S N N 236 
MET CE   C N N 237 
MET OXT  O N N 238 
MET H    H N N 239 
MET H2   H N N 240 
MET HA   H N N 241 
MET HB2  H N N 242 
MET HB3  H N N 243 
MET HG2  H N N 244 
MET HG3  H N N 245 
MET HE1  H N N 246 
MET HE2  H N N 247 
MET HE3  H N N 248 
MET HXT  H N N 249 
PHE N    N N N 250 
PHE CA   C N S 251 
PHE C    C N N 252 
PHE O    O N N 253 
PHE CB   C N N 254 
PHE CG   C Y N 255 
PHE CD1  C Y N 256 
PHE CD2  C Y N 257 
PHE CE1  C Y N 258 
PHE CE2  C Y N 259 
PHE CZ   C Y N 260 
PHE OXT  O N N 261 
PHE H    H N N 262 
PHE H2   H N N 263 
PHE HA   H N N 264 
PHE HB2  H N N 265 
PHE HB3  H N N 266 
PHE HD1  H N N 267 
PHE HD2  H N N 268 
PHE HE1  H N N 269 
PHE HE2  H N N 270 
PHE HZ   H N N 271 
PHE HXT  H N N 272 
PRO N    N N N 273 
PRO CA   C N S 274 
PRO C    C N N 275 
PRO O    O N N 276 
PRO CB   C N N 277 
PRO CG   C N N 278 
PRO CD   C N N 279 
PRO OXT  O N N 280 
PRO H    H N N 281 
PRO HA   H N N 282 
PRO HB2  H N N 283 
PRO HB3  H N N 284 
PRO HG2  H N N 285 
PRO HG3  H N N 286 
PRO HD2  H N N 287 
PRO HD3  H N N 288 
PRO HXT  H N N 289 
SER N    N N N 290 
SER CA   C N S 291 
SER C    C N N 292 
SER O    O N N 293 
SER CB   C N N 294 
SER OG   O N N 295 
SER OXT  O N N 296 
SER H    H N N 297 
SER H2   H N N 298 
SER HA   H N N 299 
SER HB2  H N N 300 
SER HB3  H N N 301 
SER HG   H N N 302 
SER HXT  H N N 303 
THR N    N N N 304 
THR CA   C N S 305 
THR C    C N N 306 
THR O    O N N 307 
THR CB   C N R 308 
THR OG1  O N N 309 
THR CG2  C N N 310 
THR OXT  O N N 311 
THR H    H N N 312 
THR H2   H N N 313 
THR HA   H N N 314 
THR HB   H N N 315 
THR HG1  H N N 316 
THR HG21 H N N 317 
THR HG22 H N N 318 
THR HG23 H N N 319 
THR HXT  H N N 320 
TRP N    N N N 321 
TRP CA   C N S 322 
TRP C    C N N 323 
TRP O    O N N 324 
TRP CB   C N N 325 
TRP CG   C Y N 326 
TRP CD1  C Y N 327 
TRP CD2  C Y N 328 
TRP NE1  N Y N 329 
TRP CE2  C Y N 330 
TRP CE3  C Y N 331 
TRP CZ2  C Y N 332 
TRP CZ3  C Y N 333 
TRP CH2  C Y N 334 
TRP OXT  O N N 335 
TRP H    H N N 336 
TRP H2   H N N 337 
TRP HA   H N N 338 
TRP HB2  H N N 339 
TRP HB3  H N N 340 
TRP HD1  H N N 341 
TRP HE1  H N N 342 
TRP HE3  H N N 343 
TRP HZ2  H N N 344 
TRP HZ3  H N N 345 
TRP HH2  H N N 346 
TRP HXT  H N N 347 
TYR N    N N N 348 
TYR CA   C N S 349 
TYR C    C N N 350 
TYR O    O N N 351 
TYR CB   C N N 352 
TYR CG   C Y N 353 
TYR CD1  C Y N 354 
TYR CD2  C Y N 355 
TYR CE1  C Y N 356 
TYR CE2  C Y N 357 
TYR CZ   C Y N 358 
TYR OH   O N N 359 
TYR OXT  O N N 360 
TYR H    H N N 361 
TYR H2   H N N 362 
TYR HA   H N N 363 
TYR HB2  H N N 364 
TYR HB3  H N N 365 
TYR HD1  H N N 366 
TYR HD2  H N N 367 
TYR HE1  H N N 368 
TYR HE2  H N N 369 
TYR HH   H N N 370 
TYR HXT  H N N 371 
VAL N    N N N 372 
VAL CA   C N S 373 
VAL C    C N N 374 
VAL O    O N N 375 
VAL CB   C N N 376 
VAL CG1  C N N 377 
VAL CG2  C N N 378 
VAL OXT  O N N 379 
VAL H    H N N 380 
VAL H2   H N N 381 
VAL HA   H N N 382 
VAL HB   H N N 383 
VAL HG11 H N N 384 
VAL HG12 H N N 385 
VAL HG13 H N N 386 
VAL HG21 H N N 387 
VAL HG22 H N N 388 
VAL HG23 H N N 389 
VAL HXT  H N N 390 
# 
loop_
_chem_comp_bond.comp_id 
_chem_comp_bond.atom_id_1 
_chem_comp_bond.atom_id_2 
_chem_comp_bond.value_order 
_chem_comp_bond.pdbx_aromatic_flag 
_chem_comp_bond.pdbx_stereo_config 
_chem_comp_bond.pdbx_ordinal 
ALA N   CA   sing N N 1   
ALA N   H    sing N N 2   
ALA N   H2   sing N N 3   
ALA CA  C    sing N N 4   
ALA CA  CB   sing N N 5   
ALA CA  HA   sing N N 6   
ALA C   O    doub N N 7   
ALA C   OXT  sing N N 8   
ALA CB  HB1  sing N N 9   
ALA CB  HB2  sing N N 10  
ALA CB  HB3  sing N N 11  
ALA OXT HXT  sing N N 12  
ARG N   CA   sing N N 13  
ARG N   H    sing N N 14  
ARG N   H2   sing N N 15  
ARG CA  C    sing N N 16  
ARG CA  CB   sing N N 17  
ARG CA  HA   sing N N 18  
ARG C   O    doub N N 19  
ARG C   OXT  sing N N 20  
ARG CB  CG   sing N N 21  
ARG CB  HB2  sing N N 22  
ARG CB  HB3  sing N N 23  
ARG CG  CD   sing N N 24  
ARG CG  HG2  sing N N 25  
ARG CG  HG3  sing N N 26  
ARG CD  NE   sing N N 27  
ARG CD  HD2  sing N N 28  
ARG CD  HD3  sing N N 29  
ARG NE  CZ   sing N N 30  
ARG NE  HE   sing N N 31  
ARG CZ  NH1  sing N N 32  
ARG CZ  NH2  doub N N 33  
ARG NH1 HH11 sing N N 34  
ARG NH1 HH12 sing N N 35  
ARG NH2 HH21 sing N N 36  
ARG NH2 HH22 sing N N 37  
ARG OXT HXT  sing N N 38  
ASN N   CA   sing N N 39  
ASN N   H    sing N N 40  
ASN N   H2   sing N N 41  
ASN CA  C    sing N N 42  
ASN CA  CB   sing N N 43  
ASN CA  HA   sing N N 44  
ASN C   O    doub N N 45  
ASN C   OXT  sing N N 46  
ASN CB  CG   sing N N 47  
ASN CB  HB2  sing N N 48  
ASN CB  HB3  sing N N 49  
ASN CG  OD1  doub N N 50  
ASN CG  ND2  sing N N 51  
ASN ND2 HD21 sing N N 52  
ASN ND2 HD22 sing N N 53  
ASN OXT HXT  sing N N 54  
ASP N   CA   sing N N 55  
ASP N   H    sing N N 56  
ASP N   H2   sing N N 57  
ASP CA  C    sing N N 58  
ASP CA  CB   sing N N 59  
ASP CA  HA   sing N N 60  
ASP C   O    doub N N 61  
ASP C   OXT  sing N N 62  
ASP CB  CG   sing N N 63  
ASP CB  HB2  sing N N 64  
ASP CB  HB3  sing N N 65  
ASP CG  OD1  doub N N 66  
ASP CG  OD2  sing N N 67  
ASP OD2 HD2  sing N N 68  
ASP OXT HXT  sing N N 69  
CYS N   CA   sing N N 70  
CYS N   H    sing N N 71  
CYS N   H2   sing N N 72  
CYS CA  C    sing N N 73  
CYS CA  CB   sing N N 74  
CYS CA  HA   sing N N 75  
CYS C   O    doub N N 76  
CYS C   OXT  sing N N 77  
CYS CB  SG   sing N N 78  
CYS CB  HB2  sing N N 79  
CYS CB  HB3  sing N N 80  
CYS SG  HG   sing N N 81  
CYS OXT HXT  sing N N 82  
GLN N   CA   sing N N 83  
GLN N   H    sing N N 84  
GLN N   H2   sing N N 85  
GLN CA  C    sing N N 86  
GLN CA  CB   sing N N 87  
GLN CA  HA   sing N N 88  
GLN C   O    doub N N 89  
GLN C   OXT  sing N N 90  
GLN CB  CG   sing N N 91  
GLN CB  HB2  sing N N 92  
GLN CB  HB3  sing N N 93  
GLN CG  CD   sing N N 94  
GLN CG  HG2  sing N N 95  
GLN CG  HG3  sing N N 96  
GLN CD  OE1  doub N N 97  
GLN CD  NE2  sing N N 98  
GLN NE2 HE21 sing N N 99  
GLN NE2 HE22 sing N N 100 
GLN OXT HXT  sing N N 101 
GLU N   CA   sing N N 102 
GLU N   H    sing N N 103 
GLU N   H2   sing N N 104 
GLU CA  C    sing N N 105 
GLU CA  CB   sing N N 106 
GLU CA  HA   sing N N 107 
GLU C   O    doub N N 108 
GLU C   OXT  sing N N 109 
GLU CB  CG   sing N N 110 
GLU CB  HB2  sing N N 111 
GLU CB  HB3  sing N N 112 
GLU CG  CD   sing N N 113 
GLU CG  HG2  sing N N 114 
GLU CG  HG3  sing N N 115 
GLU CD  OE1  doub N N 116 
GLU CD  OE2  sing N N 117 
GLU OE2 HE2  sing N N 118 
GLU OXT HXT  sing N N 119 
GLY N   CA   sing N N 120 
GLY N   H    sing N N 121 
GLY N   H2   sing N N 122 
GLY CA  C    sing N N 123 
GLY CA  HA2  sing N N 124 
GLY CA  HA3  sing N N 125 
GLY C   O    doub N N 126 
GLY C   OXT  sing N N 127 
GLY OXT HXT  sing N N 128 
HIS N   CA   sing N N 129 
HIS N   H    sing N N 130 
HIS N   H2   sing N N 131 
HIS CA  C    sing N N 132 
HIS CA  CB   sing N N 133 
HIS CA  HA   sing N N 134 
HIS C   O    doub N N 135 
HIS C   OXT  sing N N 136 
HIS CB  CG   sing N N 137 
HIS CB  HB2  sing N N 138 
HIS CB  HB3  sing N N 139 
HIS CG  ND1  sing Y N 140 
HIS CG  CD2  doub Y N 141 
HIS ND1 CE1  doub Y N 142 
HIS ND1 HD1  sing N N 143 
HIS CD2 NE2  sing Y N 144 
HIS CD2 HD2  sing N N 145 
HIS CE1 NE2  sing Y N 146 
HIS CE1 HE1  sing N N 147 
HIS NE2 HE2  sing N N 148 
HIS OXT HXT  sing N N 149 
HOH O   H1   sing N N 150 
HOH O   H2   sing N N 151 
ILE N   CA   sing N N 152 
ILE N   H    sing N N 153 
ILE N   H2   sing N N 154 
ILE CA  C    sing N N 155 
ILE CA  CB   sing N N 156 
ILE CA  HA   sing N N 157 
ILE C   O    doub N N 158 
ILE C   OXT  sing N N 159 
ILE CB  CG1  sing N N 160 
ILE CB  CG2  sing N N 161 
ILE CB  HB   sing N N 162 
ILE CG1 CD1  sing N N 163 
ILE CG1 HG12 sing N N 164 
ILE CG1 HG13 sing N N 165 
ILE CG2 HG21 sing N N 166 
ILE CG2 HG22 sing N N 167 
ILE CG2 HG23 sing N N 168 
ILE CD1 HD11 sing N N 169 
ILE CD1 HD12 sing N N 170 
ILE CD1 HD13 sing N N 171 
ILE OXT HXT  sing N N 172 
LEU N   CA   sing N N 173 
LEU N   H    sing N N 174 
LEU N   H2   sing N N 175 
LEU CA  C    sing N N 176 
LEU CA  CB   sing N N 177 
LEU CA  HA   sing N N 178 
LEU C   O    doub N N 179 
LEU C   OXT  sing N N 180 
LEU CB  CG   sing N N 181 
LEU CB  HB2  sing N N 182 
LEU CB  HB3  sing N N 183 
LEU CG  CD1  sing N N 184 
LEU CG  CD2  sing N N 185 
LEU CG  HG   sing N N 186 
LEU CD1 HD11 sing N N 187 
LEU CD1 HD12 sing N N 188 
LEU CD1 HD13 sing N N 189 
LEU CD2 HD21 sing N N 190 
LEU CD2 HD22 sing N N 191 
LEU CD2 HD23 sing N N 192 
LEU OXT HXT  sing N N 193 
LYS N   CA   sing N N 194 
LYS N   H    sing N N 195 
LYS N   H2   sing N N 196 
LYS CA  C    sing N N 197 
LYS CA  CB   sing N N 198 
LYS CA  HA   sing N N 199 
LYS C   O    doub N N 200 
LYS C   OXT  sing N N 201 
LYS CB  CG   sing N N 202 
LYS CB  HB2  sing N N 203 
LYS CB  HB3  sing N N 204 
LYS CG  CD   sing N N 205 
LYS CG  HG2  sing N N 206 
LYS CG  HG3  sing N N 207 
LYS CD  CE   sing N N 208 
LYS CD  HD2  sing N N 209 
LYS CD  HD3  sing N N 210 
LYS CE  NZ   sing N N 211 
LYS CE  HE2  sing N N 212 
LYS CE  HE3  sing N N 213 
LYS NZ  HZ1  sing N N 214 
LYS NZ  HZ2  sing N N 215 
LYS NZ  HZ3  sing N N 216 
LYS OXT HXT  sing N N 217 
MET N   CA   sing N N 218 
MET N   H    sing N N 219 
MET N   H2   sing N N 220 
MET CA  C    sing N N 221 
MET CA  CB   sing N N 222 
MET CA  HA   sing N N 223 
MET C   O    doub N N 224 
MET C   OXT  sing N N 225 
MET CB  CG   sing N N 226 
MET CB  HB2  sing N N 227 
MET CB  HB3  sing N N 228 
MET CG  SD   sing N N 229 
MET CG  HG2  sing N N 230 
MET CG  HG3  sing N N 231 
MET SD  CE   sing N N 232 
MET CE  HE1  sing N N 233 
MET CE  HE2  sing N N 234 
MET CE  HE3  sing N N 235 
MET OXT HXT  sing N N 236 
PHE N   CA   sing N N 237 
PHE N   H    sing N N 238 
PHE N   H2   sing N N 239 
PHE CA  C    sing N N 240 
PHE CA  CB   sing N N 241 
PHE CA  HA   sing N N 242 
PHE C   O    doub N N 243 
PHE C   OXT  sing N N 244 
PHE CB  CG   sing N N 245 
PHE CB  HB2  sing N N 246 
PHE CB  HB3  sing N N 247 
PHE CG  CD1  doub Y N 248 
PHE CG  CD2  sing Y N 249 
PHE CD1 CE1  sing Y N 250 
PHE CD1 HD1  sing N N 251 
PHE CD2 CE2  doub Y N 252 
PHE CD2 HD2  sing N N 253 
PHE CE1 CZ   doub Y N 254 
PHE CE1 HE1  sing N N 255 
PHE CE2 CZ   sing Y N 256 
PHE CE2 HE2  sing N N 257 
PHE CZ  HZ   sing N N 258 
PHE OXT HXT  sing N N 259 
PRO N   CA   sing N N 260 
PRO N   CD   sing N N 261 
PRO N   H    sing N N 262 
PRO CA  C    sing N N 263 
PRO CA  CB   sing N N 264 
PRO CA  HA   sing N N 265 
PRO C   O    doub N N 266 
PRO C   OXT  sing N N 267 
PRO CB  CG   sing N N 268 
PRO CB  HB2  sing N N 269 
PRO CB  HB3  sing N N 270 
PRO CG  CD   sing N N 271 
PRO CG  HG2  sing N N 272 
PRO CG  HG3  sing N N 273 
PRO CD  HD2  sing N N 274 
PRO CD  HD3  sing N N 275 
PRO OXT HXT  sing N N 276 
SER N   CA   sing N N 277 
SER N   H    sing N N 278 
SER N   H2   sing N N 279 
SER CA  C    sing N N 280 
SER CA  CB   sing N N 281 
SER CA  HA   sing N N 282 
SER C   O    doub N N 283 
SER C   OXT  sing N N 284 
SER CB  OG   sing N N 285 
SER CB  HB2  sing N N 286 
SER CB  HB3  sing N N 287 
SER OG  HG   sing N N 288 
SER OXT HXT  sing N N 289 
THR N   CA   sing N N 290 
THR N   H    sing N N 291 
THR N   H2   sing N N 292 
THR CA  C    sing N N 293 
THR CA  CB   sing N N 294 
THR CA  HA   sing N N 295 
THR C   O    doub N N 296 
THR C   OXT  sing N N 297 
THR CB  OG1  sing N N 298 
THR CB  CG2  sing N N 299 
THR CB  HB   sing N N 300 
THR OG1 HG1  sing N N 301 
THR CG2 HG21 sing N N 302 
THR CG2 HG22 sing N N 303 
THR CG2 HG23 sing N N 304 
THR OXT HXT  sing N N 305 
TRP N   CA   sing N N 306 
TRP N   H    sing N N 307 
TRP N   H2   sing N N 308 
TRP CA  C    sing N N 309 
TRP CA  CB   sing N N 310 
TRP CA  HA   sing N N 311 
TRP C   O    doub N N 312 
TRP C   OXT  sing N N 313 
TRP CB  CG   sing N N 314 
TRP CB  HB2  sing N N 315 
TRP CB  HB3  sing N N 316 
TRP CG  CD1  doub Y N 317 
TRP CG  CD2  sing Y N 318 
TRP CD1 NE1  sing Y N 319 
TRP CD1 HD1  sing N N 320 
TRP CD2 CE2  doub Y N 321 
TRP CD2 CE3  sing Y N 322 
TRP NE1 CE2  sing Y N 323 
TRP NE1 HE1  sing N N 324 
TRP CE2 CZ2  sing Y N 325 
TRP CE3 CZ3  doub Y N 326 
TRP CE3 HE3  sing N N 327 
TRP CZ2 CH2  doub Y N 328 
TRP CZ2 HZ2  sing N N 329 
TRP CZ3 CH2  sing Y N 330 
TRP CZ3 HZ3  sing N N 331 
TRP CH2 HH2  sing N N 332 
TRP OXT HXT  sing N N 333 
TYR N   CA   sing N N 334 
TYR N   H    sing N N 335 
TYR N   H2   sing N N 336 
TYR CA  C    sing N N 337 
TYR CA  CB   sing N N 338 
TYR CA  HA   sing N N 339 
TYR C   O    doub N N 340 
TYR C   OXT  sing N N 341 
TYR CB  CG   sing N N 342 
TYR CB  HB2  sing N N 343 
TYR CB  HB3  sing N N 344 
TYR CG  CD1  doub Y N 345 
TYR CG  CD2  sing Y N 346 
TYR CD1 CE1  sing Y N 347 
TYR CD1 HD1  sing N N 348 
TYR CD2 CE2  doub Y N 349 
TYR CD2 HD2  sing N N 350 
TYR CE1 CZ   doub Y N 351 
TYR CE1 HE1  sing N N 352 
TYR CE2 CZ   sing Y N 353 
TYR CE2 HE2  sing N N 354 
TYR CZ  OH   sing N N 355 
TYR OH  HH   sing N N 356 
TYR OXT HXT  sing N N 357 
VAL N   CA   sing N N 358 
VAL N   H    sing N N 359 
VAL N   H2   sing N N 360 
VAL CA  C    sing N N 361 
VAL CA  CB   sing N N 362 
VAL CA  HA   sing N N 363 
VAL C   O    doub N N 364 
VAL C   OXT  sing N N 365 
VAL CB  CG1  sing N N 366 
VAL CB  CG2  sing N N 367 
VAL CB  HB   sing N N 368 
VAL CG1 HG11 sing N N 369 
VAL CG1 HG12 sing N N 370 
VAL CG1 HG13 sing N N 371 
VAL CG2 HG21 sing N N 372 
VAL CG2 HG22 sing N N 373 
VAL CG2 HG23 sing N N 374 
VAL OXT HXT  sing N N 375 
# 
_pdbx_initial_refinement_model.id               1 
_pdbx_initial_refinement_model.entity_id_list   ? 
_pdbx_initial_refinement_model.type             'experimental model' 
_pdbx_initial_refinement_model.source_name      PDB 
_pdbx_initial_refinement_model.accession_code   1ERT 
_pdbx_initial_refinement_model.details          'Pdb entry 1ert polyala' 
# 
_atom_sites.entry_id                    1R26 
_atom_sites.fract_transf_matrix[1][1]   0.02086535 
_atom_sites.fract_transf_matrix[1][2]   0.01429954 
_atom_sites.fract_transf_matrix[1][3]   -0.00756129 
_atom_sites.fract_transf_matrix[2][1]   0.00493988 
_atom_sites.fract_transf_matrix[2][2]   -0.01384688 
_atom_sites.fract_transf_matrix[2][3]   -0.01255494 
_atom_sites.fract_transf_matrix[3][1]   -0.00970338 
_atom_sites.fract_transf_matrix[3][2]   0.00766805 
_atom_sites.fract_transf_matrix[3][3]   -0.01227502 
_atom_sites.fract_transf_vector[1]      -0.488116 
_atom_sites.fract_transf_vector[2]      -0.134900 
_atom_sites.fract_transf_vector[3]      0.827995 
# 
loop_
_atom_type.symbol 
C 
N 
O 
S 
# 
loop_
_atom_site.group_PDB 
_atom_site.id 
_atom_site.type_symbol 
_atom_site.label_atom_id 
_atom_site.label_alt_id 
_atom_site.label_comp_id 
_atom_site.label_asym_id 
_atom_site.label_entity_id 
_atom_site.label_seq_id 
_atom_site.pdbx_PDB_ins_code 
_atom_site.Cartn_x 
_atom_site.Cartn_y 
_atom_site.Cartn_z 
_atom_site.occupancy 
_atom_site.B_iso_or_equiv 
_atom_site.pdbx_formal_charge 
_atom_site.auth_seq_id 
_atom_site.auth_comp_id 
_atom_site.auth_asym_id 
_atom_site.auth_atom_id 
_atom_site.pdbx_PDB_model_num 
ATOM   1    N N   . ILE A 1 12  ? 9.939   -9.373  11.053  1.00 29.22 ? -7  ILE A N   1 
ATOM   2    C CA  . ILE A 1 12  ? 10.319  -10.436 10.085  1.00 27.86 ? -7  ILE A CA  1 
ATOM   3    C C   . ILE A 1 12  ? 9.334   -10.384 8.915   1.00 26.13 ? -7  ILE A C   1 
ATOM   4    O O   . ILE A 1 12  ? 8.173   -9.995  9.072   1.00 26.06 ? -7  ILE A O   1 
ATOM   5    C CB  . ILE A 1 12  ? 10.362  -11.863 10.770  1.00 29.16 ? -7  ILE A CB  1 
ATOM   6    C CG1 . ILE A 1 12  ? 11.096  -12.875 9.890   1.00 30.14 ? -7  ILE A CG1 1 
ATOM   7    C CG2 . ILE A 1 12  ? 8.976   -12.373 11.111  1.00 30.92 ? -7  ILE A CG2 1 
ATOM   8    C CD1 . ILE A 1 12  ? 11.581  -14.143 10.629  1.00 31.90 ? -7  ILE A CD1 1 
ATOM   9    N N   . ARG A 1 13  ? 9.825   -10.733 7.733   1.00 22.73 ? -6  ARG A N   1 
ATOM   10   C CA  . ARG A 1 13  ? 8.974   -10.990 6.577   1.00 20.45 ? -6  ARG A CA  1 
ATOM   11   C C   . ARG A 1 13  ? 9.176   -12.437 6.176   1.00 18.35 ? -6  ARG A C   1 
ATOM   12   O O   . ARG A 1 13  ? 10.222  -13.028 6.466   1.00 18.75 ? -6  ARG A O   1 
ATOM   13   C CB  . ARG A 1 13  ? 9.343   -10.068 5.402   1.00 19.93 ? -6  ARG A CB  1 
ATOM   14   C CG  . ARG A 1 13  ? 9.181   -8.569  5.720   1.00 18.17 ? -6  ARG A CG  1 
ATOM   15   C CD  . ARG A 1 13  ? 9.703   -7.623  4.663   1.00 18.72 ? -6  ARG A CD  1 
ATOM   16   N NE  . ARG A 1 13  ? 8.837   -7.635  3.483   1.00 16.46 ? -6  ARG A NE  1 
ATOM   17   C CZ  . ARG A 1 13  ? 9.061   -6.902  2.406   1.00 16.69 ? -6  ARG A CZ  1 
ATOM   18   N NH1 . ARG A 1 13  ? 10.118  -6.120  2.331   1.00 20.31 ? -6  ARG A NH1 1 
ATOM   19   N NH2 . ARG A 1 13  ? 8.242   -6.981  1.380   1.00 15.11 ? -6  ARG A NH2 1 
ATOM   20   N N   . MET A 1 14  ? 8.166   -12.993 5.507   1.00 16.82 ? -5  MET A N   1 
ATOM   21   C CA  . MET A 1 14  ? 8.222   -14.333 4.961   1.00 16.31 ? -5  MET A CA  1 
ATOM   22   C C   . MET A 1 14  ? 9.427   -14.446 4.031   1.00 14.97 ? -5  MET A C   1 
ATOM   23   O O   . MET A 1 14  ? 9.657   -13.587 3.191   1.00 15.06 ? -5  MET A O   1 
ATOM   24   C CB  . MET A 1 14  ? 6.925   -14.593 4.187   1.00 16.92 ? -5  MET A CB  1 
ATOM   25   C CG  . MET A 1 14  ? 6.809   -15.947 3.557   1.00 18.19 ? -5  MET A CG  1 
ATOM   26   S SD  . MET A 1 14  ? 5.359   -16.079 2.434   1.00 23.76 ? -5  MET A SD  1 
ATOM   27   C CE  . MET A 1 14  ? 5.210   -17.876 2.129   1.00 23.20 ? -5  MET A CE  1 
ATOM   28   N N   . ARG A 1 15  ? 10.186  -15.510 4.185   1.00 13.20 ? -4  ARG A N   1 
ATOM   29   C CA  . ARG A 1 15  ? 11.303  -15.786 3.294   1.00 12.81 ? -4  ARG A CA  1 
ATOM   30   C C   . ARG A 1 15  ? 10.768  -16.355 1.999   1.00 11.49 ? -4  ARG A C   1 
ATOM   31   O O   . ARG A 1 15  ? 9.625   -16.860 1.916   1.00 11.40 ? -4  ARG A O   1 
ATOM   32   C CB  . ARG A 1 15  ? 12.284  -16.802 3.918   1.00 12.84 ? -4  ARG A CB  1 
ATOM   33   C CG  . ARG A 1 15  ? 11.792  -18.293 3.834   1.00 15.23 ? -4  ARG A CG  1 
ATOM   34   C CD  . ARG A 1 15  ? 12.652  -19.327 4.596   1.00 17.29 ? -4  ARG A CD  1 
ATOM   35   N NE  . ARG A 1 15  ? 12.734  -18.970 6.014   1.00 18.03 ? -4  ARG A NE  1 
ATOM   36   C CZ  . ARG A 1 15  ? 13.654  -19.417 6.867   1.00 20.58 ? -4  ARG A CZ  1 
ATOM   37   N NH1 . ARG A 1 15  ? 14.606  -20.247 6.466   1.00 21.22 ? -4  ARG A NH1 1 
ATOM   38   N NH2 . ARG A 1 15  ? 13.634  -19.008 8.128   1.00 23.63 ? -4  ARG A NH2 1 
ATOM   39   N N   . ALA A 1 16  ? 11.618  -16.323 0.981   1.00 10.62 ? -3  ALA A N   1 
ATOM   40   C CA  . ALA A 1 16  ? 11.374  -17.051 -0.265  1.00 10.35 ? -3  ALA A CA  1 
ATOM   41   C C   . ALA A 1 16  ? 10.004  -16.695 -0.807  1.00 9.78  ? -3  ALA A C   1 
ATOM   42   O O   . ALA A 1 16  ? 9.098   -17.514 -0.955  1.00 9.36  ? -3  ALA A O   1 
ATOM   43   C CB  . ALA A 1 16  ? 11.518  -18.553 -0.092  1.00 10.61 ? -3  ALA A CB  1 
ATOM   44   N N   . ARG A 1 17  ? 9.884   -15.424 -1.166  1.00 9.77  ? -2  ARG A N   1 
ATOM   45   C CA  . ARG A 1 17  ? 8.606   -14.852 -1.599  1.00 10.36 ? -2  ARG A CA  1 
ATOM   46   C C   . ARG A 1 17  ? 8.822   -14.022 -2.865  1.00 10.12 ? -2  ARG A C   1 
ATOM   47   O O   . ARG A 1 17  ? 9.775   -13.269 -2.941  1.00 10.38 ? -2  ARG A O   1 
ATOM   48   C CB  . ARG A 1 17  ? 8.042   -13.981 -0.483  1.00 10.91 ? -2  ARG A CB  1 
ATOM   49   C CG  . ARG A 1 17  ? 6.638   -13.514 -0.725  1.00 12.50 ? -2  ARG A CG  1 
ATOM   50   C CD  . ARG A 1 17  ? 5.985   -12.787 0.460   1.00 12.56 ? -2  ARG A CD  1 
ATOM   51   N NE  . ARG A 1 17  ? 4.581   -12.529 0.162   1.00 13.85 ? -2  ARG A NE  1 
ATOM   52   C CZ  . ARG A 1 17  ? 4.144   -11.520 -0.583  1.00 12.72 ? -2  ARG A CZ  1 
ATOM   53   N NH1 . ARG A 1 17  ? 4.986   -10.603 -1.059  1.00 14.11 ? -2  ARG A NH1 1 
ATOM   54   N NH2 . ARG A 1 17  ? 2.851   -11.445 -0.819  1.00 15.79 ? -2  ARG A NH2 1 
ATOM   55   N N   . TYR A 1 18  ? 7.974   -14.183 -3.873  1.00 10.54 ? -1  TYR A N   1 
ATOM   56   C CA  . TYR A 1 18  ? 8.013   -13.276 -5.030  1.00 10.52 ? -1  TYR A CA  1 
ATOM   57   C C   . TYR A 1 18  ? 7.485   -11.893 -4.598  1.00 11.52 ? -1  TYR A C   1 
ATOM   58   O O   . TYR A 1 18  ? 6.401   -11.854 -4.002  1.00 11.59 ? -1  TYR A O   1 
ATOM   59   C CB  . TYR A 1 18  ? 7.181   -13.821 -6.208  1.00 10.55 ? -1  TYR A CB  1 
ATOM   60   C CG  . TYR A 1 18  ? 7.343   -13.007 -7.450  1.00 10.25 ? -1  TYR A CG  1 
ATOM   61   C CD1 . TYR A 1 18  ? 8.531   -13.024 -8.153  1.00 11.75 ? -1  TYR A CD1 1 
ATOM   62   C CD2 . TYR A 1 18  ? 6.337   -12.147 -7.882  1.00 11.49 ? -1  TYR A CD2 1 
ATOM   63   C CE1 . TYR A 1 18  ? 8.708   -12.253 -9.257  1.00 11.73 ? -1  TYR A CE1 1 
ATOM   64   C CE2 . TYR A 1 18  ? 6.527   -11.364 -8.981  1.00 12.23 ? -1  TYR A CE2 1 
ATOM   65   C CZ  . TYR A 1 18  ? 7.707   -11.425 -9.659  1.00 12.32 ? -1  TYR A CZ  1 
ATOM   66   O OH  . TYR A 1 18  ? 7.932   -10.644 -10.781 1.00 14.76 ? -1  TYR A OH  1 
ATOM   67   N N   . PRO A 1 19  ? 8.215   -10.807 -4.871  1.00 12.37 ? 0   PRO A N   1 
ATOM   68   C CA  . PRO A 1 19  ? 7.770   -9.448  -4.478  1.00 13.52 ? 0   PRO A CA  1 
ATOM   69   C C   . PRO A 1 19  ? 6.503   -9.045  -5.168  1.00 14.75 ? 0   PRO A C   1 
ATOM   70   O O   . PRO A 1 19  ? 6.320   -9.142  -6.392  1.00 16.30 ? 0   PRO A O   1 
ATOM   71   C CB  . PRO A 1 19  ? 8.892   -8.521  -4.947  1.00 15.18 ? 0   PRO A CB  1 
ATOM   72   C CG  . PRO A 1 19  ? 9.996   -9.386  -5.403  1.00 15.24 ? 0   PRO A CG  1 
ATOM   73   C CD  . PRO A 1 19  ? 9.530   -10.784 -5.528  1.00 13.27 ? 0   PRO A CD  1 
ATOM   74   N N   . SER A 1 20  ? 5.430   -8.846  -4.277  1.00 13.23 ? 1   SER A N   1 
ATOM   75   C CA  . SER A 1 20  ? 4.010   -8.778  -4.693  1.00 12.68 ? 1   SER A CA  1 
ATOM   76   C C   . SER A 1 20  ? 3.217   -8.356  -3.481  1.00 12.14 ? 1   SER A C   1 
ATOM   77   O O   . SER A 1 20  ? 3.721   -8.381  -2.366  1.00 11.59 ? 1   SER A O   1 
ATOM   78   C CB  . SER A 1 20  ? 3.537   -10.130 -5.213  1.00 13.51 ? 1   SER A CB  1 
ATOM   79   O OG  . SER A 1 20  ? 3.693   -11.135 -4.223  1.00 15.69 ? 1   SER A OG  1 
ATOM   80   N N   . VAL A 1 21  ? 1.972   -7.972  -3.691  1.00 12.16 ? 2   VAL A N   1 
ATOM   81   C CA  . VAL A 1 21  ? 1.161   -7.495  -2.576  1.00 12.67 ? 2   VAL A CA  1 
ATOM   82   C C   . VAL A 1 21  ? 0.860   -8.590  -1.586  1.00 12.97 ? 2   VAL A C   1 
ATOM   83   O O   . VAL A 1 21  ? 0.823   -9.801  -1.920  1.00 14.18 ? 2   VAL A O   1 
ATOM   84   C CB  . VAL A 1 21  ? -0.176  -6.855  -3.005  1.00 13.14 ? 2   VAL A CB  1 
ATOM   85   C CG1 . VAL A 1 21  ? 0.072   -5.706  -3.901  1.00 12.44 ? 2   VAL A CG1 1 
ATOM   86   C CG2 . VAL A 1 21  ? -1.129  -7.850  -3.646  1.00 14.43 ? 2   VAL A CG2 1 
ATOM   87   N N   . VAL A 1 22  ? 0.682   -8.176  -0.341  1.00 12.29 ? 3   VAL A N   1 
ATOM   88   C CA  . VAL A 1 22  ? 0.026   -8.948  0.697   1.00 13.17 ? 3   VAL A CA  1 
ATOM   89   C C   . VAL A 1 22  ? -1.432  -8.486  0.760   1.00 12.56 ? 3   VAL A C   1 
ATOM   90   O O   . VAL A 1 22  ? -1.689  -7.290  0.912   1.00 12.19 ? 3   VAL A O   1 
ATOM   91   C CB  . VAL A 1 22  ? 0.674   -8.686  2.037   1.00 14.77 ? 3   VAL A CB  1 
ATOM   92   C CG1 . VAL A 1 22  ? -0.047  -9.439  3.143   1.00 17.69 ? 3   VAL A CG1 1 
ATOM   93   C CG2 . VAL A 1 22  ? 2.148   -9.055  2.004   1.00 15.59 ? 3   VAL A CG2 1 
ATOM   94   N N   . ASP A 1 23  ? -2.388  -9.389  0.676   1.00 12.55 ? 4   ASP A N   1 
ATOM   95   C CA  . ASP A 1 23  ? -3.783  -9.007  0.756   1.00 12.66 ? 4   ASP A CA  1 
ATOM   96   C C   . ASP A 1 23  ? -4.202  -8.848  2.197   1.00 12.48 ? 4   ASP A C   1 
ATOM   97   O O   . ASP A 1 23  ? -3.879  -9.685  3.045   1.00 13.51 ? 4   ASP A O   1 
ATOM   98   C CB  . ASP A 1 23  ? -4.638  -10.079 0.083   1.00 13.78 ? 4   ASP A CB  1 
ATOM   99   C CG  . ASP A 1 23  ? -4.377  -10.175 -1.382  1.00 16.27 ? 4   ASP A CG  1 
ATOM   100  O OD1 . ASP A 1 23  ? -4.516  -9.173  -2.095  1.00 17.32 ? 4   ASP A OD1 1 
ATOM   101  O OD2 . ASP A 1 23  ? -3.972  -11.233 -1.931  1.00 23.00 ? 4   ASP A OD2 1 
ATOM   102  N N   . VAL A 1 24  ? -4.915  -7.763  2.475   1.00 11.31 ? 5   VAL A N   1 
ATOM   103  C CA  . VAL A 1 24  ? -5.377  -7.434  3.779   1.00 12.35 ? 5   VAL A CA  1 
ATOM   104  C C   . VAL A 1 24  ? -6.853  -7.833  3.889   1.00 12.21 ? 5   VAL A C   1 
ATOM   105  O O   . VAL A 1 24  ? -7.668  -7.480  3.036   1.00 13.44 ? 5   VAL A O   1 
ATOM   106  C CB  . VAL A 1 24  ? -5.245  -5.915  4.032   1.00 12.67 ? 5   VAL A CB  1 
ATOM   107  C CG1 . VAL A 1 24  ? -5.820  -5.537  5.387   1.00 14.55 ? 5   VAL A CG1 1 
ATOM   108  C CG2 . VAL A 1 24  ? -3.801  -5.501  3.964   1.00 12.71 ? 5   VAL A CG2 1 
ATOM   109  N N   . TYR A 1 25  ? -7.162  -8.552  4.952   1.00 13.81 ? 6   TYR A N   1 
ATOM   110  C CA  . TYR A 1 25  ? -8.499  -9.077  5.177   1.00 15.13 ? 6   TYR A CA  1 
ATOM   111  C C   . TYR A 1 25  ? -9.109  -8.686  6.524   1.00 15.16 ? 6   TYR A C   1 
ATOM   112  O O   . TYR A 1 25  ? -10.280 -8.968  6.734   1.00 16.50 ? 6   TYR A O   1 
ATOM   113  C CB  . TYR A 1 25  ? -8.464  -10.614 5.096   1.00 16.31 ? 6   TYR A CB  1 
ATOM   114  C CG  . TYR A 1 25  ? -8.008  -11.154 3.760   1.00 19.71 ? 6   TYR A CG  1 
ATOM   115  C CD1 . TYR A 1 25  ? -6.838  -11.907 3.644   1.00 23.69 ? 6   TYR A CD1 1 
ATOM   116  C CD2 . TYR A 1 25  ? -8.739  -10.910 2.603   1.00 23.71 ? 6   TYR A CD2 1 
ATOM   117  C CE1 . TYR A 1 25  ? -6.416  -12.409 2.405   1.00 24.89 ? 6   TYR A CE1 1 
ATOM   118  C CE2 . TYR A 1 25  ? -8.318  -11.396 1.362   1.00 24.63 ? 6   TYR A CE2 1 
ATOM   119  C CZ  . TYR A 1 25  ? -7.158  -12.144 1.274   1.00 25.44 ? 6   TYR A CZ  1 
ATOM   120  O OH  . TYR A 1 25  ? -6.768  -12.631 0.039   1.00 29.92 ? 6   TYR A OH  1 
ATOM   121  N N   . SER A 1 26  ? -8.362  -8.074  7.444   1.00 14.74 ? 7   SER A N   1 
ATOM   122  C CA  . SER A 1 26  ? -8.979  -7.663  8.708   1.00 14.19 ? 7   SER A CA  1 
ATOM   123  C C   . SER A 1 26  ? -8.361  -6.400  9.330   1.00 14.12 ? 7   SER A C   1 
ATOM   124  O O   . SER A 1 26  ? -7.206  -6.055  9.064   1.00 12.86 ? 7   SER A O   1 
ATOM   125  C CB  . SER A 1 26  ? -8.973  -8.816  9.716   1.00 15.20 ? 7   SER A CB  1 
ATOM   126  O OG  . SER A 1 26  ? -7.702  -8.954  10.318  1.00 16.20 ? 7   SER A OG  1 
ATOM   127  N N   . VAL A 1 27  ? -9.148  -5.736  10.174  1.00 13.85 ? 8   VAL A N   1 
ATOM   128  C CA  . VAL A 1 27  ? -8.727  -4.540  10.886  1.00 14.18 ? 8   VAL A CA  1 
ATOM   129  C C   . VAL A 1 27  ? -7.505  -4.806  11.789  1.00 14.99 ? 8   VAL A C   1 
ATOM   130  O O   . VAL A 1 27  ? -6.594  -3.997  11.877  1.00 14.29 ? 8   VAL A O   1 
ATOM   131  C CB  . VAL A 1 27  ? -9.911  -3.982  11.705  1.00 15.20 ? 8   VAL A CB  1 
ATOM   132  C CG1 . VAL A 1 27  ? -9.475  -2.931  12.709  1.00 15.76 ? 8   VAL A CG1 1 
ATOM   133  C CG2 . VAL A 1 27  ? -10.958 -3.429  10.787  1.00 15.18 ? 8   VAL A CG2 1 
ATOM   134  N N   . GLU A 1 28  ? -7.477  -5.966  12.439  1.00 15.36 ? 9   GLU A N   1 
ATOM   135  C CA  . GLU A 1 28  ? -6.356  -6.335  13.298  1.00 15.66 ? 9   GLU A CA  1 
ATOM   136  C C   . GLU A 1 28  ? -5.089  -6.657  12.503  1.00 14.96 ? 9   GLU A C   1 
ATOM   137  O O   . GLU A 1 28  ? -4.006  -6.205  12.879  1.00 15.61 ? 9   GLU A O   1 
ATOM   138  C CB  . GLU A 1 28  ? -6.741  -7.506  14.206  1.00 16.49 ? 9   GLU A CB  1 
ATOM   139  C CG  . GLU A 1 28  ? -5.615  -8.025  15.095  1.00 19.02 ? 9   GLU A CG  1 
ATOM   140  C CD  . GLU A 1 28  ? -5.124  -7.043  16.128  1.00 24.42 ? 9   GLU A CD  1 
ATOM   141  O OE1 . GLU A 1 28  ? -5.729  -5.960  16.331  1.00 26.44 ? 9   GLU A OE1 1 
ATOM   142  O OE2 . GLU A 1 28  ? -4.092  -7.373  16.776  1.00 29.17 ? 9   GLU A OE2 1 
ATOM   143  N N   . GLN A 1 29  ? -5.219  -7.438  11.432  1.00 14.98 ? 10  GLN A N   1 
ATOM   144  C CA  . GLN A 1 29  ? -4.097  -7.717  10.544  1.00 14.31 ? 10  GLN A CA  1 
ATOM   145  C C   . GLN A 1 29  ? -3.491  -6.401  10.019  1.00 13.36 ? 10  GLN A C   1 
ATOM   146  O O   . GLN A 1 29  ? -2.282  -6.247  9.977   1.00 13.20 ? 10  GLN A O   1 
ATOM   147  C CB  . GLN A 1 29  ? -4.532  -8.564  9.367   1.00 14.47 ? 10  GLN A CB  1 
ATOM   148  C CG  . GLN A 1 29  ? -3.410  -8.974  8.404   1.00 15.16 ? 10  GLN A CG  1 
ATOM   149  C CD  . GLN A 1 29  ? -3.919  -9.280  7.018   1.00 16.47 ? 10  GLN A CD  1 
ATOM   150  O OE1 . GLN A 1 29  ? -5.108  -9.157  6.762   1.00 20.94 ? 10  GLN A OE1 1 
ATOM   151  N NE2 . GLN A 1 29  ? -3.036  -9.695  6.120   1.00 18.63 ? 10  GLN A NE2 1 
ATOM   152  N N   . PHE A 1 30  ? -4.344  -5.452  9.632   1.00 12.55 ? 11  PHE A N   1 
ATOM   153  C CA  . PHE A 1 30  ? -3.868  -4.170  9.138   1.00 12.40 ? 11  PHE A CA  1 
ATOM   154  C C   . PHE A 1 30  ? -3.057  -3.426  10.200  1.00 11.87 ? 11  PHE A C   1 
ATOM   155  O O   . PHE A 1 30  ? -2.006  -2.886  9.906   1.00 11.41 ? 11  PHE A O   1 
ATOM   156  C CB  . PHE A 1 30  ? -5.028  -3.311  8.690   1.00 11.49 ? 11  PHE A CB  1 
ATOM   157  C CG  . PHE A 1 30  ? -4.620  -2.055  7.967   1.00 10.38 ? 11  PHE A CG  1 
ATOM   158  C CD1 . PHE A 1 30  ? -4.007  -2.117  6.729   1.00 11.11 ? 11  PHE A CD1 1 
ATOM   159  C CD2 . PHE A 1 30  ? -4.828  -0.807  8.527   1.00 10.46 ? 11  PHE A CD2 1 
ATOM   160  C CE1 . PHE A 1 30  ? -3.643  -0.934  6.059   1.00 12.05 ? 11  PHE A CE1 1 
ATOM   161  C CE2 . PHE A 1 30  ? -4.468  0.341   7.864   1.00 10.03 ? 11  PHE A CE2 1 
ATOM   162  C CZ  . PHE A 1 30  ? -3.894  0.279   6.645   1.00 10.67 ? 11  PHE A CZ  1 
ATOM   163  N N   . ARG A 1 31  ? -3.532  -3.404  11.433  1.00 12.97 ? 12  ARG A N   1 
ATOM   164  C CA  . ARG A 1 31  ? -2.814  -2.750  12.508  1.00 14.00 ? 12  ARG A CA  1 
ATOM   165  C C   . ARG A 1 31  ? -1.459  -3.406  12.719  1.00 13.68 ? 12  ARG A C   1 
ATOM   166  O O   . ARG A 1 31  ? -0.449  -2.717  12.899  1.00 13.73 ? 12  ARG A O   1 
ATOM   167  C CB  . ARG A 1 31  ? -3.621  -2.832  13.805  1.00 15.45 ? 12  ARG A CB  1 
ATOM   168  C CG  . ARG A 1 31  ? -3.070  -2.007  14.946  1.00 18.10 ? 12  ARG A CG  1 
ATOM   169  C CD  . ARG A 1 31  ? -3.877  -2.190  16.246  1.00 21.68 ? 12  ARG A CD  1 
ATOM   170  N NE  . ARG A 1 31  ? -3.746  -3.514  16.874  1.00 24.29 ? 12  ARG A NE  1 
ATOM   171  C CZ  . ARG A 1 31  ? -2.712  -3.897  17.625  1.00 25.47 ? 12  ARG A CZ  1 
ATOM   172  N NH1 . ARG A 1 31  ? -1.697  -3.068  17.840  1.00 27.60 ? 12  ARG A NH1 1 
ATOM   173  N NH2 . ARG A 1 31  ? -2.685  -5.118  18.160  1.00 27.10 ? 12  ARG A NH2 1 
ATOM   174  N N   . ASN A 1 32  ? -1.434  -4.741  12.702  1.00 13.84 ? 13  ASN A N   1 
ATOM   175  C CA  . ASN A 1 32  ? -0.175  -5.441  12.905  1.00 14.87 ? 13  ASN A CA  1 
ATOM   176  C C   . ASN A 1 32  ? 0.809   -5.131  11.787  1.00 13.54 ? 13  ASN A C   1 
ATOM   177  O O   . ASN A 1 32  ? 1.988   -4.867  12.034  1.00 14.43 ? 13  ASN A O   1 
ATOM   178  C CB  . ASN A 1 32  ? -0.389  -6.949  12.966  1.00 16.08 ? 13  ASN A CB  1 
ATOM   179  C CG  . ASN A 1 32  ? -1.132  -7.407  14.218  1.00 19.91 ? 13  ASN A CG  1 
ATOM   180  O OD1 . ASN A 1 32  ? -1.106  -6.757  15.252  1.00 24.69 ? 13  ASN A OD1 1 
ATOM   181  N ND2 . ASN A 1 32  ? -1.787  -8.542  14.113  1.00 23.08 ? 13  ASN A ND2 1 
ATOM   182  N N   . ILE A 1 33  ? 0.319   -5.108  10.552  1.00 13.06 ? 14  ILE A N   1 
ATOM   183  C CA  . ILE A 1 33  ? 1.159   -4.791  9.401   1.00 12.64 ? 14  ILE A CA  1 
ATOM   184  C C   . ILE A 1 33  ? 1.768   -3.379  9.517   1.00 12.16 ? 14  ILE A C   1 
ATOM   185  O O   . ILE A 1 33  ? 2.966   -3.186  9.379   1.00 11.57 ? 14  ILE A O   1 
ATOM   186  C CB  . ILE A 1 33  ? 0.348   -4.922  8.073   1.00 12.69 ? 14  ILE A CB  1 
ATOM   187  C CG1 . ILE A 1 33  ? 0.121   -6.411  7.719   1.00 13.42 ? 14  ILE A CG1 1 
ATOM   188  C CG2 . ILE A 1 33  ? 1.047   -4.174  6.906   1.00 13.69 ? 14  ILE A CG2 1 
ATOM   189  C CD1 . ILE A 1 33  ? -0.851  -6.661  6.587   1.00 14.50 ? 14  ILE A CD1 1 
ATOM   190  N N   . MET A 1 34  ? 0.936   -2.393  9.801   1.00 11.34 ? 15  MET A N   1 
ATOM   191  C CA  . MET A 1 34  ? 1.373   -1.012  9.729   1.00 11.52 ? 15  MET A CA  1 
ATOM   192  C C   . MET A 1 34  ? 2.249   -0.648  10.921  1.00 12.51 ? 15  MET A C   1 
ATOM   193  O O   . MET A 1 34  ? 2.973   0.343   10.868  1.00 12.98 ? 15  MET A O   1 
ATOM   194  C CB  . MET A 1 34  ? 0.140   -0.100  9.593   1.00 11.87 ? 15  MET A CB  1 
ATOM   195  C CG  . MET A 1 34  ? -0.648  -0.318  8.279   1.00 11.63 ? 15  MET A CG  1 
ATOM   196  S SD  . MET A 1 34  ? 0.230   0.171   6.774   1.00 12.73 ? 15  MET A SD  1 
ATOM   197  C CE  . MET A 1 34  ? -0.240  1.915   6.655   1.00 13.04 ? 15  MET A CE  1 
ATOM   198  N N   . SER A 1 35  ? 2.172   -1.482  11.968  1.00 13.05 ? 16  SER A N   1 
ATOM   199  C CA  . SER A 1 35  ? 2.978   -1.317  13.182  1.00 14.28 ? 16  SER A CA  1 
ATOM   200  C C   . SER A 1 35  ? 4.370   -1.904  13.063  1.00 14.31 ? 16  SER A C   1 
ATOM   201  O O   . SER A 1 35  ? 5.242   -1.591  13.881  1.00 14.46 ? 16  SER A O   1 
ATOM   202  C CB  . SER A 1 35  ? 2.275   -1.996  14.340  1.00 14.80 ? 16  SER A CB  1 
ATOM   203  O OG  . SER A 1 35  ? 1.095   -1.299  14.631  1.00 20.51 ? 16  SER A OG  1 
ATOM   204  N N   . GLU A 1 36  ? 4.620   -2.728  12.053  1.00 13.74 ? 17  GLU A N   1 
ATOM   205  C CA  . GLU A 1 36  ? 5.942   -3.334  11.905  1.00 15.61 ? 17  GLU A CA  1 
ATOM   206  C C   . GLU A 1 36  ? 6.991   -2.333  11.483  1.00 15.25 ? 17  GLU A C   1 
ATOM   207  O O   . GLU A 1 36  ? 6.702   -1.348  10.815  1.00 13.03 ? 17  GLU A O   1 
ATOM   208  C CB  . GLU A 1 36  ? 5.897   -4.467  10.892  1.00 16.34 ? 17  GLU A CB  1 
ATOM   209  C CG  . GLU A 1 36  ? 5.144   -5.689  11.381  1.00 21.01 ? 17  GLU A CG  1 
ATOM   210  C CD  . GLU A 1 36  ? 5.107   -6.798  10.353  1.00 28.67 ? 17  GLU A CD  1 
ATOM   211  O OE1 . GLU A 1 36  ? 6.067   -7.608  10.310  1.00 34.25 ? 17  GLU A OE1 1 
ATOM   212  O OE2 . GLU A 1 36  ? 4.136   -6.859  9.578   1.00 30.51 ? 17  GLU A OE2 1 
ATOM   213  N N   . ASP A 1 37  ? 8.252   -2.631  11.811  1.00 15.52 ? 18  ASP A N   1 
ATOM   214  C CA  . ASP A 1 37  ? 9.389   -1.830  11.412  1.00 16.10 ? 18  ASP A CA  1 
ATOM   215  C C   . ASP A 1 37  ? 9.851   -2.186  10.003  1.00 16.26 ? 18  ASP A C   1 
ATOM   216  O O   . ASP A 1 37  ? 10.988  -2.592  9.761   1.00 16.19 ? 18  ASP A O   1 
ATOM   217  C CB  . ASP A 1 37  ? 10.525  -2.014  12.427  1.00 16.32 ? 18  ASP A CB  1 
ATOM   218  C CG  . ASP A 1 37  ? 11.643  -1.043  12.233  1.00 20.11 ? 18  ASP A CG  1 
ATOM   219  O OD1 . ASP A 1 37  ? 11.477  -0.008  11.570  1.00 21.24 ? 18  ASP A OD1 1 
ATOM   220  O OD2 . ASP A 1 37  ? 12.763  -1.251  12.737  1.00 26.01 ? 18  ASP A OD2 1 
ATOM   221  N N   . ILE A 1 38  ? 8.938   -2.006  9.063   1.00 14.89 ? 19  ILE A N   1 
ATOM   222  C CA  . ILE A 1 38  ? 9.153   -2.253  7.643   1.00 14.24 ? 19  ILE A CA  1 
ATOM   223  C C   . ILE A 1 38  ? 8.470   -1.093  6.949   1.00 12.45 ? 19  ILE A C   1 
ATOM   224  O O   . ILE A 1 38  ? 7.323   -0.772  7.275   1.00 12.58 ? 19  ILE A O   1 
ATOM   225  C CB  . ILE A 1 38  ? 8.465   -3.564  7.171   1.00 13.97 ? 19  ILE A CB  1 
ATOM   226  C CG1 . ILE A 1 38  ? 8.947   -4.783  7.985   1.00 15.24 ? 19  ILE A CG1 1 
ATOM   227  C CG2 . ILE A 1 38  ? 8.667   -3.743  5.670   1.00 15.55 ? 19  ILE A CG2 1 
ATOM   228  C CD1 . ILE A 1 38  ? 8.051   -6.015  7.936   1.00 18.57 ? 19  ILE A CD1 1 
ATOM   229  N N   . LEU A 1 39  ? 9.146   -0.460  6.007   1.00 11.38 ? 20  LEU A N   1 
ATOM   230  C CA  . LEU A 1 39  ? 8.488   0.554   5.188   1.00 10.77 ? 20  LEU A CA  1 
ATOM   231  C C   . LEU A 1 39  ? 7.372   -0.112  4.406   1.00 10.31 ? 20  LEU A C   1 
ATOM   232  O O   . LEU A 1 39  ? 7.586   -1.044  3.652   1.00 10.90 ? 20  LEU A O   1 
ATOM   233  C CB  . LEU A 1 39  ? 9.464   1.231   4.242   1.00 11.21 ? 20  LEU A CB  1 
ATOM   234  C CG  . LEU A 1 39  ? 8.957   2.414   3.423   1.00 11.75 ? 20  LEU A CG  1 
ATOM   235  C CD1 . LEU A 1 39  ? 8.373   3.493   4.284   1.00 13.52 ? 20  LEU A CD1 1 
ATOM   236  C CD2 . LEU A 1 39  ? 10.109  2.945   2.562   1.00 12.65 ? 20  LEU A CD2 1 
ATOM   237  N N   . THR A 1 40  ? 6.169   0.397   4.606   1.00 9.78  ? 21  THR A N   1 
ATOM   238  C CA  . THR A 1 40  ? 4.934   -0.229  4.150   1.00 9.96  ? 21  THR A CA  1 
ATOM   239  C C   . THR A 1 40  ? 4.043   0.765   3.425   1.00 9.09  ? 21  THR A C   1 
ATOM   240  O O   . THR A 1 40  ? 3.853   1.912   3.848   1.00 10.31 ? 21  THR A O   1 
ATOM   241  C CB  . THR A 1 40  ? 4.171   -0.872  5.334   1.00 10.60 ? 21  THR A CB  1 
ATOM   242  O OG1 . THR A 1 40  ? 5.050   -1.814  5.993   1.00 12.78 ? 21  THR A OG1 1 
ATOM   243  C CG2 . THR A 1 40  ? 2.975   -1.654  4.863   1.00 11.95 ? 21  THR A CG2 1 
ATOM   244  N N   . VAL A 1 41  ? 3.450   0.284   2.342   1.00 8.46  ? 22  VAL A N   1 
ATOM   245  C CA  . VAL A 1 41  ? 2.479   1.023   1.563   1.00 8.25  ? 22  VAL A CA  1 
ATOM   246  C C   . VAL A 1 41  ? 1.146   0.292   1.607   1.00 8.87  ? 22  VAL A C   1 
ATOM   247  O O   . VAL A 1 41  ? 1.044   -0.848  1.139   1.00 9.50  ? 22  VAL A O   1 
ATOM   248  C CB  . VAL A 1 41  ? 2.909   1.165   0.111   1.00 9.16  ? 22  VAL A CB  1 
ATOM   249  C CG1 . VAL A 1 41  ? 1.809   1.862   -0.690  1.00 11.36 ? 22  VAL A CG1 1 
ATOM   250  C CG2 . VAL A 1 41  ? 4.217   1.875   -0.033  1.00 9.81  ? 22  VAL A CG2 1 
ATOM   251  N N   . ALA A 1 42  ? 0.133   0.936   2.163   1.00 8.34  ? 23  ALA A N   1 
ATOM   252  C CA  . ALA A 1 42  ? -1.254  0.470   2.092   1.00 8.78  ? 23  ALA A CA  1 
ATOM   253  C C   . ALA A 1 42  ? -1.861  1.010   0.798   1.00 8.40  ? 23  ALA A C   1 
ATOM   254  O O   . ALA A 1 42  ? -1.955  2.222   0.604   1.00 8.61  ? 23  ALA A O   1 
ATOM   255  C CB  . ALA A 1 42  ? -2.021  0.952   3.305   1.00 9.00  ? 23  ALA A CB  1 
ATOM   256  N N   . TRP A 1 43  ? -2.302  0.095   -0.060  1.00 8.56  ? 24  TRP A N   1 
ATOM   257  C CA  . TRP A 1 43  ? -2.851  0.392   -1.362  1.00 8.57  ? 24  TRP A CA  1 
ATOM   258  C C   . TRP A 1 43  ? -4.356  0.089   -1.327  1.00 8.01  ? 24  TRP A C   1 
ATOM   259  O O   . TRP A 1 43  ? -4.737  -1.077  -1.265  1.00 9.21  ? 24  TRP A O   1 
ATOM   260  C CB  . TRP A 1 43  ? -2.120  -0.439  -2.412  1.00 9.74  ? 24  TRP A CB  1 
ATOM   261  C CG  . TRP A 1 43  ? -2.712  -0.450  -3.773  1.00 11.21 ? 24  TRP A CG  1 
ATOM   262  C CD1 . TRP A 1 43  ? -3.583  0.427   -4.309  1.00 13.00 ? 24  TRP A CD1 1 
ATOM   263  C CD2 . TRP A 1 43  ? -2.388  -1.382  -4.807  1.00 15.15 ? 24  TRP A CD2 1 
ATOM   264  N NE1 . TRP A 1 43  ? -3.861  0.081   -5.611  1.00 13.52 ? 24  TRP A NE1 1 
ATOM   265  C CE2 . TRP A 1 43  ? -3.150  -1.037  -5.929  1.00 14.17 ? 24  TRP A CE2 1 
ATOM   266  C CE3 . TRP A 1 43  ? -1.559  -2.502  -4.877  1.00 17.71 ? 24  TRP A CE3 1 
ATOM   267  C CZ2 . TRP A 1 43  ? -3.102  -1.767  -7.126  1.00 17.52 ? 24  TRP A CZ2 1 
ATOM   268  C CZ3 . TRP A 1 43  ? -1.501  -3.223  -6.077  1.00 19.56 ? 24  TRP A CZ3 1 
ATOM   269  C CH2 . TRP A 1 43  ? -2.269  -2.845  -7.171  1.00 20.25 ? 24  TRP A CH2 1 
ATOM   270  N N   . PHE A 1 44  ? -5.176  1.138   -1.292  1.00 7.94  ? 25  PHE A N   1 
ATOM   271  C CA  . PHE A 1 44  ? -6.623  1.068   -1.264  1.00 8.37  ? 25  PHE A CA  1 
ATOM   272  C C   . PHE A 1 44  ? -7.137  1.025   -2.686  1.00 9.47  ? 25  PHE A C   1 
ATOM   273  O O   . PHE A 1 44  ? -6.791  1.864   -3.503  1.00 9.54  ? 25  PHE A O   1 
ATOM   274  C CB  . PHE A 1 44  ? -7.202  2.267   -0.512  1.00 8.62  ? 25  PHE A CB  1 
ATOM   275  C CG  . PHE A 1 44  ? -6.898  2.259   0.941   1.00 8.96  ? 25  PHE A CG  1 
ATOM   276  C CD1 . PHE A 1 44  ? -5.669  2.690   1.427   1.00 8.76  ? 25  PHE A CD1 1 
ATOM   277  C CD2 . PHE A 1 44  ? -7.810  1.745   1.834   1.00 9.94  ? 25  PHE A CD2 1 
ATOM   278  C CE1 . PHE A 1 44  ? -5.387  2.641   2.803   1.00 8.60  ? 25  PHE A CE1 1 
ATOM   279  C CE2 . PHE A 1 44  ? -7.557  1.719   3.197   1.00 10.38 ? 25  PHE A CE2 1 
ATOM   280  C CZ  . PHE A 1 44  ? -6.325  2.151   3.686   1.00 9.89  ? 25  PHE A CZ  1 
ATOM   281  N N   . THR A 1 45  ? -7.981  0.032   -2.970  1.00 10.00 ? 26  THR A N   1 
ATOM   282  C CA  . THR A 1 45  ? -8.377  -0.270  -4.330  1.00 11.83 ? 26  THR A CA  1 
ATOM   283  C C   . THR A 1 45  ? -9.706  -1.002  -4.319  1.00 11.58 ? 26  THR A C   1 
ATOM   284  O O   . THR A 1 45  ? -10.172 -1.406  -3.275  1.00 11.73 ? 26  THR A O   1 
ATOM   285  C CB  . THR A 1 45  ? -7.255  -1.069  -5.031  1.00 12.03 ? 26  THR A CB  1 
ATOM   286  O OG1 . THR A 1 45  ? -7.582  -1.258  -6.423  1.00 14.58 ? 26  THR A OG1 1 
ATOM   287  C CG2 . THR A 1 45  ? -7.063  -2.450  -4.424  1.00 12.87 ? 26  THR A CG2 1 
ATOM   288  N N   . ALA A 1 46  ? -10.303 -1.200  -5.494  1.00 13.12 ? 27  ALA A N   1 
ATOM   289  C CA  . ALA A 1 46  ? -11.563 -1.929  -5.635  1.00 15.31 ? 27  ALA A CA  1 
ATOM   290  C C   . ALA A 1 46  ? -11.586 -2.537  -7.020  1.00 16.71 ? 27  ALA A C   1 
ATOM   291  O O   . ALA A 1 46  ? -11.050 -1.950  -7.945  1.00 16.55 ? 27  ALA A O   1 
ATOM   292  C CB  . ALA A 1 46  ? -12.753 -0.984  -5.465  1.00 15.92 ? 27  ALA A CB  1 
ATOM   293  N N   . VAL A 1 47  ? -12.257 -3.682  -7.155  1.00 19.08 ? 28  VAL A N   1 
ATOM   294  C CA  . VAL A 1 47  ? -12.246 -4.453  -8.405  1.00 21.47 ? 28  VAL A CA  1 
ATOM   295  C C   . VAL A 1 47  ? -12.965 -3.728  -9.522  1.00 23.35 ? 28  VAL A C   1 
ATOM   296  O O   . VAL A 1 47  ? -12.527 -3.756  -10.672 1.00 24.65 ? 28  VAL A O   1 
ATOM   297  C CB  . VAL A 1 47  ? -12.869 -5.853  -8.189  1.00 22.16 ? 28  VAL A CB  1 
ATOM   298  C CG1 . VAL A 1 47  ? -13.209 -6.546  -9.535  1.00 23.49 ? 28  VAL A CG1 1 
ATOM   299  C CG2 . VAL A 1 47  ? -11.926 -6.715  -7.374  1.00 23.13 ? 28  VAL A CG2 1 
ATOM   300  N N   . TRP A 1 48  ? -14.057 -3.058  -9.210  1.00 24.36 ? 29  TRP A N   1 
ATOM   301  C CA  . TRP A 1 48  ? -14.857 -2.446  -10.257 1.00 26.02 ? 29  TRP A CA  1 
ATOM   302  C C   . TRP A 1 48  ? -14.594 -0.931  -10.314 1.00 26.71 ? 29  TRP A C   1 
ATOM   303  O O   . TRP A 1 48  ? -15.505 -0.111  -10.362 1.00 29.05 ? 29  TRP A O   1 
ATOM   304  C CB  . TRP A 1 48  ? -16.337 -2.831  -10.060 1.00 26.03 ? 29  TRP A CB  1 
ATOM   305  C CG  . TRP A 1 48  ? -16.662 -4.288  -10.468 1.00 26.37 ? 29  TRP A CG  1 
ATOM   306  C CD1 . TRP A 1 48  ? -16.989 -4.735  -11.724 1.00 28.59 ? 29  TRP A CD1 1 
ATOM   307  C CD2 . TRP A 1 48  ? -16.698 -5.457  -9.620  1.00 27.03 ? 29  TRP A CD2 1 
ATOM   308  N NE1 . TRP A 1 48  ? -17.213 -6.092  -11.708 1.00 28.36 ? 29  TRP A NE1 1 
ATOM   309  C CE2 . TRP A 1 48  ? -17.041 -6.560  -10.435 1.00 27.86 ? 29  TRP A CE2 1 
ATOM   310  C CE3 . TRP A 1 48  ? -16.462 -5.683  -8.265  1.00 27.84 ? 29  TRP A CE3 1 
ATOM   311  C CZ2 . TRP A 1 48  ? -17.166 -7.860  -9.934  1.00 29.44 ? 29  TRP A CZ2 1 
ATOM   312  C CZ3 . TRP A 1 48  ? -16.581 -6.988  -7.765  1.00 29.32 ? 29  TRP A CZ3 1 
ATOM   313  C CH2 . TRP A 1 48  ? -16.939 -8.051  -8.596  1.00 28.69 ? 29  TRP A CH2 1 
ATOM   314  N N   . CYS A 1 49  ? -13.309 -0.576  -10.322 1.00 26.64 ? 30  CYS A N   1 
ATOM   315  C CA  . CYS A 1 49  ? -12.849 0.803   -10.321 1.00 25.91 ? 30  CYS A CA  1 
ATOM   316  C C   . CYS A 1 49  ? -11.837 0.989   -11.464 1.00 25.14 ? 30  CYS A C   1 
ATOM   317  O O   . CYS A 1 49  ? -10.770 0.379   -11.462 1.00 23.51 ? 30  CYS A O   1 
ATOM   318  C CB  . CYS A 1 49  ? -12.218 1.104   -8.964  1.00 26.41 ? 30  CYS A CB  1 
ATOM   319  S SG  . CYS A 1 49  ? -11.246 2.628   -8.814  1.00 28.19 ? 30  CYS A SG  1 
ATOM   320  N N   . GLY A 1 50  ? -12.174 1.853   -12.420 1.00 24.63 ? 31  GLY A N   1 
ATOM   321  C CA  . GLY A 1 50  ? -11.388 2.004   -13.633 1.00 24.33 ? 31  GLY A CA  1 
ATOM   322  C C   . GLY A 1 50  ? -9.949  2.437   -13.425 1.00 23.81 ? 31  GLY A C   1 
ATOM   323  O O   . GLY A 1 50  ? -9.038  1.737   -13.854 1.00 24.47 ? 31  GLY A O   1 
ATOM   324  N N   . PRO A 1 51  ? -9.749  3.583   -12.775 1.00 24.50 ? 32  PRO A N   1 
ATOM   325  C CA  . PRO A 1 51  ? -8.391  4.057   -12.480 1.00 24.14 ? 32  PRO A CA  1 
ATOM   326  C C   . PRO A 1 51  ? -7.580  3.040   -11.671 1.00 23.03 ? 32  PRO A C   1 
ATOM   327  O O   . PRO A 1 51  ? -6.377  2.928   -11.894 1.00 23.60 ? 32  PRO A O   1 
ATOM   328  C CB  . PRO A 1 51  ? -8.623  5.352   -11.690 1.00 24.42 ? 32  PRO A CB  1 
ATOM   329  C CG  . PRO A 1 51  ? -10.005 5.779   -12.047 1.00 25.14 ? 32  PRO A CG  1 
ATOM   330  C CD  . PRO A 1 51  ? -10.777 4.521   -12.294 1.00 24.59 ? 32  PRO A CD  1 
ATOM   331  N N   . CYS A 1 52  ? -8.237  2.291   -10.779 1.00 21.97 ? 33  CYS A N   1 
ATOM   332  C CA  . CYS A 1 52  ? -7.556  1.245   -10.022 1.00 21.38 ? 33  CYS A CA  1 
ATOM   333  C C   . CYS A 1 52  ? -6.965  0.170   -10.941 1.00 21.70 ? 33  CYS A C   1 
ATOM   334  O O   . CYS A 1 52  ? -5.844  -0.277  -10.763 1.00 22.08 ? 33  CYS A O   1 
ATOM   335  C CB  . CYS A 1 52  ? -8.520  0.590   -9.043  1.00 21.47 ? 33  CYS A CB  1 
ATOM   336  S SG  . CYS A 1 52  ? -9.082  1.614   -7.648  1.00 21.83 ? 33  CYS A SG  1 
ATOM   337  N N   . LYS A 1 53  ? -7.736  -0.244  -11.941 1.00 21.71 ? 34  LYS A N   1 
ATOM   338  C CA  . LYS A 1 53  ? -7.280  -1.255  -12.886 1.00 22.54 ? 34  LYS A CA  1 
ATOM   339  C C   . LYS A 1 53  ? -6.117  -0.774  -13.728 1.00 22.34 ? 34  LYS A C   1 
ATOM   340  O O   . LYS A 1 53  ? -5.193  -1.538  -13.976 1.00 23.01 ? 34  LYS A O   1 
ATOM   341  C CB  . LYS A 1 53  ? -8.429  -1.683  -13.795 1.00 22.56 ? 34  LYS A CB  1 
ATOM   342  C CG  . LYS A 1 53  ? -9.554  -2.307  -13.048 1.00 25.45 ? 34  LYS A CG  1 
ATOM   343  C CE  . LYS A 1 53  ? -11.082 -3.964  -15.085 1.00 32.78 ? 34  LYS A CE  1 
ATOM   344  N NZ  . LYS A 1 53  ? -11.161 -4.682  -13.773 1.00 34.27 ? 34  LYS A NZ  1 
ATOM   345  N N   . THR A 1 54  ? -6.127  0.503   -14.109 1.00 22.85 ? 35  THR A N   1 
ATOM   346  C CA  . THR A 1 54  ? -5.081  1.027   -14.990 1.00 23.57 ? 35  THR A CA  1 
ATOM   347  C C   . THR A 1 54  ? -3.697  0.870   -14.372 1.00 23.16 ? 35  THR A C   1 
ATOM   348  O O   . THR A 1 54  ? -2.729  0.607   -15.085 1.00 24.38 ? 35  THR A O   1 
ATOM   349  C CB  . THR A 1 54  ? -5.301  2.518   -15.360 1.00 24.06 ? 35  THR A CB  1 
ATOM   350  O OG1 . THR A 1 54  ? -5.313  3.342   -14.182 1.00 27.94 ? 35  THR A OG1 1 
ATOM   351  C CG2 . THR A 1 54  ? -6.662  2.747   -16.023 1.00 25.60 ? 35  THR A CG2 1 
ATOM   352  N N   . ILE A 1 55  ? -3.600  1.012   -13.059 1.00 21.72 ? 36  ILE A N   1 
ATOM   353  C CA  . ILE A 1 55  ? -2.284  1.028   -12.409 1.00 21.28 ? 36  ILE A CA  1 
ATOM   354  C C   . ILE A 1 55  ? -1.839  -0.325  -11.848 1.00 20.93 ? 36  ILE A C   1 
ATOM   355  O O   . ILE A 1 55  ? -0.801  -0.390  -11.201 1.00 19.89 ? 36  ILE A O   1 
ATOM   356  C CB  . ILE A 1 55  ? -2.253  2.096   -11.310 1.00 21.06 ? 36  ILE A CB  1 
ATOM   357  C CG1 . ILE A 1 55  ? -3.167  1.711   -10.144 1.00 21.31 ? 36  ILE A CG1 1 
ATOM   358  C CG2 . ILE A 1 55  ? -2.567  3.451   -11.916 1.00 21.74 ? 36  ILE A CG2 1 
ATOM   359  C CD1 . ILE A 1 55  ? -2.867  2.430   -8.915  1.00 21.61 ? 36  ILE A CD1 1 
ATOM   360  N N   . GLU A 1 56  ? -2.602  -1.391  -12.082 1.00 21.06 ? 37  GLU A N   1 
ATOM   361  C CA  . GLU A 1 56  ? -2.217  -2.723  -11.587 1.00 22.22 ? 37  GLU A CA  1 
ATOM   362  C C   . GLU A 1 56  ? -0.815  -3.163  -11.999 1.00 21.74 ? 37  GLU A C   1 
ATOM   363  O O   . GLU A 1 56  ? -0.022  -3.581  -11.163 1.00 21.33 ? 37  GLU A O   1 
ATOM   364  C CB  . GLU A 1 56  ? -3.215  -3.777  -12.064 1.00 23.08 ? 37  GLU A CB  1 
ATOM   365  C CG  . GLU A 1 56  ? -4.431  -3.945  -11.179 1.00 27.29 ? 37  GLU A CG  1 
ATOM   366  C CD  . GLU A 1 56  ? -5.185  -5.231  -11.475 1.00 32.62 ? 37  GLU A CD  1 
ATOM   367  O OE1 . GLU A 1 56  ? -4.576  -6.319  -11.345 1.00 37.74 ? 37  GLU A OE1 1 
ATOM   368  O OE2 . GLU A 1 56  ? -6.381  -5.163  -11.842 1.00 36.65 ? 37  GLU A OE2 1 
ATOM   369  N N   . ARG A 1 57  ? -0.518  -3.099  -13.288 1.00 21.83 ? 38  ARG A N   1 
ATOM   370  C CA  . ARG A 1 57  ? 0.781   -3.507  -13.805 1.00 22.64 ? 38  ARG A CA  1 
ATOM   371  C C   . ARG A 1 57  ? 1.925   -2.592  -13.344 1.00 20.89 ? 38  ARG A C   1 
ATOM   372  O O   . ARG A 1 57  ? 2.978   -3.074  -12.952 1.00 19.81 ? 38  ARG A O   1 
ATOM   373  C CB  . ARG A 1 57  ? 0.745   -3.627  -15.332 1.00 24.30 ? 38  ARG A CB  1 
ATOM   374  C CG  . ARG A 1 57  ? 0.131   -4.917  -15.831 1.00 28.80 ? 38  ARG A CG  1 
ATOM   375  C CD  . ARG A 1 57  ? 0.186   -5.050  -17.345 1.00 34.72 ? 38  ARG A CD  1 
ATOM   376  N NE  . ARG A 1 57  ? -0.107  -6.410  -17.803 1.00 39.95 ? 38  ARG A NE  1 
ATOM   377  C CZ  . ARG A 1 57  ? 0.096   -6.852  -19.051 1.00 42.52 ? 38  ARG A CZ  1 
ATOM   378  N NH1 . ARG A 1 57  ? 0.601   -6.045  -19.982 1.00 44.48 ? 38  ARG A NH1 1 
ATOM   379  N NH2 . ARG A 1 57  ? -0.207  -8.110  -19.371 1.00 43.31 ? 38  ARG A NH2 1 
ATOM   380  N N   . PRO A 1 58  ? 1.765   -1.269  -13.415 1.00 18.71 ? 39  PRO A N   1 
ATOM   381  C CA  . PRO A 1 58  ? 2.735   -0.372  -12.788 1.00 17.66 ? 39  PRO A CA  1 
ATOM   382  C C   . PRO A 1 58  ? 3.017   -0.705  -11.310 1.00 16.96 ? 39  PRO A C   1 
ATOM   383  O O   . PRO A 1 58  ? 4.167   -0.628  -10.901 1.00 16.61 ? 39  PRO A O   1 
ATOM   384  C CB  . PRO A 1 58  ? 2.070   0.995   -12.939 1.00 17.74 ? 39  PRO A CB  1 
ATOM   385  C CG  . PRO A 1 58  ? 1.277   0.852   -14.205 1.00 18.40 ? 39  PRO A CG  1 
ATOM   386  C CD  . PRO A 1 58  ? 0.763   -0.529  -14.210 1.00 19.06 ? 39  PRO A CD  1 
ATOM   387  N N   . MET A 1 59  ? 2.000   -1.091  -10.548 1.00 17.15 ? 40  MET A N   1 
ATOM   388  C CA  . MET A 1 59  ? 2.187   -1.438  -9.137  1.00 17.12 ? 40  MET A CA  1 
ATOM   389  C C   . MET A 1 59  ? 2.952   -2.751  -8.958  1.00 16.93 ? 40  MET A C   1 
ATOM   390  O O   . MET A 1 59  ? 3.784   -2.860  -8.069  1.00 16.45 ? 40  MET A O   1 
ATOM   391  C CB  . MET A 1 59  ? 0.848   -1.498  -8.383  1.00 17.49 ? 40  MET A CB  1 
ATOM   392  C CG  . MET A 1 59  ? 0.235   -0.118  -8.099  1.00 18.90 ? 40  MET A CG  1 
ATOM   393  S SD  . MET A 1 59  ? 1.300   0.984   -7.181  1.00 17.79 ? 40  MET A SD  1 
ATOM   394  C CE  . MET A 1 59  ? 1.501   0.059   -5.709  1.00 18.01 ? 40  MET A CE  1 
ATOM   395  N N   . GLU A 1 60  ? 2.672   -3.738  -9.792  1.00 17.27 ? 41  GLU A N   1 
ATOM   396  C CA  . GLU A 1 60  ? 3.460   -4.963  -9.780  1.00 16.71 ? 41  GLU A CA  1 
ATOM   397  C C   . GLU A 1 60  ? 4.935   -4.656  -10.012 1.00 15.61 ? 41  GLU A C   1 
ATOM   398  O O   . GLU A 1 60  ? 5.794   -5.197  -9.338  1.00 14.64 ? 41  GLU A O   1 
ATOM   399  C CB  . GLU A 1 60  ? 2.956   -5.950  -10.839 1.00 17.78 ? 41  GLU A CB  1 
ATOM   400  C CG  . GLU A 1 60  ? 1.557   -6.463  -10.582 1.00 22.03 ? 41  GLU A CG  1 
ATOM   401  C CD  . GLU A 1 60  ? 1.059   -7.408  -11.649 1.00 24.76 ? 41  GLU A CD  1 
ATOM   402  O OE1 . GLU A 1 60  ? 1.869   -7.933  -12.468 1.00 28.57 ? 41  GLU A OE1 1 
ATOM   403  O OE2 . GLU A 1 60  ? -0.173  -7.615  -11.660 1.00 30.99 ? 41  GLU A OE2 1 
ATOM   404  N N   . LYS A 1 61  ? 5.236   -3.758  -10.938 1.00 15.08 ? 42  LYS A N   1 
ATOM   405  C CA  . LYS A 1 61  ? 6.615   -3.409  -11.220 1.00 14.81 ? 42  LYS A CA  1 
ATOM   406  C C   . LYS A 1 61  ? 7.241   -2.669  -10.031 1.00 14.08 ? 42  LYS A C   1 
ATOM   407  O O   . LYS A 1 61  ? 8.381   -2.903  -9.678  1.00 13.68 ? 42  LYS A O   1 
ATOM   408  C CB  . LYS A 1 61  ? 6.723   -2.572  -12.500 1.00 15.93 ? 42  LYS A CB  1 
ATOM   409  C CG  . LYS A 1 61  ? 8.139   -2.339  -12.955 1.00 20.57 ? 42  LYS A CG  1 
ATOM   410  C CD  . LYS A 1 61  ? 8.157   -1.658  -14.335 1.00 25.61 ? 42  LYS A CD  1 
ATOM   411  C CE  . LYS A 1 61  ? 9.487   -1.845  -15.069 1.00 29.66 ? 42  LYS A CE  1 
ATOM   412  N NZ  . LYS A 1 61  ? 9.481   -1.067  -16.352 1.00 32.93 ? 42  LYS A NZ  1 
ATOM   413  N N   . ILE A 1 62  ? 6.483   -1.770  -9.401  1.00 13.32 ? 43  ILE A N   1 
ATOM   414  C CA  . ILE A 1 62  ? 6.964   -1.082  -8.225  1.00 12.83 ? 43  ILE A CA  1 
ATOM   415  C C   . ILE A 1 62  ? 7.290   -2.062  -7.088  1.00 12.05 ? 43  ILE A C   1 
ATOM   416  O O   . ILE A 1 62  ? 8.346   -1.961  -6.470  1.00 11.87 ? 43  ILE A O   1 
ATOM   417  C CB  . ILE A 1 62  ? 5.966   0.022   -7.779  1.00 13.10 ? 43  ILE A CB  1 
ATOM   418  C CG1 . ILE A 1 62  ? 6.090   1.192   -8.763  1.00 14.11 ? 43  ILE A CG1 1 
ATOM   419  C CG2 . ILE A 1 62  ? 6.262   0.499   -6.401  1.00 13.83 ? 43  ILE A CG2 1 
ATOM   420  C CD1 . ILE A 1 62  ? 4.963   2.207   -8.687  1.00 15.56 ? 43  ILE A CD1 1 
ATOM   421  N N   . ALA A 1 63  ? 6.436   -3.040  -6.855  1.00 12.14 ? 44  ALA A N   1 
ATOM   422  C CA  . ALA A 1 63  ? 6.726   -4.009  -5.797  1.00 12.18 ? 44  ALA A CA  1 
ATOM   423  C C   . ALA A 1 63  ? 7.996   -4.791  -6.078  1.00 12.21 ? 44  ALA A C   1 
ATOM   424  O O   . ALA A 1 63  ? 8.828   -5.019  -5.193  1.00 12.20 ? 44  ALA A O   1 
ATOM   425  C CB  . ALA A 1 63  ? 5.545   -4.927  -5.615  1.00 12.93 ? 44  ALA A CB  1 
ATOM   426  N N   . TYR A 1 64  ? 8.206   -5.164  -7.332  1.00 12.31 ? 45  TYR A N   1 
ATOM   427  C CA  . TYR A 1 64  ? 9.448   -5.860  -7.717  1.00 12.32 ? 45  TYR A CA  1 
ATOM   428  C C   . TYR A 1 64  ? 10.685  -5.014  -7.562  1.00 13.07 ? 45  TYR A C   1 
ATOM   429  O O   . TYR A 1 64  ? 11.724  -5.494  -7.185  1.00 12.89 ? 45  TYR A O   1 
ATOM   430  C CB  . TYR A 1 64  ? 9.334   -6.303  -9.164  1.00 13.01 ? 45  TYR A CB  1 
ATOM   431  C CG  . TYR A 1 64  ? 10.396  -7.265  -9.641  1.00 12.84 ? 45  TYR A CG  1 
ATOM   432  C CD1 . TYR A 1 64  ? 10.360  -8.596  -9.287  1.00 14.06 ? 45  TYR A CD1 1 
ATOM   433  C CD2 . TYR A 1 64  ? 11.412  -6.839  -10.486 1.00 13.02 ? 45  TYR A CD2 1 
ATOM   434  C CE1 . TYR A 1 64  ? 11.320  -9.476  -9.755  1.00 14.48 ? 45  TYR A CE1 1 
ATOM   435  C CE2 . TYR A 1 64  ? 12.387  -7.716  -10.947 1.00 13.16 ? 45  TYR A CE2 1 
ATOM   436  C CZ  . TYR A 1 64  ? 12.324  -9.026  -10.585 1.00 13.30 ? 45  TYR A CZ  1 
ATOM   437  O OH  . TYR A 1 64  ? 13.275  -9.918  -11.055 1.00 14.58 ? 45  TYR A OH  1 
ATOM   438  N N   . GLU A 1 65  ? 10.551  -3.718  -7.855  1.00 13.53 ? 46  GLU A N   1 
ATOM   439  C CA  . GLU A 1 65  ? 11.678  -2.819  -7.846  1.00 13.93 ? 46  GLU A CA  1 
ATOM   440  C C   . GLU A 1 65  ? 12.007  -2.259  -6.467  1.00 13.85 ? 46  GLU A C   1 
ATOM   441  O O   . GLU A 1 65  ? 13.108  -1.738  -6.261  1.00 14.37 ? 46  GLU A O   1 
ATOM   442  C CB  . GLU A 1 65  ? 11.503  -1.726  -8.919  1.00 15.68 ? 46  GLU A CB  1 
ATOM   443  C CG  . GLU A 1 65  ? 11.518  -2.377  -10.308 1.00 19.71 ? 46  GLU A CG  1 
ATOM   444  C CD  . GLU A 1 65  ? 11.647  -1.428  -11.479 1.00 25.81 ? 46  GLU A CD  1 
ATOM   445  O OE1 . GLU A 1 65  ? 12.105  -1.890  -12.561 1.00 28.73 ? 46  GLU A OE1 1 
ATOM   446  O OE2 . GLU A 1 65  ? 11.265  -0.250  -11.350 1.00 29.20 ? 46  GLU A OE2 1 
ATOM   447  N N   . PHE A 1 66  ? 11.083  -2.412  -5.517  1.00 12.28 ? 47  PHE A N   1 
ATOM   448  C CA  . PHE A 1 66  ? 11.261  -1.973  -4.135  1.00 12.43 ? 47  PHE A CA  1 
ATOM   449  C C   . PHE A 1 66  ? 11.041  -3.163  -3.203  1.00 12.39 ? 47  PHE A C   1 
ATOM   450  O O   . PHE A 1 66  ? 10.098  -3.186  -2.432  1.00 11.86 ? 47  PHE A O   1 
ATOM   451  C CB  . PHE A 1 66  ? 10.257  -0.855  -3.771  1.00 11.93 ? 47  PHE A CB  1 
ATOM   452  C CG  . PHE A 1 66  ? 10.549  0.489   -4.430  1.00 13.05 ? 47  PHE A CG  1 
ATOM   453  C CD1 . PHE A 1 66  ? 10.070  0.767   -5.680  1.00 15.57 ? 47  PHE A CD1 1 
ATOM   454  C CD2 . PHE A 1 66  ? 11.307  1.467   -3.788  1.00 14.86 ? 47  PHE A CD2 1 
ATOM   455  C CE1 . PHE A 1 66  ? 10.320  1.998   -6.293  1.00 17.49 ? 47  PHE A CE1 1 
ATOM   456  C CE2 . PHE A 1 66  ? 11.538  2.692   -4.410  1.00 17.02 ? 47  PHE A CE2 1 
ATOM   457  C CZ  . PHE A 1 66  ? 11.045  2.941   -5.639  1.00 17.37 ? 47  PHE A CZ  1 
ATOM   458  N N   . PRO A 1 67  ? 11.913  -4.186  -3.271  1.00 13.23 ? 48  PRO A N   1 
ATOM   459  C CA  . PRO A 1 67  ? 11.692  -5.398  -2.486  1.00 13.74 ? 48  PRO A CA  1 
ATOM   460  C C   . PRO A 1 67  ? 11.829  -5.204  -0.978  1.00 13.63 ? 48  PRO A C   1 
ATOM   461  O O   . PRO A 1 67  ? 11.311  -6.062  -0.258  1.00 14.31 ? 48  PRO A O   1 
ATOM   462  C CB  . PRO A 1 67  ? 12.763  -6.359  -3.049  1.00 14.37 ? 48  PRO A CB  1 
ATOM   463  C CG  . PRO A 1 67  ? 13.804  -5.480  -3.457  1.00 14.05 ? 48  PRO A CG  1 
ATOM   464  C CD  . PRO A 1 67  ? 13.141  -4.273  -4.086  1.00 15.08 ? 48  PRO A CD  1 
ATOM   465  N N   . THR A 1 68  ? 12.418  -4.111  -0.524  1.00 14.16 ? 49  THR A N   1 
ATOM   466  C CA  . THR A 1 68  ? 12.486  -3.839  0.921   1.00 14.14 ? 49  THR A CA  1 
ATOM   467  C C   . THR A 1 68  ? 11.221  -3.192  1.445   1.00 13.11 ? 49  THR A C   1 
ATOM   468  O O   . THR A 1 68  ? 11.120  -3.006  2.648   1.00 14.22 ? 49  THR A O   1 
ATOM   469  C CB  . THR A 1 68  ? 13.646  -2.938  1.302   1.00 14.82 ? 49  THR A CB  1 
ATOM   470  O OG1 . THR A 1 68  ? 13.484  -1.640  0.726   1.00 19.03 ? 49  THR A OG1 1 
ATOM   471  C CG2 . THR A 1 68  ? 14.993  -3.501  0.774   1.00 18.43 ? 49  THR A CG2 1 
ATOM   472  N N   . VAL A 1 69  ? 10.267  -2.894  0.569   1.00 11.17 ? 50  VAL A N   1 
ATOM   473  C CA  . VAL A 1 69  ? 8.987   -2.290  0.957   1.00 10.65 ? 50  VAL A CA  1 
ATOM   474  C C   . VAL A 1 69  ? 7.915   -3.364  0.887   1.00 10.96 ? 50  VAL A C   1 
ATOM   475  O O   . VAL A 1 69  ? 7.908   -4.180  -0.037  1.00 11.54 ? 50  VAL A O   1 
ATOM   476  C CB  . VAL A 1 69  ? 8.671   -1.110  0.021   1.00 9.87  ? 50  VAL A CB  1 
ATOM   477  C CG1 . VAL A 1 69  ? 7.337   -0.451  0.339   1.00 10.77 ? 50  VAL A CG1 1 
ATOM   478  C CG2 . VAL A 1 69  ? 9.795   -0.057  0.121   1.00 11.24 ? 50  VAL A CG2 1 
ATOM   479  N N   . LYS A 1 70  ? 7.003   -3.350  1.854   1.00 9.87  ? 51  LYS A N   1 
ATOM   480  C CA  . LYS A 1 70  ? 5.826   -4.203  1.829   1.00 10.17 ? 51  LYS A CA  1 
ATOM   481  C C   . LYS A 1 70  ? 4.657   -3.433  1.260   1.00 10.92 ? 51  LYS A C   1 
ATOM   482  O O   . LYS A 1 70  ? 4.415   -2.289  1.645   1.00 11.78 ? 51  LYS A O   1 
ATOM   483  C CB  . LYS A 1 70  ? 5.485   -4.702  3.231   1.00 11.28 ? 51  LYS A CB  1 
ATOM   484  C CG  . LYS A 1 70  ? 4.268   -5.595  3.272   1.00 12.92 ? 51  LYS A CG  1 
ATOM   485  C CD  . LYS A 1 70  ? 3.882   -5.954  4.656   1.00 15.49 ? 51  LYS A CD  1 
ATOM   486  C CE  . LYS A 1 70  ? 4.904   -6.850  5.314   1.00 15.12 ? 51  LYS A CE  1 
ATOM   487  N NZ  . LYS A 1 70  ? 4.469   -7.135  6.722   1.00 16.83 ? 51  LYS A NZ  1 
ATOM   488  N N   . PHE A 1 71  ? 3.935   -4.041  0.345   1.00 10.21 ? 52  PHE A N   1 
ATOM   489  C CA  . PHE A 1 71  ? 2.746   -3.462  -0.291  1.00 10.83 ? 52  PHE A CA  1 
ATOM   490  C C   . PHE A 1 71  ? 1.537   -4.248  0.162   1.00 11.34 ? 52  PHE A C   1 
ATOM   491  O O   . PHE A 1 71  ? 1.385   -5.431  -0.171  1.00 12.61 ? 52  PHE A O   1 
ATOM   492  C CB  . PHE A 1 71  ? 2.888   -3.477  -1.815  1.00 10.67 ? 52  PHE A CB  1 
ATOM   493  C CG  . PHE A 1 71  ? 4.021   -2.604  -2.310  1.00 10.40 ? 52  PHE A CG  1 
ATOM   494  C CD1 . PHE A 1 71  ? 5.338   -3.050  -2.303  1.00 9.54  ? 52  PHE A CD1 1 
ATOM   495  C CD2 . PHE A 1 71  ? 3.776   -1.297  -2.683  1.00 11.50 ? 52  PHE A CD2 1 
ATOM   496  C CE1 . PHE A 1 71  ? 6.362   -2.220  -2.673  1.00 11.01 ? 52  PHE A CE1 1 
ATOM   497  C CE2 . PHE A 1 71  ? 4.804   -0.473  -3.088  1.00 11.47 ? 52  PHE A CE2 1 
ATOM   498  C CZ  . PHE A 1 71  ? 6.099   -0.928  -3.092  1.00 10.75 ? 52  PHE A CZ  1 
ATOM   499  N N   . ALA A 1 72  ? 0.683   -3.607  0.946   1.00 10.66 ? 53  ALA A N   1 
ATOM   500  C CA  . ALA A 1 72  ? -0.478  -4.250  1.560   1.00 10.56 ? 53  ALA A CA  1 
ATOM   501  C C   . ALA A 1 72  ? -1.734  -3.777  0.845   1.00 11.04 ? 53  ALA A C   1 
ATOM   502  O O   . ALA A 1 72  ? -2.092  -2.583  0.940   1.00 11.21 ? 53  ALA A O   1 
ATOM   503  C CB  . ALA A 1 72  ? -0.522  -3.913  3.016   1.00 10.85 ? 53  ALA A CB  1 
ATOM   504  N N   . LYS A 1 73  ? -2.391  -4.662  0.101   1.00 10.66 ? 54  LYS A N   1 
ATOM   505  C CA  . LYS A 1 73  ? -3.524  -4.311  -0.718  1.00 11.47 ? 54  LYS A CA  1 
ATOM   506  C C   . LYS A 1 73  ? -4.784  -4.418  0.122   1.00 11.40 ? 54  LYS A C   1 
ATOM   507  O O   . LYS A 1 73  ? -5.097  -5.469  0.700   1.00 11.41 ? 54  LYS A O   1 
ATOM   508  C CB  . LYS A 1 73  ? -3.596  -5.242  -1.919  1.00 12.71 ? 54  LYS A CB  1 
ATOM   509  C CG  . LYS A 1 73  ? -4.608  -4.815  -2.969  1.00 14.99 ? 54  LYS A CG  1 
ATOM   510  C CD  . LYS A 1 73  ? -4.578  -5.728  -4.205  1.00 19.84 ? 54  LYS A CD  1 
ATOM   511  C CE  . LYS A 1 73  ? -4.352  -4.958  -5.493  1.00 24.82 ? 54  LYS A CE  1 
ATOM   512  N NZ  . LYS A 1 73  ? -4.647  -5.786  -6.739  1.00 28.76 ? 54  LYS A NZ  1 
ATOM   513  N N   . VAL A 1 74  ? -5.508  -3.304  0.204   1.00 10.33 ? 55  VAL A N   1 
ATOM   514  C CA  . VAL A 1 74  ? -6.736  -3.195  0.946   1.00 10.31 ? 55  VAL A CA  1 
ATOM   515  C C   . VAL A 1 74  ? -7.911  -2.977  -0.010  1.00 10.83 ? 55  VAL A C   1 
ATOM   516  O O   . VAL A 1 74  ? -8.084  -1.882  -0.539  1.00 10.34 ? 55  VAL A O   1 
ATOM   517  C CB  . VAL A 1 74  ? -6.694  -2.007  1.970   1.00 10.27 ? 55  VAL A CB  1 
ATOM   518  C CG1 . VAL A 1 74  ? -7.963  -1.986  2.787   1.00 12.46 ? 55  VAL A CG1 1 
ATOM   519  C CG2 . VAL A 1 74  ? -5.497  -2.115  2.845   1.00 10.66 ? 55  VAL A CG2 1 
ATOM   520  N N   . ASP A 1 75  ? -8.689  -4.028  -0.234  1.00 11.81 ? 56  ASP A N   1 
ATOM   521  C CA  . ASP A 1 75  ? -9.891  -3.889  -1.020  1.00 11.60 ? 56  ASP A CA  1 
ATOM   522  C C   . ASP A 1 75  ? -10.944 -3.104  -0.205  1.00 11.98 ? 56  ASP A C   1 
ATOM   523  O O   . ASP A 1 75  ? -11.295 -3.473  0.903   1.00 11.03 ? 56  ASP A O   1 
ATOM   524  C CB  . ASP A 1 75  ? -10.460 -5.255  -1.425  1.00 12.88 ? 56  ASP A CB  1 
ATOM   525  C CG  . ASP A 1 75  ? -11.700 -5.117  -2.240  1.00 15.47 ? 56  ASP A CG  1 
ATOM   526  O OD1 . ASP A 1 75  ? -11.614 -5.125  -3.474  1.00 18.48 ? 56  ASP A OD1 1 
ATOM   527  O OD2 . ASP A 1 75  ? -12.809 -4.922  -1.725  1.00 18.61 ? 56  ASP A OD2 1 
ATOM   528  N N   . ALA A 1 76  ? -11.410 -2.029  -0.797  1.00 12.35 ? 57  ALA A N   1 
ATOM   529  C CA  . ALA A 1 76  ? -12.265 -1.066  -0.091  1.00 12.70 ? 57  ALA A CA  1 
ATOM   530  C C   . ALA A 1 76  ? -13.648 -1.599  0.156   1.00 14.78 ? 57  ALA A C   1 
ATOM   531  O O   . ALA A 1 76  ? -14.268 -1.234  1.157   1.00 16.31 ? 57  ALA A O   1 
ATOM   532  C CB  . ALA A 1 76  ? -12.332 0.234   -0.862  1.00 13.23 ? 57  ALA A CB  1 
ATOM   533  N N   . ASP A 1 77  ? -14.132 -2.491  -0.705  1.00 15.20 ? 58  ASP A N   1 
ATOM   534  C CA  . ASP A 1 77  ? -15.475 -3.036  -0.567  1.00 17.40 ? 58  ASP A CA  1 
ATOM   535  C C   . ASP A 1 77  ? -15.520 -4.089  0.539   1.00 16.96 ? 58  ASP A C   1 
ATOM   536  O O   . ASP A 1 77  ? -16.514 -4.212  1.259   1.00 18.78 ? 58  ASP A O   1 
ATOM   537  C CB  . ASP A 1 77  ? -15.990 -3.531  -1.929  1.00 17.76 ? 58  ASP A CB  1 
ATOM   538  C CG  . ASP A 1 77  ? -16.326 -2.364  -2.894  1.00 20.52 ? 58  ASP A CG  1 
ATOM   539  O OD1 . ASP A 1 77  ? -16.196 -1.163  -2.537  1.00 25.69 ? 58  ASP A OD1 1 
ATOM   540  O OD2 . ASP A 1 77  ? -16.672 -2.566  -4.062  1.00 29.35 ? 58  ASP A OD2 1 
ATOM   541  N N   . ASN A 1 78  ? -14.416 -4.801  0.750   1.00 15.99 ? 59  ASN A N   1 
ATOM   542  C CA  . ASN A 1 78  ? -14.349 -5.831  1.782   1.00 15.96 ? 59  ASN A CA  1 
ATOM   543  C C   . ASN A 1 78  ? -13.711 -5.389  3.105   1.00 15.10 ? 59  ASN A C   1 
ATOM   544  O O   . ASN A 1 78  ? -13.774 -6.097  4.103   1.00 15.90 ? 59  ASN A O   1 
ATOM   545  C CB  . ASN A 1 78  ? -13.624 -7.074  1.274   1.00 17.64 ? 59  ASN A CB  1 
ATOM   546  C CG  . ASN A 1 78  ? -14.478 -7.868  0.312   1.00 21.48 ? 59  ASN A CG  1 
ATOM   547  O OD1 . ASN A 1 78  ? -15.381 -8.614  0.725   1.00 24.21 ? 59  ASN A OD1 1 
ATOM   548  N ND2 . ASN A 1 78  ? -14.255 -7.649  -0.982  1.00 25.46 ? 59  ASN A ND2 1 
ATOM   549  N N   . ASN A 1 79  ? -13.119 -4.197  3.129   1.00 12.44 ? 60  ASN A N   1 
ATOM   550  C CA  . ASN A 1 79  ? -12.472 -3.699  4.344   1.00 12.01 ? 60  ASN A CA  1 
ATOM   551  C C   . ASN A 1 79  ? -12.925 -2.269  4.639   1.00 11.04 ? 60  ASN A C   1 
ATOM   552  O O   . ASN A 1 79  ? -12.115 -1.346  4.817   1.00 10.65 ? 60  ASN A O   1 
ATOM   553  C CB  . ASN A 1 79  ? -10.948 -3.735  4.208   1.00 11.80 ? 60  ASN A CB  1 
ATOM   554  C CG  . ASN A 1 79  ? -10.404 -5.124  4.036   1.00 12.73 ? 60  ASN A CG  1 
ATOM   555  O OD1 . ASN A 1 79  ? -10.326 -5.885  4.996   1.00 14.30 ? 60  ASN A OD1 1 
ATOM   556  N ND2 . ASN A 1 79  ? -10.056 -5.472  2.811   1.00 13.30 ? 60  ASN A ND2 1 
ATOM   557  N N   . SER A 1 80  ? -14.245 -2.068  4.712   1.00 11.47 ? 61  SER A N   1 
ATOM   558  C CA  . SER A 1 80  ? -14.765 -0.713  4.833   1.00 11.63 ? 61  SER A CA  1 
ATOM   559  C C   . SER A 1 80  ? -14.382 0.016   6.099   1.00 11.72 ? 61  SER A C   1 
ATOM   560  O O   . SER A 1 80  ? -14.311 1.238   6.124   1.00 10.54 ? 61  SER A O   1 
ATOM   561  C CB  . SER A 1 80  ? -16.297 -0.709  4.646   1.00 13.00 ? 61  SER A CB  1 
ATOM   562  O OG  . SER A 1 80  ? -16.956 -1.351  5.695   1.00 15.16 ? 61  SER A OG  1 
ATOM   563  N N   . GLU A 1 81  ? -14.160 -0.714  7.187   1.00 11.16 ? 62  GLU A N   1 
ATOM   564  C CA  . GLU A 1 81  ? -13.733 -0.087  8.432   1.00 11.38 ? 62  GLU A CA  1 
ATOM   565  C C   . GLU A 1 81  ? -12.306 0.424   8.358   1.00 10.65 ? 62  GLU A C   1 
ATOM   566  O O   . GLU A 1 81  ? -11.973 1.406   9.014   1.00 12.34 ? 62  GLU A O   1 
ATOM   567  C CB  . GLU A 1 81  ? -13.850 -1.009  9.661   1.00 12.12 ? 62  GLU A CB  1 
ATOM   568  C CG  . GLU A 1 81  ? -13.571 -0.285  10.982  1.00 15.35 ? 62  GLU A CG  1 
ATOM   569  C CD  . GLU A 1 81  ? -13.819 -1.135  12.216  1.00 20.03 ? 62  GLU A CD  1 
ATOM   570  O OE1 . GLU A 1 81  ? -14.307 -2.273  12.080  1.00 23.34 ? 62  GLU A OE1 1 
ATOM   571  O OE2 . GLU A 1 81  ? -13.504 -0.641  13.317  1.00 21.44 ? 62  GLU A OE2 1 
ATOM   572  N N   . ILE A 1 82  ? -11.426 -0.238  7.600   1.00 10.24 ? 63  ILE A N   1 
ATOM   573  C CA  . ILE A 1 82  ? -10.074 0.282   7.415   1.00 9.60  ? 63  ILE A CA  1 
ATOM   574  C C   . ILE A 1 82  ? -10.131 1.578   6.590   1.00 9.19  ? 63  ILE A C   1 
ATOM   575  O O   . ILE A 1 82  ? -9.460  2.558   6.904   1.00 9.84  ? 63  ILE A O   1 
ATOM   576  C CB  . ILE A 1 82  ? -9.141  -0.756  6.746   1.00 10.63 ? 63  ILE A CB  1 
ATOM   577  C CG1 . ILE A 1 82  ? -9.036  -2.003  7.615   1.00 10.25 ? 63  ILE A CG1 1 
ATOM   578  C CG2 . ILE A 1 82  ? -7.766  -0.164  6.514   1.00 10.99 ? 63  ILE A CG2 1 
ATOM   579  C CD1 . ILE A 1 82  ? -8.249  -3.134  6.977   1.00 12.54 ? 63  ILE A CD1 1 
ATOM   580  N N   . VAL A 1 83  ? -10.949 1.589   5.551   1.00 9.36  ? 64  VAL A N   1 
ATOM   581  C CA  . VAL A 1 83  ? -11.203 2.795   4.750   1.00 9.41  ? 64  VAL A CA  1 
ATOM   582  C C   . VAL A 1 83  ? -11.657 3.949   5.644   1.00 9.81  ? 64  VAL A C   1 
ATOM   583  O O   . VAL A 1 83  ? -11.147 5.057   5.545   1.00 9.84  ? 64  VAL A O   1 
ATOM   584  C CB  . VAL A 1 83  ? -12.235 2.501   3.637   1.00 9.72  ? 64  VAL A CB  1 
ATOM   585  C CG1 . VAL A 1 83  ? -12.639 3.748   2.848   1.00 10.85 ? 64  VAL A CG1 1 
ATOM   586  C CG2 . VAL A 1 83  ? -11.687 1.448   2.689   1.00 9.81  ? 64  VAL A CG2 1 
ATOM   587  N N   . SER A 1 84  ? -12.572 3.684   6.565   1.00 10.11 ? 65  SER A N   1 
ATOM   588  C CA  . SER A 1 84  ? -13.064 4.753   7.427   1.00 10.69 ? 65  SER A CA  1 
ATOM   589  C C   . SER A 1 84  ? -12.035 5.180   8.462   1.00 10.87 ? 65  SER A C   1 
ATOM   590  O O   . SER A 1 84  ? -11.879 6.374   8.717   1.00 11.55 ? 65  SER A O   1 
ATOM   591  C CB  . SER A 1 84  ? -14.378 4.347   8.095   1.00 11.76 ? 65  SER A CB  1 
ATOM   592  O OG  . SER A 1 84  ? -14.158 3.351   9.044   1.00 16.41 ? 65  SER A OG  1 
ATOM   593  N N   . LYS A 1 85  ? -11.310 4.245   9.058   1.00 11.05 ? 66  LYS A N   1 
ATOM   594  C CA  . LYS A 1 85  ? -10.306 4.608   10.054  1.00 11.49 ? 66  LYS A CA  1 
ATOM   595  C C   . LYS A 1 85  ? -9.270  5.539   9.434   1.00 11.03 ? 66  LYS A C   1 
ATOM   596  O O   . LYS A 1 85  ? -8.776  6.458   10.082  1.00 11.63 ? 66  LYS A O   1 
ATOM   597  C CB  . LYS A 1 85  ? -9.584  3.376   10.577  1.00 12.02 ? 66  LYS A CB  1 
ATOM   598  C CG  . LYS A 1 85  ? -10.278 2.590   11.684  1.00 14.26 ? 66  LYS A CG  1 
ATOM   599  C CD  . LYS A 1 85  ? -9.299  1.557   12.259  1.00 15.62 ? 66  LYS A CD  1 
ATOM   600  C CE  . LYS A 1 85  ? -9.938  0.700   13.305  1.00 17.34 ? 66  LYS A CE  1 
ATOM   601  N NZ  . LYS A 1 85  ? -10.324 1.456   14.511  1.00 19.58 ? 66  LYS A NZ  1 
ATOM   602  N N   . CYS A 1 86  ? -8.898  5.270   8.177   1.00 9.49  ? 67  CYS A N   1 
ATOM   603  C CA  . CYS A 1 86  ? -7.867  6.036   7.488   1.00 9.65  ? 67  CYS A CA  1 
ATOM   604  C C   . CYS A 1 86  ? -8.403  7.223   6.711   1.00 8.42  ? 67  CYS A C   1 
ATOM   605  O O   . CYS A 1 86  ? -7.652  7.888   6.054   1.00 9.63  ? 67  CYS A O   1 
ATOM   606  C CB  . CYS A 1 86  ? -7.068  5.124   6.535   1.00 8.69  ? 67  CYS A CB  1 
ATOM   607  S SG  . CYS A 1 86  ? -6.132  3.832   7.411   1.00 11.02 ? 67  CYS A SG  1 
ATOM   608  N N   . ARG A 1 87  ? -9.726  7.457   6.763   1.00 9.18  ? 68  ARG A N   1 
ATOM   609  C CA  . ARG A 1 87  ? -10.330 8.572   6.043   1.00 9.47  ? 68  ARG A CA  1 
ATOM   610  C C   . ARG A 1 87  ? -9.942  8.575   4.587   1.00 9.55  ? 68  ARG A C   1 
ATOM   611  O O   . ARG A 1 87  ? -9.582  9.610   4.015   1.00 9.40  ? 68  ARG A O   1 
ATOM   612  C CB  . ARG A 1 87  ? -9.982  9.924   6.689   1.00 10.58 ? 68  ARG A CB  1 
ATOM   613  C CG  . ARG A 1 87  ? -10.434 10.061  8.127   1.00 12.14 ? 68  ARG A CG  1 
ATOM   614  C CD  . ARG A 1 87  ? -10.338 11.487  8.664   1.00 12.83 ? 68  ARG A CD  1 
ATOM   615  N NE  . ARG A 1 87  ? -8.968  11.961  8.742   1.00 14.34 ? 68  ARG A NE  1 
ATOM   616  C CZ  . ARG A 1 87  ? -8.119  11.701  9.734   1.00 14.84 ? 68  ARG A CZ  1 
ATOM   617  N NH1 . ARG A 1 87  ? -8.497  10.991  10.784  1.00 17.69 ? 68  ARG A NH1 1 
ATOM   618  N NH2 . ARG A 1 87  ? -6.893  12.160  9.672   1.00 16.37 ? 68  ARG A NH2 1 
ATOM   619  N N   . VAL A 1 88  ? -10.026 7.412   3.967   1.00 8.49  ? 69  VAL A N   1 
ATOM   620  C CA  . VAL A 1 88  ? -9.812  7.293   2.538   1.00 8.49  ? 69  VAL A CA  1 
ATOM   621  C C   . VAL A 1 88  ? -11.079 7.740   1.801   1.00 8.64  ? 69  VAL A C   1 
ATOM   622  O O   . VAL A 1 88  ? -12.195 7.284   2.105   1.00 9.91  ? 69  VAL A O   1 
ATOM   623  C CB  . VAL A 1 88  ? -9.340  5.860   2.185   1.00 8.08  ? 69  VAL A CB  1 
ATOM   624  C CG1 . VAL A 1 88  ? -9.306  5.650   0.679   1.00 9.59  ? 69  VAL A CG1 1 
ATOM   625  C CG2 . VAL A 1 88  ? -7.970  5.595   2.761   1.00 9.07  ? 69  VAL A CG2 1 
ATOM   626  N N   . LEU A 1 89  ? -10.893 8.649   0.835   1.00 9.12  ? 70  LEU A N   1 
ATOM   627  C CA  . LEU A 1 89  ? -12.007 9.332   0.165   1.00 10.02 ? 70  LEU A CA  1 
ATOM   628  C C   . LEU A 1 89  ? -12.166 8.987   -1.297  1.00 10.65 ? 70  LEU A C   1 
ATOM   629  O O   . LEU A 1 89  ? -13.203 9.277   -1.894  1.00 10.96 ? 70  LEU A O   1 
ATOM   630  C CB  . LEU A 1 89  ? -11.878 10.853  0.319   1.00 10.77 ? 70  LEU A CB  1 
ATOM   631  C CG  . LEU A 1 89  ? -11.669 11.356  1.735   1.00 11.97 ? 70  LEU A CG  1 
ATOM   632  C CD1 . LEU A 1 89  ? -11.574 12.898  1.790   1.00 14.26 ? 70  LEU A CD1 1 
ATOM   633  C CD2 . LEU A 1 89  ? -12.716 10.846  2.750   1.00 13.81 ? 70  LEU A CD2 1 
ATOM   634  N N   . GLN A 1 90  ? -11.152 8.397   -1.898  1.00 10.63 ? 71  GLN A N   1 
ATOM   635  C CA  . GLN A 1 90  ? -11.190 8.043   -3.299  1.00 10.90 ? 71  GLN A CA  1 
ATOM   636  C C   . GLN A 1 90  ? -10.209 6.939   -3.557  1.00 11.40 ? 71  GLN A C   1 
ATOM   637  O O   . GLN A 1 90  ? -9.294  6.692   -2.749  1.00 11.56 ? 71  GLN A O   1 
ATOM   638  C CB  . GLN A 1 90  ? -10.892 9.261   -4.167  1.00 13.06 ? 71  GLN A CB  1 
ATOM   639  C CG  . GLN A 1 90  ? -9.499  9.852   -3.947  1.00 14.98 ? 71  GLN A CG  1 
ATOM   640  C CD  . GLN A 1 90  ? -9.524  11.256  -3.335  1.00 18.87 ? 71  GLN A CD  1 
ATOM   641  O OE1 . GLN A 1 90  ? -9.257  11.432  -2.130  1.00 17.81 ? 71  GLN A OE1 1 
ATOM   642  N NE2 . GLN A 1 90  ? -9.871  12.247  -4.143  1.00 22.48 ? 71  GLN A NE2 1 
ATOM   643  N N   . LEU A 1 91  ? -10.404 6.252   -4.672  1.00 11.64 ? 72  LEU A N   1 
ATOM   644  C CA  . LEU A 1 91  ? -9.590  5.108   -5.039  1.00 12.03 ? 72  LEU A CA  1 
ATOM   645  C C   . LEU A 1 91  ? -8.936  5.320   -6.405  1.00 12.88 ? 72  LEU A C   1 
ATOM   646  O O   . LEU A 1 91  ? -9.551  5.947   -7.294  1.00 14.25 ? 72  LEU A O   1 
ATOM   647  C CB  . LEU A 1 91  ? -10.430 3.835   -5.064  1.00 11.84 ? 72  LEU A CB  1 
ATOM   648  C CG  . LEU A 1 91  ? -11.197 3.506   -3.808  1.00 12.17 ? 72  LEU A CG  1 
ATOM   649  C CD1 . LEU A 1 91  ? -12.041 2.237   -4.048  1.00 14.71 ? 72  LEU A CD1 1 
ATOM   650  C CD2 . LEU A 1 91  ? -10.237 3.298   -2.620  1.00 12.61 ? 72  LEU A CD2 1 
ATOM   651  N N   . PRO A 1 92  ? -7.717  4.838   -6.615  1.00 10.96 ? 73  PRO A N   1 
ATOM   652  C CA  . PRO A 1 92  ? -6.864  4.255   -5.579  1.00 10.64 ? 73  PRO A CA  1 
ATOM   653  C C   . PRO A 1 92  ? -6.275  5.330   -4.690  1.00 9.99  ? 73  PRO A C   1 
ATOM   654  O O   . PRO A 1 92  ? -6.217  6.499   -5.064  1.00 10.18 ? 73  PRO A O   1 
ATOM   655  C CB  . PRO A 1 92  ? -5.760  3.561   -6.390  1.00 11.11 ? 73  PRO A CB  1 
ATOM   656  C CG  . PRO A 1 92  ? -5.658  4.391   -7.633  1.00 10.48 ? 73  PRO A CG  1 
ATOM   657  C CD  . PRO A 1 92  ? -7.039  4.865   -7.927  1.00 11.81 ? 73  PRO A CD  1 
ATOM   658  N N   . THR A 1 93  ? -5.862  4.935   -3.498  1.00 9.39  ? 74  THR A N   1 
ATOM   659  C CA  . THR A 1 93  ? -5.102  5.792   -2.570  1.00 9.41  ? 74  THR A CA  1 
ATOM   660  C C   . THR A 1 93  ? -3.996  4.971   -1.974  1.00 8.92  ? 74  THR A C   1 
ATOM   661  O O   . THR A 1 93  ? -4.177  3.778   -1.726  1.00 8.59  ? 74  THR A O   1 
ATOM   662  C CB  . THR A 1 93  ? -6.034  6.315   -1.456  1.00 9.67  ? 74  THR A CB  1 
ATOM   663  O OG1 . THR A 1 93  ? -6.809  7.423   -1.954  1.00 11.24 ? 74  THR A OG1 1 
ATOM   664  C CG2 . THR A 1 93  ? -5.289  6.889   -0.249  1.00 11.33 ? 74  THR A CG2 1 
ATOM   665  N N   . PHE A 1 94  ? -2.854  5.595   -1.672  1.00 8.69  ? 75  PHE A N   1 
ATOM   666  C CA  . PHE A 1 94  ? -1.712  4.928   -1.059  1.00 7.73  ? 75  PHE A CA  1 
ATOM   667  C C   . PHE A 1 94  ? -1.339  5.655   0.227   1.00 7.97  ? 75  PHE A C   1 
ATOM   668  O O   . PHE A 1 94  ? -1.199  6.864   0.204   1.00 9.23  ? 75  PHE A O   1 
ATOM   669  C CB  . PHE A 1 94  ? -0.528  4.970   -2.009  1.00 8.29  ? 75  PHE A CB  1 
ATOM   670  C CG  . PHE A 1 94  ? -0.824  4.368   -3.328  1.00 9.74  ? 75  PHE A CG  1 
ATOM   671  C CD1 . PHE A 1 94  ? -1.294  5.163   -4.374  1.00 11.18 ? 75  PHE A CD1 1 
ATOM   672  C CD2 . PHE A 1 94  ? -0.693  3.005   -3.546  1.00 8.71  ? 75  PHE A CD2 1 
ATOM   673  C CE1 . PHE A 1 94  ? -1.612  4.595   -5.598  1.00 12.78 ? 75  PHE A CE1 1 
ATOM   674  C CE2 . PHE A 1 94  ? -0.998  2.449   -4.783  1.00 11.27 ? 75  PHE A CE2 1 
ATOM   675  C CZ  . PHE A 1 94  ? -1.451  3.254   -5.795  1.00 11.68 ? 75  PHE A CZ  1 
ATOM   676  N N   . ILE A 1 95  ? -1.170  4.921   1.317   1.00 7.66  ? 76  ILE A N   1 
ATOM   677  C CA  . ILE A 1 95  ? -0.732  5.493   2.587   1.00 8.33  ? 76  ILE A CA  1 
ATOM   678  C C   . ILE A 1 95  ? 0.556   4.798   2.959   1.00 8.68  ? 76  ILE A C   1 
ATOM   679  O O   . ILE A 1 95  ? 0.601   3.569   3.007   1.00 8.91  ? 76  ILE A O   1 
ATOM   680  C CB  . ILE A 1 95  ? -1.765  5.299   3.691   1.00 8.69  ? 76  ILE A CB  1 
ATOM   681  C CG1 . ILE A 1 95  ? -3.100  5.932   3.294   1.00 8.99  ? 76  ILE A CG1 1 
ATOM   682  C CG2 . ILE A 1 95  ? -1.297  5.882   5.028   1.00 9.74  ? 76  ILE A CG2 1 
ATOM   683  C CD1 . ILE A 1 95  ? -4.231  5.785   4.309   1.00 9.99  ? 76  ILE A CD1 1 
ATOM   684  N N   . ILE A 1 96  ? 1.594   5.578   3.246   1.00 9.29  ? 77  ILE A N   1 
ATOM   685  C CA  . ILE A 1 96  ? 2.956   5.072   3.552   1.00 9.31  ? 77  ILE A CA  1 
ATOM   686  C C   . ILE A 1 96  ? 3.187   5.207   5.054   1.00 9.83  ? 77  ILE A C   1 
ATOM   687  O O   . ILE A 1 96  ? 2.907   6.259   5.640   1.00 10.32 ? 77  ILE A O   1 
ATOM   688  C CB  . ILE A 1 96  ? 4.046   5.838   2.787   1.00 9.69  ? 77  ILE A CB  1 
ATOM   689  C CG1 . ILE A 1 96  ? 3.689   5.976   1.308   1.00 11.63 ? 77  ILE A CG1 1 
ATOM   690  C CG2 . ILE A 1 96  ? 5.414   5.174   2.996   1.00 11.35 ? 77  ILE A CG2 1 
ATOM   691  C CD1 . ILE A 1 96  ? 4.614   6.852   0.526   1.00 14.93 ? 77  ILE A CD1 1 
ATOM   692  N N   . ALA A 1 97  ? 3.705   4.153   5.670   1.00 9.98  ? 78  ALA A N   1 
ATOM   693  C CA  . ALA A 1 97  ? 3.939   4.124   7.105   1.00 9.78  ? 78  ALA A CA  1 
ATOM   694  C C   . ALA A 1 97  ? 5.135   3.244   7.428   1.00 10.56 ? 78  ALA A C   1 
ATOM   695  O O   . ALA A 1 97  ? 5.530   2.390   6.625   1.00 11.24 ? 78  ALA A O   1 
ATOM   696  C CB  . ALA A 1 97  ? 2.725   3.607   7.830   1.00 10.90 ? 78  ALA A CB  1 
ATOM   697  N N   . ARG A 1 98  ? 5.697   3.447   8.610   1.00 11.27 ? 79  ARG A N   1 
ATOM   698  C CA  . ARG A 1 98  ? 6.679   2.518   9.165   1.00 12.67 ? 79  ARG A CA  1 
ATOM   699  C C   . ARG A 1 98  ? 6.576   2.585   10.687  1.00 12.59 ? 79  ARG A C   1 
ATOM   700  O O   . ARG A 1 98  ? 6.502   3.668   11.242  1.00 12.67 ? 79  ARG A O   1 
ATOM   701  C CB  . ARG A 1 98  ? 8.080   2.861   8.728   1.00 13.08 ? 79  ARG A CB  1 
ATOM   702  C CG  . ARG A 1 98  ? 9.115   1.862   9.198   1.00 14.68 ? 79  ARG A CG  1 
ATOM   703  C CD  . ARG A 1 98  ? 10.434  1.996   8.495   1.00 16.77 ? 79  ARG A CD  1 
ATOM   704  N NE  . ARG A 1 98  ? 11.300  0.872   8.824   1.00 18.25 ? 79  ARG A NE  1 
ATOM   705  C CZ  . ARG A 1 98  ? 12.336  0.481   8.094   1.00 20.19 ? 79  ARG A CZ  1 
ATOM   706  N NH1 . ARG A 1 98  ? 12.681  1.130   6.989   1.00 21.28 ? 79  ARG A NH1 1 
ATOM   707  N NH2 . ARG A 1 98  ? 13.034  -0.573  8.492   1.00 21.96 ? 79  ARG A NH2 1 
ATOM   708  N N   . SER A 1 99  ? 6.530   1.428   11.341  1.00 13.26 ? 80  SER A N   1 
ATOM   709  C CA  . SER A 1 99  ? 6.508   1.377   12.821  1.00 14.56 ? 80  SER A CA  1 
ATOM   710  C C   . SER A 1 99  ? 5.358   2.197   13.389  1.00 14.37 ? 80  SER A C   1 
ATOM   711  O O   . SER A 1 99  ? 5.473   2.855   14.428  1.00 14.81 ? 80  SER A O   1 
ATOM   712  C CB  . SER A 1 99  ? 7.844   1.876   13.386  1.00 15.51 ? 80  SER A CB  1 
ATOM   713  O OG  . SER A 1 99  ? 8.879   0.987   13.057  1.00 19.74 ? 80  SER A OG  1 
ATOM   714  N N   . GLY A 1 100 ? 4.219   2.149   12.715  1.00 13.66 ? 81  GLY A N   1 
ATOM   715  C CA  . GLY A 1 100 ? 3.026   2.843   13.166  1.00 14.59 ? 81  GLY A CA  1 
ATOM   716  C C   . GLY A 1 100 ? 3.003   4.343   12.880  1.00 14.18 ? 81  GLY A C   1 
ATOM   717  O O   . GLY A 1 100 ? 2.038   5.007   13.270  1.00 15.51 ? 81  GLY A O   1 
ATOM   718  N N   . LYS A 1 101 ? 4.025   4.877   12.224  1.00 13.40 ? 82  LYS A N   1 
ATOM   719  C CA  . LYS A 1 101 ? 4.125   6.311   11.955  1.00 14.43 ? 82  LYS A CA  1 
ATOM   720  C C   . LYS A 1 101 ? 3.683   6.608   10.531  1.00 13.92 ? 82  LYS A C   1 
ATOM   721  O O   . LYS A 1 101 ? 4.151   5.977   9.593   1.00 12.62 ? 82  LYS A O   1 
ATOM   722  C CB  . LYS A 1 101 ? 5.563   6.802   12.167  1.00 15.81 ? 82  LYS A CB  1 
ATOM   723  C CG  . LYS A 1 101 ? 5.876   8.233   11.709  1.00 20.17 ? 82  LYS A CG  1 
ATOM   724  C CD  . LYS A 1 101 ? 7.388   8.540   11.836  1.00 24.67 ? 82  LYS A CD  1 
ATOM   725  C CE  . LYS A 1 101 ? 7.667   10.045  11.716  1.00 27.37 ? 82  LYS A CE  1 
ATOM   726  N NZ  . LYS A 1 101 ? 9.091   10.357  11.373  1.00 31.31 ? 82  LYS A NZ  1 
ATOM   727  N N   . MET A 1 102 ? 2.790   7.576   10.392  1.00 12.88 ? 83  MET A N   1 
ATOM   728  C CA  . MET A 1 102 ? 2.396   8.122   9.093   1.00 12.23 ? 83  MET A CA  1 
ATOM   729  C C   . MET A 1 102 ? 3.574   8.801   8.421   1.00 12.06 ? 83  MET A C   1 
ATOM   730  O O   . MET A 1 102 ? 4.187   9.693   9.005   1.00 13.38 ? 83  MET A O   1 
ATOM   731  C CB  . MET A 1 102 ? 1.260   9.140   9.319   1.00 11.88 ? 83  MET A CB  1 
ATOM   732  C CG  . MET A 1 102 ? 0.843   9.908   8.092   1.00 10.97 ? 83  MET A CG  1 
ATOM   733  S SD  . MET A 1 102 ? 0.170   8.838   6.801   1.00 12.07 ? 83  MET A SD  1 
ATOM   734  C CE  . MET A 1 102 ? -0.414  10.033  5.663   1.00 12.56 ? 83  MET A CE  1 
ATOM   735  N N   . LEU A 1 103 ? 3.898   8.407   7.198   1.00 11.73 ? 84  LEU A N   1 
ATOM   736  C CA  . LEU A 1 103 ? 4.986   9.007   6.451   1.00 12.11 ? 84  LEU A CA  1 
ATOM   737  C C   . LEU A 1 103 ? 4.557   9.751   5.187   1.00 12.20 ? 84  LEU A C   1 
ATOM   738  O O   . LEU A 1 103 ? 5.339   10.496  4.631   1.00 15.13 ? 84  LEU A O   1 
ATOM   739  C CB  . LEU A 1 103 ? 6.011   7.931   6.071   1.00 13.29 ? 84  LEU A CB  1 
ATOM   740  C CG  . LEU A 1 103 ? 6.676   7.184   7.231   1.00 13.56 ? 84  LEU A CG  1 
ATOM   741  C CD1 . LEU A 1 103 ? 7.593   6.099   6.680   1.00 15.32 ? 84  LEU A CD1 1 
ATOM   742  C CD2 . LEU A 1 103 ? 7.474   8.109   8.124   1.00 15.07 ? 84  LEU A CD2 1 
ATOM   743  N N   . GLY A 1 104 ? 3.322   9.551   4.729   1.00 11.07 ? 85  GLY A N   1 
ATOM   744  C CA  . GLY A 1 104 ? 2.856   10.267  3.570   1.00 10.32 ? 85  GLY A CA  1 
ATOM   745  C C   . GLY A 1 104 ? 1.721   9.525   2.907   1.00 9.83  ? 85  GLY A C   1 
ATOM   746  O O   . GLY A 1 104 ? 1.357   8.410   3.290   1.00 9.82  ? 85  GLY A O   1 
ATOM   747  N N   . HIS A 1 105 ? 1.156   10.180  1.916   1.00 9.71  ? 86  HIS A N   1 
ATOM   748  C CA  . HIS A 1 105 ? 0.152   9.577   1.075   1.00 8.56  ? 86  HIS A CA  1 
ATOM   749  C C   . HIS A 1 105 ? 0.263   10.016  -0.376  1.00 8.80  ? 86  HIS A C   1 
ATOM   750  O O   . HIS A 1 105 ? 0.882   11.044  -0.686  1.00 9.97  ? 86  HIS A O   1 
ATOM   751  C CB  . HIS A 1 105 ? -1.255  9.761   1.642   1.00 9.33  ? 86  HIS A CB  1 
ATOM   752  C CG  . HIS A 1 105 ? -1.823  11.151  1.595   1.00 9.39  ? 86  HIS A CG  1 
ATOM   753  N ND1 . HIS A 1 105 ? -2.857  11.511  2.420   1.00 10.64 ? 86  HIS A ND1 1 
ATOM   754  C CD2 . HIS A 1 105 ? -1.595  12.228  0.799   1.00 11.26 ? 86  HIS A CD2 1 
ATOM   755  C CE1 . HIS A 1 105 ? -3.255  12.741  2.138   1.00 12.41 ? 86  HIS A CE1 1 
ATOM   756  N NE2 . HIS A 1 105 ? -2.483  13.214  1.179   1.00 12.43 ? 86  HIS A NE2 1 
ATOM   757  N N   . VAL A 1 106 ? -0.341  9.222   -1.265  1.00 8.44  ? 87  VAL A N   1 
ATOM   758  C CA  . VAL A 1 106 ? -0.479  9.571   -2.672  1.00 8.89  ? 87  VAL A CA  1 
ATOM   759  C C   . VAL A 1 106 ? -1.934  9.299   -3.055  1.00 8.81  ? 87  VAL A C   1 
ATOM   760  O O   . VAL A 1 106 ? -2.423  8.218   -2.822  1.00 8.83  ? 87  VAL A O   1 
ATOM   761  C CB  . VAL A 1 106 ? 0.459   8.728   -3.566  1.00 9.18  ? 87  VAL A CB  1 
ATOM   762  C CG1 . VAL A 1 106 ? 0.170   8.982   -5.037  1.00 10.41 ? 87  VAL A CG1 1 
ATOM   763  C CG2 . VAL A 1 106 ? 1.907   8.998   -3.213  1.00 10.97 ? 87  VAL A CG2 1 
ATOM   764  N N   . ILE A 1 107 ? -2.617  10.294  -3.607  1.00 8.73  ? 88  ILE A N   1 
ATOM   765  C CA  . ILE A 1 107 ? -4.017  10.190  -3.952  1.00 9.17  ? 88  ILE A CA  1 
ATOM   766  C C   . ILE A 1 107 ? -4.154  9.931   -5.435  1.00 10.30 ? 88  ILE A C   1 
ATOM   767  O O   . ILE A 1 107 ? -3.571  10.631  -6.254  1.00 10.98 ? 88  ILE A O   1 
ATOM   768  C CB  . ILE A 1 107 ? -4.774  11.478  -3.554  1.00 8.69  ? 88  ILE A CB  1 
ATOM   769  C CG1 . ILE A 1 107 ? -4.518  11.881  -2.101  1.00 10.52 ? 88  ILE A CG1 1 
ATOM   770  C CG2 . ILE A 1 107 ? -6.247  11.356  -3.855  1.00 8.73  ? 88  ILE A CG2 1 
ATOM   771  C CD1 . ILE A 1 107 ? -4.763  10.814  -1.065  1.00 9.90  ? 88  ILE A CD1 1 
ATOM   772  N N   . GLY A 1 108 ? -4.986  8.950   -5.764  1.00 10.84 ? 89  GLY A N   1 
ATOM   773  C CA  . GLY A 1 108 ? -5.318  8.645   -7.137  1.00 11.57 ? 89  GLY A CA  1 
ATOM   774  C C   . GLY A 1 108 ? -4.258  7.837   -7.871  1.00 11.90 ? 89  GLY A C   1 
ATOM   775  O O   . GLY A 1 108 ? -3.308  7.296   -7.281  1.00 12.41 ? 89  GLY A O   1 
ATOM   776  N N   . ALA A 1 109 ? -4.465  7.695   -9.174  1.00 11.86 ? 90  ALA A N   1 
ATOM   777  C CA  . ALA A 1 109 ? -3.720  6.773   -10.027 1.00 11.93 ? 90  ALA A CA  1 
ATOM   778  C C   . ALA A 1 109 ? -2.405  7.404   -10.434 1.00 12.34 ? 90  ALA A C   1 
ATOM   779  O O   . ALA A 1 109 ? -2.180  7.801   -11.587 1.00 12.73 ? 90  ALA A O   1 
ATOM   780  C CB  . ALA A 1 109 ? -4.562  6.426   -11.244 1.00 13.40 ? 90  ALA A CB  1 
ATOM   781  N N   . ASN A 1 110 ? -1.520  7.507   -9.447  1.00 10.96 ? 91  ASN A N   1 
ATOM   782  C CA  . ASN A 1 110 ? -0.260  8.227   -9.556  1.00 11.33 ? 91  ASN A CA  1 
ATOM   783  C C   . ASN A 1 110 ? 0.927   7.369   -9.082  1.00 10.85 ? 91  ASN A C   1 
ATOM   784  O O   . ASN A 1 110 ? 1.626   7.717   -8.138  1.00 10.75 ? 91  ASN A O   1 
ATOM   785  C CB  . ASN A 1 110 ? -0.346  9.550   -8.789  1.00 11.13 ? 91  ASN A CB  1 
ATOM   786  C CG  . ASN A 1 110 ? -1.209  10.586  -9.515  1.00 10.80 ? 91  ASN A CG  1 
ATOM   787  O OD1 . ASN A 1 110 ? -0.827  11.036  -10.601 1.00 12.28 ? 91  ASN A OD1 1 
ATOM   788  N ND2 . ASN A 1 110 ? -2.400  10.896  -8.986  1.00 11.36 ? 91  ASN A ND2 1 
ATOM   789  N N   . PRO A 1 111 ? 1.156   6.251   -9.750  1.00 12.34 ? 92  PRO A N   1 
ATOM   790  C CA  . PRO A 1 111 ? 2.272   5.382   -9.364  1.00 12.50 ? 92  PRO A CA  1 
ATOM   791  C C   . PRO A 1 111 ? 3.639   6.043   -9.447  1.00 12.37 ? 92  PRO A C   1 
ATOM   792  O O   . PRO A 1 111 ? 4.506   5.730   -8.625  1.00 12.93 ? 92  PRO A O   1 
ATOM   793  C CB  . PRO A 1 111 ? 2.138   4.208   -10.326 1.00 13.70 ? 92  PRO A CB  1 
ATOM   794  C CG  . PRO A 1 111 ? 1.352   4.721   -11.464 1.00 13.98 ? 92  PRO A CG  1 
ATOM   795  C CD  . PRO A 1 111 ? 0.400   5.704   -10.894 1.00 14.07 ? 92  PRO A CD  1 
ATOM   796  N N   . GLY A 1 112 ? 3.853   6.963   -10.385 1.00 11.88 ? 93  GLY A N   1 
ATOM   797  C CA  . GLY A 1 112 ? 5.125   7.657   -10.467 1.00 12.08 ? 93  GLY A CA  1 
ATOM   798  C C   . GLY A 1 112 ? 5.421   8.503   -9.243  1.00 11.57 ? 93  GLY A C   1 
ATOM   799  O O   . GLY A 1 112 ? 6.555   8.636   -8.792  1.00 12.81 ? 93  GLY A O   1 
ATOM   800  N N   . MET A 1 113 ? 4.386   9.167   -8.727  1.00 11.37 ? 94  MET A N   1 
ATOM   801  C CA  . MET A 1 113 ? 4.511   9.928   -7.502  1.00 11.83 ? 94  MET A CA  1 
ATOM   802  C C   . MET A 1 113 ? 4.802   8.995   -6.315  1.00 10.99 ? 94  MET A C   1 
ATOM   803  O O   . MET A 1 113 ? 5.577   9.327   -5.432  1.00 11.67 ? 94  MET A O   1 
ATOM   804  C CB  . MET A 1 113 ? 3.255   10.763  -7.276  1.00 11.72 ? 94  MET A CB  1 
ATOM   805  C CG  . MET A 1 113 ? 3.297   11.564  -6.030  1.00 12.48 ? 94  MET A CG  1 
ATOM   806  S SD  . MET A 1 113 ? 1.872   12.639  -5.783  1.00 16.18 ? 94  MET A SD  1 
ATOM   807  C CE  . MET A 1 113 ? 2.359   14.105  -6.788  1.00 14.20 ? 94  MET A CE  1 
ATOM   808  N N   . LEU A 1 114 ? 4.144   7.837   -6.276  1.00 10.96 ? 95  LEU A N   1 
ATOM   809  C CA  . LEU A 1 114 ? 4.452   6.873   -5.222  1.00 10.83 ? 95  LEU A CA  1 
ATOM   810  C C   . LEU A 1 114 ? 5.919   6.407   -5.286  1.00 10.01 ? 95  LEU A C   1 
ATOM   811  O O   . LEU A 1 114 ? 6.605   6.389   -4.282  1.00 11.15 ? 95  LEU A O   1 
ATOM   812  C CB  . LEU A 1 114 ? 3.508   5.696   -5.313  1.00 10.77 ? 95  LEU A CB  1 
ATOM   813  C CG  . LEU A 1 114 ? 3.783   4.574   -4.314  1.00 11.70 ? 95  LEU A CG  1 
ATOM   814  C CD1 . LEU A 1 114 ? 3.542   5.076   -2.908  1.00 12.65 ? 95  LEU A CD1 1 
ATOM   815  C CD2 . LEU A 1 114 ? 2.939   3.340   -4.664  1.00 12.27 ? 95  LEU A CD2 1 
ATOM   816  N N   . ARG A 1 115 ? 6.395   6.106   -6.491  1.00 10.87 ? 96  ARG A N   1 
ATOM   817  C CA  . ARG A 1 115 ? 7.785   5.690   -6.684  1.00 12.53 ? 96  ARG A CA  1 
ATOM   818  C C   . ARG A 1 115 ? 8.729   6.779   -6.205  1.00 12.13 ? 96  ARG A C   1 
ATOM   819  O O   . ARG A 1 115 ? 9.712   6.520   -5.493  1.00 11.74 ? 96  ARG A O   1 
ATOM   820  C CB  . ARG A 1 115 ? 8.011   5.372   -8.145  1.00 13.51 ? 96  ARG A CB  1 
ATOM   821  C CG  . ARG A 1 115 ? 9.372   4.880   -8.527  1.00 18.55 ? 96  ARG A CG  1 
ATOM   822  C CD  . ARG A 1 115 ? 9.510   4.684   -10.015 1.00 21.56 ? 96  ARG A CD  1 
ATOM   823  N NE  . ARG A 1 115 ? 8.802   3.519   -10.552 1.00 23.92 ? 96  ARG A NE  1 
ATOM   824  C CZ  . ARG A 1 115 ? 9.295   2.271   -10.587 1.00 25.11 ? 96  ARG A CZ  1 
ATOM   825  N NH1 . ARG A 1 115 ? 10.479  2.007   -10.044 1.00 25.77 ? 96  ARG A NH1 1 
ATOM   826  N NH2 . ARG A 1 115 ? 8.598   1.292   -11.164 1.00 26.83 ? 96  ARG A NH2 1 
ATOM   827  N N   . GLN A 1 116 ? 8.442   8.022   -6.570  1.00 12.52 ? 97  GLN A N   1 
ATOM   828  C CA  . GLN A 1 116 ? 9.290   9.136   -6.163  1.00 13.78 ? 97  GLN A CA  1 
ATOM   829  C C   . GLN A 1 116 ? 9.281   9.314   -4.649  1.00 13.49 ? 97  GLN A C   1 
ATOM   830  O O   . GLN A 1 116 ? 10.316  9.524   -4.043  1.00 14.57 ? 97  GLN A O   1 
ATOM   831  C CB  . GLN A 1 116 ? 8.828   10.395  -6.878  1.00 14.44 ? 97  GLN A CB  1 
ATOM   832  C CG  . GLN A 1 116 ? 9.598   11.642  -6.565  1.00 16.59 ? 97  GLN A CG  1 
ATOM   833  C CD  . GLN A 1 116 ? 10.979  11.639  -7.174  1.00 19.34 ? 97  GLN A CD  1 
ATOM   834  O OE1 . GLN A 1 116 ? 11.135  11.445  -8.384  1.00 22.51 ? 97  GLN A OE1 1 
ATOM   835  N NE2 . GLN A 1 116 ? 11.987  11.867  -6.345  1.00 24.52 ? 97  GLN A NE2 1 
ATOM   836  N N   . LYS A 1 117 ? 8.125   9.168   -4.025  1.00 13.69 ? 98  LYS A N   1 
ATOM   837  C CA  . LYS A 1 117 ? 8.017   9.346   -2.600  1.00 14.84 ? 98  LYS A CA  1 
ATOM   838  C C   . LYS A 1 117 ? 8.784   8.257   -1.859  1.00 14.78 ? 98  LYS A C   1 
ATOM   839  O O   . LYS A 1 117 ? 9.506   8.534   -0.909  1.00 15.61 ? 98  LYS A O   1 
ATOM   840  C CB  . LYS A 1 117 ? 6.549   9.359   -2.198  1.00 16.12 ? 98  LYS A CB  1 
ATOM   841  C CG  . LYS A 1 117 ? 6.247   9.856   -0.829  1.00 21.16 ? 98  LYS A CG  1 
ATOM   842  C CD  . LYS A 1 117 ? 4.837   10.505  -0.781  1.00 26.42 ? 98  LYS A CD  1 
ATOM   843  C CE  . LYS A 1 117 ? 4.844   12.026  -1.057  1.00 29.75 ? 98  LYS A CE  1 
ATOM   844  N NZ  . LYS A 1 117 ? 4.407   12.443  -2.447  1.00 33.07 ? 98  LYS A NZ  1 
ATOM   845  N N   . LEU A 1 118 ? 8.689   7.012   -2.316  1.00 13.69 ? 99  LEU A N   1 
ATOM   846  C CA  . LEU A 1 118 ? 9.436   5.900   -1.702  1.00 14.53 ? 99  LEU A CA  1 
ATOM   847  C C   . LEU A 1 118 ? 10.942  6.084   -1.853  1.00 15.60 ? 99  LEU A C   1 
ATOM   848  O O   . LEU A 1 118 ? 11.672  5.871   -0.894  1.00 15.92 ? 99  LEU A O   1 
ATOM   849  C CB  . LEU A 1 118 ? 9.042   4.555   -2.314  1.00 13.74 ? 99  LEU A CB  1 
ATOM   850  C CG  . LEU A 1 118 ? 7.645   4.079   -1.970  1.00 12.64 ? 99  LEU A CG  1 
ATOM   851  C CD1 . LEU A 1 118 ? 7.328   2.849   -2.827  1.00 12.06 ? 99  LEU A CD1 1 
ATOM   852  C CD2 . LEU A 1 118 ? 7.488   3.797   -0.454  1.00 13.42 ? 99  LEU A CD2 1 
ATOM   853  N N   . ARG A 1 119 ? 11.380  6.482   -3.042  1.00 16.94 ? 100 ARG A N   1 
ATOM   854  C CA  . ARG A 1 119 ? 12.807  6.768   -3.300  1.00 19.35 ? 100 ARG A CA  1 
ATOM   855  C C   . ARG A 1 119 ? 13.332  7.780   -2.299  1.00 20.70 ? 100 ARG A C   1 
ATOM   856  O O   . ARG A 1 119 ? 14.426  7.588   -1.726  1.00 22.14 ? 100 ARG A O   1 
ATOM   857  C CB  . ARG A 1 119 ? 12.991  7.366   -4.693  1.00 19.59 ? 100 ARG A CB  1 
ATOM   858  C CG  . ARG A 1 119 ? 13.067  6.363   -5.803  1.00 22.96 ? 100 ARG A CG  1 
ATOM   859  C CD  . ARG A 1 119 ? 13.785  6.876   -7.065  1.00 27.93 ? 100 ARG A CD  1 
ATOM   860  N NE  . ARG A 1 119 ? 13.111  8.009   -7.698  1.00 32.73 ? 100 ARG A NE  1 
ATOM   861  C CZ  . ARG A 1 119 ? 12.210  7.923   -8.678  1.00 35.97 ? 100 ARG A CZ  1 
ATOM   862  N NH1 . ARG A 1 119 ? 11.826  6.752   -9.158  1.00 37.44 ? 100 ARG A NH1 1 
ATOM   863  N NH2 . ARG A 1 119 ? 11.666  9.025   -9.175  1.00 37.12 ? 100 ARG A NH2 1 
ATOM   864  N N   . ASP A 1 120 ? 12.577  8.851   -2.095  1.00 21.73 ? 101 ASP A N   1 
ATOM   865  C CA  . ASP A 1 120 ? 12.989  9.934   -1.196  1.00 23.48 ? 101 ASP A CA  1 
ATOM   866  C C   . ASP A 1 120 ? 12.943  9.573   0.279   1.00 23.75 ? 101 ASP A C   1 
ATOM   867  O O   . ASP A 1 120 ? 13.713  10.112  1.080   1.00 24.59 ? 101 ASP A O   1 
ATOM   868  C CB  . ASP A 1 120 ? 12.161  11.193  -1.436  1.00 23.99 ? 101 ASP A CB  1 
ATOM   869  C CG  . ASP A 1 120 ? 12.435  11.825  -2.805  1.00 27.12 ? 101 ASP A CG  1 
ATOM   870  O OD1 . ASP A 1 120 ? 13.506  11.567  -3.393  1.00 30.30 ? 101 ASP A OD1 1 
ATOM   871  O OD2 . ASP A 1 120 ? 11.629  12.582  -3.370  1.00 30.61 ? 101 ASP A OD2 1 
ATOM   872  N N   . ILE A 1 121 ? 12.071  8.655   0.660   1.00 23.07 ? 102 ILE A N   1 
ATOM   873  C CA  . ILE A 1 121 ? 12.054  8.184   2.039   1.00 22.65 ? 102 ILE A CA  1 
ATOM   874  C C   . ILE A 1 121 ? 13.271  7.295   2.275   1.00 23.58 ? 102 ILE A C   1 
ATOM   875  O O   . ILE A 1 121 ? 13.937  7.396   3.312   1.00 23.98 ? 102 ILE A O   1 
ATOM   876  C CB  . ILE A 1 121 ? 10.736  7.430   2.342   1.00 22.27 ? 102 ILE A CB  1 
ATOM   877  C CG1 . ILE A 1 121 ? 9.574   8.423   2.481   1.00 21.51 ? 102 ILE A CG1 1 
ATOM   878  C CG2 . ILE A 1 121 ? 10.875  6.587   3.610   1.00 21.88 ? 102 ILE A CG2 1 
ATOM   879  C CD1 . ILE A 1 121 ? 8.174   7.780   2.439   1.00 21.48 ? 102 ILE A CD1 1 
ATOM   880  N N   . ILE A 1 122 ? 13.579  6.443   1.313   1.00 23.38 ? 103 ILE A N   1 
ATOM   881  C CA  . ILE A 1 122 ? 14.675  5.495   1.451   1.00 24.88 ? 103 ILE A CA  1 
ATOM   882  C C   . ILE A 1 122 ? 16.037  6.205   1.418   1.00 26.75 ? 103 ILE A C   1 
ATOM   883  O O   . ILE A 1 122 ? 16.957  5.810   2.139   1.00 26.73 ? 103 ILE A O   1 
ATOM   884  C CB  . ILE A 1 122 ? 14.573  4.399   0.376   1.00 24.39 ? 103 ILE A CB  1 
ATOM   885  C CG1 . ILE A 1 122 ? 13.347  3.512   0.668   1.00 22.77 ? 103 ILE A CG1 1 
ATOM   886  C CG2 . ILE A 1 122 ? 15.856  3.538   0.330   1.00 24.61 ? 103 ILE A CG2 1 
ATOM   887  C CD1 . ILE A 1 122 ? 12.941  2.636   -0.481  1.00 21.81 ? 103 ILE A CD1 1 
ATOM   888  N N   . LYS A 1 123 ? 16.148  7.251   0.604   1.00 29.20 ? 104 LYS A N   1 
ATOM   889  C CA  . LYS A 1 123 ? 17.413  7.972   0.413   1.00 31.44 ? 104 LYS A CA  1 
ATOM   890  C C   . LYS A 1 123 ? 17.819  8.687   1.679   1.00 32.96 ? 104 LYS A C   1 
ATOM   891  O O   . LYS A 1 123 ? 18.999  8.666   2.068   1.00 33.83 ? 104 LYS A O   1 
ATOM   892  C CB  . LYS A 1 123 ? 17.291  9.020   -0.700  1.00 31.59 ? 104 LYS A CB  1 
ATOM   893  C CG  . LYS A 1 123 ? 17.750  8.554   -2.053  1.00 33.35 ? 104 LYS A CG  1 
ATOM   894  C CD  . LYS A 1 123 ? 17.275  9.524   -3.139  1.00 35.36 ? 104 LYS A CD  1 
ATOM   895  C CE  . LYS A 1 123 ? 17.634  9.018   -4.516  1.00 36.67 ? 104 LYS A CE  1 
ATOM   896  N NZ  . LYS A 1 123 ? 17.400  10.069  -5.549  1.00 38.35 ? 104 LYS A NZ  1 
ATOM   897  N N   . ASP A 1 124 ? 16.845  9.322   2.319   1.00 34.11 ? 105 ASP A N   1 
ATOM   898  C CA  . ASP A 1 124 ? 17.111  10.221  3.428   1.00 35.60 ? 105 ASP A CA  1 
ATOM   899  C C   . ASP A 1 124 ? 17.040  9.510   4.772   1.00 36.28 ? 105 ASP A C   1 
ATOM   900  O O   . ASP A 1 124 ? 17.405  10.094  5.799   1.00 37.84 ? 105 ASP A O   1 
ATOM   901  C CB  . ASP A 1 124 ? 16.114  11.377  3.398   1.00 35.77 ? 105 ASP A CB  1 
ATOM   902  C CG  . ASP A 1 124 ? 16.087  12.088  2.056   1.00 36.66 ? 105 ASP A CG  1 
ATOM   903  O OD1 . ASP A 1 124 ? 17.153  12.154  1.393   1.00 38.91 ? 105 ASP A OD1 1 
ATOM   904  O OD2 . ASP A 1 124 ? 15.052  12.610  1.584   1.00 38.22 ? 105 ASP A OD2 1 
HETATM 905  O O   . HOH B 2 .   ? -8.321  9.383   -0.421  1.00 9.53  ? 107 HOH A O   1 
HETATM 906  O O   . HOH B 2 .   ? 4.559   -6.879  -0.195  1.00 13.05 ? 108 HOH A O   1 
HETATM 907  O O   . HOH B 2 .   ? -15.379 1.233   1.514   1.00 13.45 ? 109 HOH A O   1 
HETATM 908  O O   . HOH B 2 .   ? -1.285  12.916  -3.843  1.00 12.92 ? 110 HOH A O   1 
HETATM 909  O O   . HOH B 2 .   ? 4.654   -4.240  7.407   1.00 13.63 ? 111 HOH A O   1 
HETATM 910  O O   . HOH B 2 .   ? -8.103  -6.830  0.499   1.00 13.94 ? 112 HOH A O   1 
HETATM 911  O O   . HOH B 2 .   ? 6.848   -7.654  -1.733  1.00 13.62 ? 113 HOH A O   1 
HETATM 912  O O   . HOH B 2 .   ? -16.308 -3.968  4.164   1.00 17.35 ? 114 HOH A O   1 
HETATM 913  O O   . HOH B 2 .   ? 1.925   11.007  -10.916 1.00 18.55 ? 115 HOH A O   1 
HETATM 914  O O   . HOH B 2 .   ? 8.018   -5.483  -2.543  1.00 13.88 ? 116 HOH A O   1 
HETATM 915  O O   . HOH B 2 .   ? 11.609  -1.601  4.884   1.00 17.00 ? 117 HOH A O   1 
HETATM 916  O O   . HOH B 2 .   ? -5.341  10.363  11.597  1.00 15.35 ? 118 HOH A O   1 
HETATM 917  O O   . HOH B 2 .   ? 5.541   -7.737  -8.452  1.00 16.91 ? 119 HOH A O   1 
HETATM 918  O O   . HOH B 2 .   ? 2.180   8.721   -12.015 1.00 18.34 ? 120 HOH A O   1 
HETATM 919  O O   . HOH B 2 .   ? -17.861 0.508   7.758   1.00 19.88 ? 121 HOH A O   1 
HETATM 920  O O   . HOH B 2 .   ? -9.970  -7.575  12.999  1.00 21.54 ? 122 HOH A O   1 
HETATM 921  O O   . HOH B 2 .   ? -13.730 -4.843  -4.903  1.00 20.42 ? 123 HOH A O   1 
HETATM 922  O O   . HOH B 2 .   ? -0.248  -9.985  6.848   1.00 26.40 ? 124 HOH A O   1 
HETATM 923  O O   . HOH B 2 .   ? 1.068   5.024   15.710  1.00 19.14 ? 125 HOH A O   1 
HETATM 924  O O   . HOH B 2 .   ? 17.894  13.636  -0.619  1.00 27.44 ? 126 HOH A O   1 
HETATM 925  O O   . HOH B 2 .   ? -5.583  0.231   -7.855  1.00 20.19 ? 127 HOH A O   1 
HETATM 926  O O   . HOH B 2 .   ? -11.332 -5.558  7.554   1.00 19.73 ? 128 HOH A O   1 
HETATM 927  O O   . HOH B 2 .   ? 13.589  -1.748  -1.944  1.00 24.13 ? 129 HOH A O   1 
HETATM 928  O O   . HOH B 2 .   ? 2.349   -9.001  6.295   1.00 22.94 ? 130 HOH A O   1 
HETATM 929  O O   . HOH B 2 .   ? -12.864 2.248   13.726  1.00 25.75 ? 131 HOH A O   1 
HETATM 930  O O   . HOH B 2 .   ? 8.800   8.123   -10.469 1.00 21.40 ? 132 HOH A O   1 
HETATM 931  O O   . HOH B 2 .   ? 10.219  -10.821 -1.771  1.00 18.12 ? 133 HOH A O   1 
HETATM 932  O O   . HOH B 2 .   ? 2.235   12.941  1.729   1.00 20.27 ? 134 HOH A O   1 
HETATM 933  O O   . HOH B 2 .   ? 1.132   -7.878  -6.536  1.00 20.35 ? 135 HOH A O   1 
HETATM 934  O O   . HOH B 2 .   ? -1.515  -12.237 0.844   1.00 23.53 ? 136 HOH A O   1 
HETATM 935  O O   . HOH B 2 .   ? 12.055  3.791   6.101   1.00 26.00 ? 137 HOH A O   1 
HETATM 936  O O   . HOH B 2 .   ? -12.896 6.750   -5.999  1.00 20.09 ? 138 HOH A O   1 
HETATM 937  O O   . HOH B 2 .   ? -14.782 8.680   -4.060  1.00 22.34 ? 139 HOH A O   1 
HETATM 938  O O   . HOH B 2 .   ? -1.386  -0.386  17.263  1.00 24.75 ? 140 HOH A O   1 
HETATM 939  O O   . HOH B 2 .   ? 5.936   -11.168 5.251   1.00 22.76 ? 141 HOH A O   1 
HETATM 940  O O   . HOH B 2 .   ? -6.704  -7.583  -1.693  1.00 25.85 ? 142 HOH A O   1 
HETATM 941  O O   . HOH B 2 .   ? 5.809   1.139   -12.433 1.00 26.03 ? 143 HOH A O   1 
HETATM 942  O O   . HOH B 2 .   ? 8.629   -5.071  13.439  1.00 27.49 ? 144 HOH A O   1 
HETATM 943  O O   . HOH B 2 .   ? 12.036  -5.335  4.373   1.00 28.58 ? 145 HOH A O   1 
HETATM 944  O O   . HOH B 2 .   ? 6.160   -8.652  -11.047 1.00 20.62 ? 146 HOH A O   1 
HETATM 945  O O   . HOH B 2 .   ? -12.491 7.896   11.000  1.00 31.32 ? 147 HOH A O   1 
HETATM 946  O O   . HOH B 2 .   ? -4.749  -9.288  -4.763  1.00 29.72 ? 148 HOH A O   1 
HETATM 947  O O   . HOH B 2 .   ? -15.876 -2.596  -6.678  1.00 27.66 ? 149 HOH A O   1 
HETATM 948  O O   . HOH B 2 .   ? -16.488 1.815   9.688   1.00 24.85 ? 150 HOH A O   1 
HETATM 949  O O   . HOH B 2 .   ? -10.300 -0.755  16.125  1.00 27.02 ? 151 HOH A O   1 
HETATM 950  O O   . HOH B 2 .   ? -13.498 3.960   11.689  1.00 25.65 ? 152 HOH A O   1 
HETATM 951  O O   . HOH B 2 .   ? 13.147  -7.727  1.176   1.00 26.14 ? 153 HOH A O   1 
HETATM 952  O O   . HOH B 2 .   ? 5.967   -9.293  7.573   1.00 25.67 ? 154 HOH A O   1 
HETATM 953  O O   . HOH B 2 .   ? -10.471 -8.378  0.455   1.00 26.17 ? 155 HOH A O   1 
HETATM 954  O O   . HOH B 2 .   ? -9.317  -5.211  -4.894  1.00 23.85 ? 156 HOH A O   1 
HETATM 955  O O   . HOH B 2 .   ? 0.660   -11.549 -4.275  1.00 26.25 ? 157 HOH A O   1 
HETATM 956  O O   . HOH B 2 .   ? 5.269   3.817   -12.210 1.00 33.35 ? 158 HOH A O   1 
HETATM 957  O O   . HOH B 2 .   ? -2.739  -12.143 3.413   1.00 28.11 ? 159 HOH A O   1 
HETATM 958  O O   . HOH B 2 .   ? 1.428   13.069  -2.613  1.00 27.29 ? 160 HOH A O   1 
HETATM 959  O O   . HOH B 2 .   ? -3.283  -9.894  16.797  1.00 38.97 ? 161 HOH A O   1 
HETATM 960  O O   . HOH B 2 .   ? -8.467  -3.770  -7.148  1.00 29.22 ? 162 HOH A O   1 
HETATM 961  O O   . HOH B 2 .   ? 11.399  5.678   7.758   1.00 41.13 ? 163 HOH A O   1 
HETATM 962  O O   . HOH B 2 .   ? -12.451 -3.265  7.500   1.00 24.30 ? 164 HOH A O   1 
HETATM 963  O O   . HOH B 2 .   ? 20.576  10.538  2.779   1.00 34.51 ? 165 HOH A O   1 
HETATM 964  O O   . HOH B 2 .   ? 13.196  -4.441  -12.441 1.00 30.61 ? 166 HOH A O   1 
HETATM 965  O O   . HOH B 2 .   ? -15.427 -3.997  10.341  1.00 31.13 ? 167 HOH A O   1 
HETATM 966  O O   . HOH B 2 .   ? -1.783  -10.381 11.652  1.00 30.81 ? 168 HOH A O   1 
HETATM 967  O O   . HOH B 2 .   ? 1.065   -9.674  -14.545 1.00 27.44 ? 169 HOH A O   1 
HETATM 968  O O   . HOH B 2 .   ? 3.268   -11.336 4.981   1.00 32.26 ? 170 HOH A O   1 
HETATM 969  O O   . HOH B 2 .   ? 12.864  -10.680 6.947   1.00 35.25 ? 171 HOH A O   1 
HETATM 970  O O   . HOH B 2 .   ? -1.891  6.982   -14.278 1.00 34.01 ? 172 HOH A O   1 
HETATM 971  O O   . HOH B 2 .   ? 3.244   -5.868  14.379  1.00 36.82 ? 173 HOH A O   1 
HETATM 972  O O   . HOH B 2 .   ? -14.435 8.288   7.804   1.00 45.08 ? 174 HOH A O   1 
HETATM 973  O O   . HOH B 2 .   ? -0.897  -9.620  -13.216 1.00 36.30 ? 175 HOH A O   1 
HETATM 974  O O   . HOH B 2 .   ? -15.858 -5.837  6.212   1.00 34.16 ? 176 HOH A O   1 
HETATM 975  O O   . HOH B 2 .   ? 0.019   -9.960  9.828   1.00 39.19 ? 177 HOH A O   1 
HETATM 976  O O   . HOH B 2 .   ? 10.486  -16.988 6.867   1.00 28.73 ? 178 HOH A O   1 
HETATM 977  O O   . HOH B 2 .   ? 12.728  3.957   -8.832  1.00 33.20 ? 179 HOH A O   1 
HETATM 978  O O   . HOH B 2 .   ? -1.343  -6.609  -7.274  1.00 36.45 ? 180 HOH A O   1 
HETATM 979  O O   . HOH B 2 .   ? 16.318  5.756   -2.983  1.00 37.61 ? 181 HOH A O   1 
HETATM 980  O O   . HOH B 2 .   ? 9.398   13.045  -2.956  1.00 37.13 ? 182 HOH A O   1 
HETATM 981  O O   . HOH B 2 .   ? 12.503  -13.081 4.982   1.00 30.53 ? 183 HOH A O   1 
HETATM 982  O O   . HOH B 2 .   ? -14.282 6.450   12.145  1.00 31.38 ? 184 HOH A O   1 
HETATM 983  O O   . HOH B 2 .   ? 7.951   11.151  5.340   1.00 37.46 ? 185 HOH A O   1 
HETATM 984  O O   . HOH B 2 .   ? 11.902  1.305   -13.382 1.00 36.90 ? 186 HOH A O   1 
HETATM 985  O O   . HOH B 2 .   ? -18.095 -4.689  -5.451  1.00 37.37 ? 187 HOH A O   1 
HETATM 986  O O   . HOH B 2 .   ? 4.182   11.407  11.106  1.00 35.77 ? 188 HOH A O   1 
HETATM 987  O O   . HOH B 2 .   ? -14.405 14.837  3.825   1.00 43.10 ? 189 HOH A O   1 
HETATM 988  O O   . HOH B 2 .   ? 18.259  12.032  -6.655  1.00 34.79 ? 190 HOH A O   1 
HETATM 989  O O   . HOH B 2 .   ? 0.645   -13.291 -0.598  1.00 43.48 ? 191 HOH A O   1 
HETATM 990  O O   . HOH B 2 .   ? -8.018  -7.348  -3.902  1.00 41.03 ? 192 HOH A O   1 
HETATM 991  O O   . HOH B 2 .   ? -2.169  -11.587 -3.993  1.00 37.80 ? 193 HOH A O   1 
HETATM 992  O O   . HOH B 2 .   ? 4.174   -5.455  -14.121 1.00 33.45 ? 194 HOH A O   1 
HETATM 993  O O   . HOH B 2 .   ? -14.809 -3.698  7.700   1.00 29.75 ? 195 HOH A O   1 
HETATM 994  O O   . HOH B 2 .   ? -4.559  -13.642 -0.813  1.00 44.76 ? 196 HOH A O   1 
HETATM 995  O O   . HOH B 2 .   ? 8.956   5.193   11.657  1.00 29.85 ? 197 HOH A O   1 
HETATM 996  O O   . HOH B 2 .   ? 5.048   12.836  2.809   1.00 42.43 ? 198 HOH A O   1 
HETATM 997  O O   . HOH B 2 .   ? -2.427  -2.282  -15.410 1.00 28.79 ? 199 HOH A O   1 
HETATM 998  O O   . HOH B 2 .   ? 14.399  0.197   2.326   1.00 33.42 ? 200 HOH A O   1 
HETATM 999  O O   . HOH B 2 .   ? -14.640 -8.465  5.077   1.00 37.27 ? 201 HOH A O   1 
HETATM 1000 O O   . HOH B 2 .   ? 15.400  -2.538  -7.378  1.00 33.36 ? 202 HOH A O   1 
HETATM 1001 O O   . HOH B 2 .   ? -16.028 -0.179  -6.322  1.00 42.62 ? 203 HOH A O   1 
HETATM 1002 O O   . HOH B 2 .   ? 2.579   -14.546 0.757   1.00 36.98 ? 204 HOH A O   1 
HETATM 1003 O O   . HOH B 2 .   ? -0.595  -12.428 5.104   1.00 38.92 ? 205 HOH A O   1 
HETATM 1004 O O   . HOH B 2 .   ? 14.077  -2.171  5.927   1.00 44.96 ? 206 HOH A O   1 
HETATM 1005 O O   . HOH B 2 .   ? 1.568   -12.986 3.611   1.00 49.77 ? 207 HOH A O   1 
HETATM 1006 O O   . HOH B 2 .   ? -15.356 1.856   -7.341  1.00 44.97 ? 208 HOH A O   1 
HETATM 1007 O O   . HOH B 2 .   ? -9.026  8.305   -8.411  1.00 39.10 ? 209 HOH A O   1 
HETATM 1008 O O   . HOH B 2 .   ? -19.186 -3.028  5.856   1.00 35.70 ? 210 HOH A O   1 
HETATM 1009 O O   . HOH B 2 .   ? 6.498   -9.517  3.214   1.00 19.81 ? 211 HOH A O   1 
HETATM 1010 O O   . HOH B 2 .   ? 5.761   -8.449  1.664   1.00 18.00 ? 212 HOH A O   1 
HETATM 1011 O O   . HOH B 2 .   ? -9.715  -2.652  -10.042 1.00 38.47 ? 213 HOH A O   1 
HETATM 1012 O O   . HOH B 2 .   ? 4.728   0.142   8.563   1.00 33.42 ? 214 HOH A O   1 
HETATM 1013 O O   . HOH B 2 .   ? 15.320  13.383  -1.152  1.00 37.10 ? 215 HOH A O   1 
HETATM 1014 O O   . HOH B 2 .   ? 3.838   -1.298  -15.944 1.00 39.65 ? 216 HOH A O   1 
HETATM 1015 O O   . HOH B 2 .   ? 2.066   -17.544 -0.023  1.00 41.77 ? 217 HOH A O   1 
HETATM 1016 O O   . HOH B 2 .   ? -9.688  0.741   -16.372 1.00 42.21 ? 218 HOH A O   1 
HETATM 1017 O O   . HOH B 2 .   ? -12.533 -2.206  15.333  1.00 36.47 ? 219 HOH A O   1 
HETATM 1018 O O   . HOH B 2 .   ? -1.915  -5.643  -9.778  1.00 45.39 ? 220 HOH A O   1 
HETATM 1019 O O   . HOH B 2 .   ? 16.866  -2.928  -5.272  1.00 38.57 ? 221 HOH A O   1 
HETATM 1020 O O   . HOH B 2 .   ? 0.980   -4.675  16.512  1.00 40.43 ? 222 HOH A O   1 
HETATM 1021 O O   . HOH B 2 .   ? -10.158 -6.008  15.206  1.00 36.62 ? 223 HOH A O   1 
HETATM 1022 O O   . HOH B 2 .   ? 12.859  -15.887 7.907   1.00 48.95 ? 224 HOH A O   1 
HETATM 1023 O O   . HOH B 2 .   ? 4.953   0.891   -15.207 1.00 43.38 ? 225 HOH A O   1 
HETATM 1024 O O   . HOH B 2 .   ? -7.947  -4.706  15.769  1.00 45.67 ? 226 HOH A O   1 
HETATM 1025 O O   . HOH B 2 .   ? 13.564  8.737   5.248   1.00 43.75 ? 227 HOH A O   1 
HETATM 1026 O O   . HOH B 2 .   ? 10.917  3.177   12.213  1.00 42.33 ? 228 HOH A O   1 
HETATM 1027 O O   . HOH B 2 .   ? -15.872 0.849   -3.430  1.00 44.32 ? 229 HOH A O   1 
HETATM 1028 O O   . HOH B 2 .   ? -6.345  -7.671  -6.046  1.00 45.00 ? 230 HOH A O   1 
HETATM 1029 O O   . HOH B 2 .   ? -12.641 -1.974  -13.055 1.00 61.08 ? 231 HOH A O   1 
HETATM 1030 O O   . HOH B 2 .   ? -12.621 13.442  5.967   1.00 41.62 ? 232 HOH A O   1 
# 
